data_5X71
#
_entry.id   5X71
#
_cell.length_a   76.814
_cell.length_b   122.631
_cell.length_c   192.262
_cell.angle_alpha   90.00
_cell.angle_beta   90.00
_cell.angle_gamma   90.00
#
_symmetry.space_group_name_H-M   'P 21 21 21'
#
loop_
_entity.id
_entity.type
_entity.pdbx_description
1 polymer 'mRNA capping enzyme P5'
2 non-polymer "GUANOSINE-5'-MONOPHOSPHATE"
#
_entity_poly.entity_id   1
_entity_poly.type   'polypeptide(L)'
_entity_poly.pdbx_seq_one_letter_code
;GGSMSNPDYCIPNFSQTVNERTIIDIFTICRYRSPLVVFCLSHNELAKKYAQDVSMSSGTHVHIIDGSVEITVSLYRTFR
TIATQLLGRMQIVVFVTVDKSVVSTQVMKSIAWAFRGSFVELRNQSVDSSTLVSKLENLVSFAPLYNVPKCGPDYYGPTV
YSELLSLATNARTHWYATIDYSMFTRSVLTGFVAKYFNEEAVPIDKRIVSIVGYNPPYVWTCLRHGIRPTYIEKSLPNPG
GKGPFGLILPVINELVLKSKVKYVMHNPQIKLLCLDTFMLSTSMNILYIGAYPATHLLSLQLNGWTILAFDPKITSDWTD
AMAKATGAKVIGVSKEFDFKSFSVQANQLNMFQNSKLSVIDDTWVETDYEKFQSEKQAYFEWLIDRTSIDVRLISMKWNR
SKDTSVSHLLALLPQPYGASIREMRAFFHKKGASDIKILAAETEKYMDDFTAMSVSDQINTQKFMHCMITTVGDALKMDL
DGGRAVIASYSLSNSSNSKERVLKFLSDANKAKAMVVFGAPNTHRLAYAKKVGLVLDSAIKMSKDLITFSNPTGRRWRDY
GYSQSELYDAGYVEITIDQMVAYSSDVYNGVGYFANSTYNDLFSWYIPKWYVHKRMLMQDIRLSPAALVKCFTTLIRNIC
YVPHETYYRFRGILVDKYLRSKNVDPSQYSIVGSGSKTFTVLSHFEVPHECGPLVFEASTDVNISGHLLSLAIAAHFVAS
PMILWAEQMKYMAVDRMLPPNLDKSLFFDNKVTPSGALQRWHSREEVLLAAEICESYAAMMLNNKHSPDIIGTLKSAINL
VFKI
;
_entity_poly.pdbx_strand_id   A,B
#
loop_
_chem_comp.id
_chem_comp.type
_chem_comp.name
_chem_comp.formula
5GP non-polymer GUANOSINE-5'-MONOPHOSPHATE 'C10 H14 N5 O8 P'
#
# COMPACT_ATOMS: atom_id res chain seq x y z
N PRO A 7 24.66 9.77 1.90
CA PRO A 7 23.89 8.62 2.40
C PRO A 7 22.45 9.00 2.75
N ASP A 8 22.28 9.94 3.69
CA ASP A 8 20.95 10.38 4.07
C ASP A 8 20.26 11.18 2.96
N TYR A 9 21.01 11.65 1.96
CA TYR A 9 20.47 12.48 0.90
C TYR A 9 20.66 11.83 -0.47
N CYS A 10 20.54 10.51 -0.53
CA CYS A 10 20.65 9.78 -1.79
C CYS A 10 19.48 8.81 -1.93
N ILE A 11 19.13 8.51 -3.18
CA ILE A 11 18.20 7.41 -3.45
C ILE A 11 18.89 6.43 -4.37
N PRO A 12 18.65 5.11 -4.22
CA PRO A 12 17.82 4.47 -3.19
C PRO A 12 18.25 4.77 -1.76
N ASN A 13 17.31 4.78 -0.83
CA ASN A 13 17.57 5.19 0.54
C ASN A 13 17.04 4.13 1.49
N PHE A 14 17.95 3.45 2.20
CA PHE A 14 17.58 2.52 3.23
C PHE A 14 17.84 3.06 4.63
N SER A 15 18.59 4.15 4.77
CA SER A 15 19.02 4.60 6.10
C SER A 15 17.92 5.35 6.83
N GLN A 16 17.16 6.19 6.13
CA GLN A 16 16.07 6.93 6.75
C GLN A 16 14.74 6.19 6.68
N THR A 17 14.58 5.28 5.72
CA THR A 17 13.27 4.69 5.45
C THR A 17 13.03 3.36 6.13
N VAL A 18 14.08 2.60 6.45
CA VAL A 18 13.93 1.27 7.04
C VAL A 18 14.55 1.30 8.43
N ASN A 19 13.72 1.51 9.45
CA ASN A 19 14.11 1.42 10.84
C ASN A 19 13.40 0.23 11.49
N GLU A 20 13.54 0.10 12.82
CA GLU A 20 12.82 -0.96 13.51
C GLU A 20 11.32 -0.77 13.37
N ARG A 21 10.87 0.49 13.23
CA ARG A 21 9.44 0.75 13.02
C ARG A 21 8.96 0.23 11.67
N THR A 22 9.77 0.44 10.62
CA THR A 22 9.39 -0.05 9.30
C THR A 22 9.33 -1.57 9.28
N ILE A 23 10.26 -2.24 9.96
CA ILE A 23 10.19 -3.69 10.10
C ILE A 23 8.89 -4.08 10.80
N ILE A 24 8.54 -3.38 11.88
CA ILE A 24 7.27 -3.63 12.57
C ILE A 24 6.11 -3.52 11.60
N ASP A 25 6.09 -2.46 10.79
N ASP A 25 6.08 -2.44 10.81
CA ASP A 25 4.97 -2.24 9.91
CA ASP A 25 4.98 -2.21 9.87
C ASP A 25 4.96 -3.15 8.68
C ASP A 25 4.91 -3.32 8.82
N ILE A 26 6.05 -3.87 8.41
CA ILE A 26 6.02 -4.93 7.41
C ILE A 26 5.39 -6.19 8.00
N PHE A 27 5.75 -6.54 9.23
CA PHE A 27 5.07 -7.61 9.96
C PHE A 27 3.56 -7.36 9.97
N THR A 28 3.17 -6.12 10.31
CA THR A 28 1.76 -5.75 10.36
C THR A 28 1.09 -5.93 9.01
N ILE A 29 1.72 -5.47 7.94
CA ILE A 29 1.19 -5.60 6.58
C ILE A 29 1.04 -7.06 6.19
N CYS A 30 1.85 -7.96 6.77
CA CYS A 30 1.73 -9.37 6.43
C CYS A 30 0.41 -9.98 6.89
N ARG A 31 -0.31 -9.33 7.79
CA ARG A 31 -1.64 -9.82 8.15
C ARG A 31 -2.64 -9.59 7.04
N TYR A 32 -2.27 -8.87 5.99
CA TYR A 32 -3.16 -8.50 4.91
C TYR A 32 -2.72 -9.09 3.56
N ARG A 33 -1.84 -10.09 3.58
CA ARG A 33 -1.20 -10.58 2.36
C ARG A 33 -2.08 -11.53 1.55
N SER A 34 -3.39 -11.50 1.71
CA SER A 34 -4.30 -12.34 0.93
C SER A 34 -5.46 -11.48 0.40
N PRO A 35 -5.18 -10.54 -0.48
CA PRO A 35 -6.24 -9.65 -0.99
C PRO A 35 -6.94 -10.15 -2.26
N LEU A 36 -6.66 -11.37 -2.72
CA LEU A 36 -7.12 -11.82 -4.03
C LEU A 36 -8.47 -12.50 -3.95
N VAL A 37 -9.33 -12.17 -4.92
CA VAL A 37 -10.55 -12.92 -5.20
C VAL A 37 -10.53 -13.31 -6.67
N VAL A 38 -10.77 -14.60 -6.95
CA VAL A 38 -10.90 -15.09 -8.32
C VAL A 38 -12.36 -15.48 -8.54
N PHE A 39 -13.00 -14.81 -9.49
CA PHE A 39 -14.44 -14.91 -9.72
C PHE A 39 -14.66 -15.40 -11.16
N CYS A 40 -15.23 -16.60 -11.30
CA CYS A 40 -15.46 -17.20 -12.61
C CYS A 40 -16.93 -17.08 -12.98
N LEU A 41 -17.20 -16.43 -14.12
CA LEU A 41 -18.57 -16.31 -14.62
C LEU A 41 -18.51 -16.26 -16.14
N SER A 42 -19.67 -16.43 -16.78
CA SER A 42 -19.72 -16.64 -18.22
C SER A 42 -20.32 -15.47 -18.99
N HIS A 43 -20.39 -14.28 -18.38
CA HIS A 43 -21.04 -13.13 -18.99
C HIS A 43 -20.14 -11.91 -18.85
N ASN A 44 -19.53 -11.49 -19.96
CA ASN A 44 -18.43 -10.54 -19.89
C ASN A 44 -18.89 -9.12 -19.62
N GLU A 45 -20.03 -8.71 -20.19
CA GLU A 45 -20.53 -7.36 -19.92
C GLU A 45 -20.92 -7.20 -18.45
N LEU A 46 -21.46 -8.26 -17.85
CA LEU A 46 -21.74 -8.23 -16.43
C LEU A 46 -20.45 -8.15 -15.61
N ALA A 47 -19.41 -8.83 -16.07
CA ALA A 47 -18.11 -8.73 -15.41
C ALA A 47 -17.55 -7.32 -15.51
N LYS A 48 -17.62 -6.71 -16.70
CA LYS A 48 -17.10 -5.36 -16.86
C LYS A 48 -17.85 -4.36 -15.99
N LYS A 49 -19.14 -4.59 -15.76
CA LYS A 49 -19.94 -3.64 -14.99
C LYS A 49 -19.53 -3.63 -13.51
N TYR A 50 -19.43 -4.81 -12.90
CA TYR A 50 -19.05 -4.88 -11.49
C TYR A 50 -17.55 -4.63 -11.27
N ALA A 51 -16.71 -4.96 -12.25
CA ALA A 51 -15.30 -4.58 -12.18
C ALA A 51 -15.16 -3.07 -12.05
N GLN A 52 -15.87 -2.31 -12.89
CA GLN A 52 -15.80 -0.86 -12.79
C GLN A 52 -16.47 -0.36 -11.50
N ASP A 53 -17.51 -1.05 -11.04
CA ASP A 53 -18.21 -0.60 -9.85
C ASP A 53 -17.35 -0.73 -8.61
N VAL A 54 -16.67 -1.87 -8.46
CA VAL A 54 -15.89 -2.07 -7.24
C VAL A 54 -14.58 -1.29 -7.29
N SER A 55 -14.03 -1.02 -8.48
CA SER A 55 -12.81 -0.22 -8.55
C SER A 55 -13.12 1.26 -8.32
N MET A 56 -14.22 1.78 -8.89
CA MET A 56 -14.55 3.19 -8.70
C MET A 56 -14.87 3.49 -7.24
N SER A 57 -15.48 2.55 -6.52
CA SER A 57 -15.96 2.82 -5.17
C SER A 57 -14.93 2.55 -4.10
N SER A 58 -14.07 1.55 -4.28
CA SER A 58 -13.12 1.15 -3.24
C SER A 58 -11.68 1.03 -3.72
N GLY A 59 -11.39 1.25 -5.00
CA GLY A 59 -10.04 1.15 -5.48
C GLY A 59 -9.52 -0.26 -5.66
N THR A 60 -10.42 -1.26 -5.64
CA THR A 60 -10.03 -2.63 -5.95
C THR A 60 -9.40 -2.70 -7.34
N HIS A 61 -8.23 -3.32 -7.41
CA HIS A 61 -7.60 -3.61 -8.70
C HIS A 61 -8.29 -4.83 -9.32
N VAL A 62 -8.78 -4.67 -10.55
CA VAL A 62 -9.55 -5.72 -11.21
C VAL A 62 -8.88 -6.09 -12.54
N HIS A 63 -8.87 -7.38 -12.84
CA HIS A 63 -8.42 -7.91 -14.12
C HIS A 63 -9.53 -8.78 -14.70
N ILE A 64 -9.62 -8.83 -16.03
CA ILE A 64 -10.61 -9.68 -16.70
C ILE A 64 -9.89 -10.55 -17.71
N ILE A 65 -10.02 -11.85 -17.57
CA ILE A 65 -9.45 -12.81 -18.52
C ILE A 65 -10.60 -13.21 -19.44
N ASP A 66 -10.75 -12.46 -20.55
CA ASP A 66 -11.93 -12.54 -21.41
C ASP A 66 -11.77 -13.48 -22.58
N GLY A 67 -10.56 -13.89 -22.93
CA GLY A 67 -10.34 -14.74 -24.08
C GLY A 67 -9.80 -14.03 -25.30
N SER A 68 -9.72 -12.70 -25.28
CA SER A 68 -9.07 -11.97 -26.36
C SER A 68 -7.56 -12.24 -26.42
N VAL A 69 -7.01 -12.94 -25.44
CA VAL A 69 -5.62 -13.36 -25.44
C VAL A 69 -5.59 -14.83 -25.06
N GLU A 70 -4.63 -15.56 -25.61
CA GLU A 70 -4.49 -16.97 -25.28
C GLU A 70 -4.35 -17.16 -23.78
N ILE A 71 -4.89 -18.27 -23.27
CA ILE A 71 -5.10 -18.41 -21.83
C ILE A 71 -3.77 -18.50 -21.08
N THR A 72 -2.82 -19.27 -21.61
CA THR A 72 -1.52 -19.39 -20.96
C THR A 72 -0.86 -18.03 -20.82
N VAL A 73 -0.92 -17.21 -21.88
CA VAL A 73 -0.37 -15.87 -21.81
C VAL A 73 -1.20 -14.99 -20.89
N SER A 74 -2.53 -15.13 -20.94
CA SER A 74 -3.39 -14.35 -20.06
C SER A 74 -3.11 -14.62 -18.59
N LEU A 75 -2.88 -15.90 -18.24
CA LEU A 75 -2.56 -16.22 -16.87
C LEU A 75 -1.20 -15.68 -16.48
N TYR A 76 -0.21 -15.84 -17.36
CA TYR A 76 1.16 -15.43 -17.04
C TYR A 76 1.24 -13.92 -16.79
N ARG A 77 0.55 -13.12 -17.59
CA ARG A 77 0.60 -11.68 -17.41
C ARG A 77 -0.16 -11.25 -16.16
N THR A 78 -1.36 -11.79 -15.96
CA THR A 78 -2.19 -11.38 -14.82
C THR A 78 -1.50 -11.70 -13.50
N PHE A 79 -1.04 -12.94 -13.34
CA PHE A 79 -0.55 -13.37 -12.04
C PHE A 79 0.93 -13.05 -11.82
N ARG A 80 1.66 -12.63 -12.85
CA ARG A 80 2.97 -12.05 -12.58
C ARG A 80 2.82 -10.61 -12.08
N THR A 81 1.80 -9.89 -12.57
CA THR A 81 1.47 -8.58 -12.03
C THR A 81 1.03 -8.68 -10.58
N ILE A 82 0.03 -9.53 -10.31
CA ILE A 82 -0.57 -9.65 -8.99
C ILE A 82 0.44 -10.10 -7.94
N ALA A 83 1.41 -10.93 -8.33
CA ALA A 83 2.38 -11.45 -7.37
C ALA A 83 3.18 -10.34 -6.70
N THR A 84 3.32 -9.19 -7.36
CA THR A 84 4.06 -8.06 -6.80
C THR A 84 3.21 -7.14 -5.96
N GLN A 85 1.89 -7.26 -6.03
CA GLN A 85 0.98 -6.35 -5.36
C GLN A 85 0.36 -6.95 -4.11
N LEU A 86 0.81 -8.13 -3.69
CA LEU A 86 0.12 -8.86 -2.63
C LEU A 86 0.32 -8.24 -1.24
N LEU A 87 1.28 -7.34 -1.08
CA LEU A 87 1.43 -6.59 0.16
C LEU A 87 1.00 -5.14 0.01
N GLY A 88 0.24 -4.83 -1.05
CA GLY A 88 -0.24 -3.49 -1.28
C GLY A 88 -1.43 -3.09 -0.44
N ARG A 89 -1.99 -4.03 0.32
CA ARG A 89 -3.11 -3.77 1.24
C ARG A 89 -4.34 -3.24 0.51
N MET A 90 -4.58 -3.77 -0.69
CA MET A 90 -5.75 -3.42 -1.46
C MET A 90 -6.28 -4.68 -2.12
N GLN A 91 -7.61 -4.74 -2.27
CA GLN A 91 -8.22 -5.91 -2.85
C GLN A 91 -7.84 -6.07 -4.32
N ILE A 92 -7.64 -7.31 -4.75
CA ILE A 92 -7.42 -7.64 -6.15
C ILE A 92 -8.48 -8.66 -6.57
N VAL A 93 -9.09 -8.43 -7.74
CA VAL A 93 -10.16 -9.29 -8.25
C VAL A 93 -9.86 -9.65 -9.68
N VAL A 94 -9.76 -10.96 -9.96
CA VAL A 94 -9.60 -11.48 -11.32
C VAL A 94 -10.92 -12.10 -11.72
N PHE A 95 -11.60 -11.49 -12.70
CA PHE A 95 -12.76 -12.10 -13.32
C PHE A 95 -12.31 -13.03 -14.43
N VAL A 96 -12.82 -14.26 -14.41
CA VAL A 96 -12.47 -15.27 -15.40
C VAL A 96 -13.74 -15.60 -16.19
N THR A 97 -13.77 -15.20 -17.45
CA THR A 97 -14.97 -15.36 -18.27
C THR A 97 -14.82 -16.39 -19.38
N VAL A 98 -13.63 -16.95 -19.61
CA VAL A 98 -13.50 -18.00 -20.61
C VAL A 98 -14.19 -19.27 -20.12
N ASP A 99 -14.55 -20.13 -21.09
CA ASP A 99 -15.29 -21.35 -20.80
C ASP A 99 -14.44 -22.32 -19.97
N LYS A 100 -15.12 -23.32 -19.39
CA LYS A 100 -14.41 -24.36 -18.64
C LYS A 100 -13.56 -25.25 -19.55
N SER A 101 -13.85 -25.26 -20.86
CA SER A 101 -13.00 -26.01 -21.79
C SER A 101 -11.64 -25.34 -21.97
N VAL A 102 -11.55 -24.03 -21.73
CA VAL A 102 -10.26 -23.33 -21.88
C VAL A 102 -9.42 -23.46 -20.62
N VAL A 103 -9.99 -23.17 -19.45
CA VAL A 103 -9.33 -23.42 -18.17
C VAL A 103 -10.35 -24.03 -17.23
N SER A 104 -10.04 -25.19 -16.68
CA SER A 104 -11.00 -25.96 -15.91
C SER A 104 -11.18 -25.37 -14.51
N THR A 105 -12.27 -25.80 -13.85
CA THR A 105 -12.58 -25.36 -12.51
C THR A 105 -11.47 -25.76 -11.53
N GLN A 106 -10.96 -26.98 -11.63
CA GLN A 106 -9.96 -27.43 -10.68
C GLN A 106 -8.62 -26.74 -10.91
N VAL A 107 -8.30 -26.39 -12.15
CA VAL A 107 -7.06 -25.69 -12.42
C VAL A 107 -7.15 -24.25 -11.93
N MET A 108 -8.27 -23.58 -12.21
CA MET A 108 -8.43 -22.21 -11.76
C MET A 108 -8.47 -22.13 -10.23
N LYS A 109 -9.00 -23.16 -9.59
CA LYS A 109 -8.99 -23.21 -8.13
C LYS A 109 -7.57 -23.40 -7.59
N SER A 110 -6.75 -24.22 -8.27
CA SER A 110 -5.36 -24.36 -7.85
C SER A 110 -4.61 -23.05 -7.98
N ILE A 111 -4.84 -22.30 -9.06
CA ILE A 111 -4.16 -21.03 -9.27
C ILE A 111 -4.57 -20.03 -8.21
N ALA A 112 -5.87 -19.91 -7.96
CA ALA A 112 -6.38 -18.94 -6.99
C ALA A 112 -5.82 -19.20 -5.60
N TRP A 113 -5.81 -20.46 -5.18
CA TRP A 113 -5.33 -20.78 -3.85
C TRP A 113 -3.81 -20.68 -3.72
N ALA A 114 -3.07 -20.90 -4.82
CA ALA A 114 -1.63 -20.67 -4.78
C ALA A 114 -1.29 -19.20 -4.53
N PHE A 115 -2.22 -18.30 -4.83
CA PHE A 115 -2.07 -16.88 -4.54
C PHE A 115 -2.94 -16.46 -3.37
N ARG A 116 -3.28 -17.41 -2.48
CA ARG A 116 -3.97 -17.14 -1.22
C ARG A 116 -5.30 -16.44 -1.43
N GLY A 117 -5.98 -16.76 -2.53
CA GLY A 117 -7.21 -16.09 -2.88
C GLY A 117 -8.46 -16.88 -2.53
N SER A 118 -9.58 -16.18 -2.50
CA SER A 118 -10.87 -16.85 -2.51
C SER A 118 -11.24 -17.20 -3.94
N PHE A 119 -12.00 -18.28 -4.09
CA PHE A 119 -12.35 -18.80 -5.40
C PHE A 119 -13.86 -18.95 -5.50
N VAL A 120 -14.44 -18.39 -6.56
CA VAL A 120 -15.87 -18.44 -6.80
C VAL A 120 -16.09 -18.94 -8.22
N GLU A 121 -16.78 -20.07 -8.36
CA GLU A 121 -17.05 -20.69 -9.65
C GLU A 121 -18.54 -20.61 -9.93
N LEU A 122 -18.90 -19.87 -10.99
CA LEU A 122 -20.29 -19.67 -11.37
C LEU A 122 -20.46 -19.59 -12.87
N ARG A 123 -19.65 -20.32 -13.63
CA ARG A 123 -19.69 -20.21 -15.09
C ARG A 123 -20.87 -20.93 -15.74
N ASN A 124 -21.65 -21.70 -14.98
CA ASN A 124 -22.87 -22.32 -15.51
C ASN A 124 -24.11 -21.45 -15.31
N GLN A 125 -24.03 -20.40 -14.51
CA GLN A 125 -25.20 -19.60 -14.20
C GLN A 125 -25.51 -18.63 -15.34
N SER A 126 -26.79 -18.50 -15.65
CA SER A 126 -27.22 -17.55 -16.66
C SER A 126 -27.07 -16.12 -16.14
N VAL A 127 -27.23 -15.16 -17.06
CA VAL A 127 -26.85 -13.79 -16.79
C VAL A 127 -27.63 -13.16 -15.64
N ASP A 128 -28.83 -13.65 -15.35
CA ASP A 128 -29.67 -13.07 -14.32
C ASP A 128 -29.99 -14.07 -13.22
N SER A 129 -29.05 -14.93 -12.90
CA SER A 129 -29.18 -15.81 -11.74
C SER A 129 -29.21 -15.00 -10.45
N SER A 130 -30.01 -15.48 -9.49
CA SER A 130 -29.99 -14.88 -8.17
C SER A 130 -28.63 -15.07 -7.51
N THR A 131 -28.07 -16.27 -7.61
CA THR A 131 -26.74 -16.54 -7.06
C THR A 131 -25.72 -15.57 -7.64
N LEU A 132 -25.71 -15.41 -8.96
CA LEU A 132 -24.63 -14.70 -9.64
C LEU A 132 -24.66 -13.21 -9.32
N VAL A 133 -25.83 -12.58 -9.44
CA VAL A 133 -25.94 -11.16 -9.16
C VAL A 133 -25.65 -10.87 -7.69
N SER A 134 -26.13 -11.74 -6.80
CA SER A 134 -25.93 -11.54 -5.36
C SER A 134 -24.45 -11.61 -4.99
N LYS A 135 -23.74 -12.62 -5.49
CA LYS A 135 -22.33 -12.75 -5.19
C LYS A 135 -21.48 -11.69 -5.88
N LEU A 136 -21.95 -11.16 -7.01
CA LEU A 136 -21.28 -10.03 -7.65
C LEU A 136 -21.55 -8.74 -6.88
N GLU A 137 -22.78 -8.52 -6.42
CA GLU A 137 -23.06 -7.32 -5.64
C GLU A 137 -22.33 -7.34 -4.30
N ASN A 138 -22.12 -8.52 -3.75
CA ASN A 138 -21.33 -8.63 -2.53
C ASN A 138 -19.92 -8.04 -2.71
N LEU A 139 -19.34 -8.18 -3.90
CA LEU A 139 -18.02 -7.58 -4.16
C LEU A 139 -18.02 -6.09 -3.87
N VAL A 140 -19.04 -5.38 -4.34
CA VAL A 140 -19.11 -3.95 -4.13
C VAL A 140 -19.44 -3.64 -2.67
N SER A 141 -20.35 -4.42 -2.07
CA SER A 141 -20.79 -4.11 -0.72
C SER A 141 -19.69 -4.32 0.31
N PHE A 142 -18.86 -5.34 0.13
CA PHE A 142 -17.93 -5.76 1.16
C PHE A 142 -16.50 -5.27 0.96
N ALA A 143 -16.16 -4.76 -0.23
CA ALA A 143 -14.79 -4.41 -0.53
C ALA A 143 -14.26 -3.41 0.50
N PRO A 144 -13.00 -3.54 0.94
CA PRO A 144 -11.96 -4.48 0.47
C PRO A 144 -12.10 -5.92 0.98
N LEU A 145 -13.10 -6.19 1.82
CA LEU A 145 -13.35 -7.53 2.31
C LEU A 145 -14.22 -8.30 1.31
N TYR A 146 -14.33 -9.62 1.55
CA TYR A 146 -15.24 -10.47 0.80
C TYR A 146 -15.66 -11.63 1.69
N ASN A 147 -16.88 -12.13 1.44
CA ASN A 147 -17.49 -13.13 2.32
C ASN A 147 -17.25 -14.57 1.87
N VAL A 148 -16.51 -14.79 0.80
CA VAL A 148 -16.07 -16.13 0.39
C VAL A 148 -14.67 -16.34 0.95
N PRO A 149 -14.44 -17.39 1.75
CA PRO A 149 -13.14 -17.55 2.40
C PRO A 149 -12.02 -17.76 1.40
N LYS A 150 -10.81 -17.43 1.84
CA LYS A 150 -9.60 -17.66 1.06
C LYS A 150 -9.12 -19.09 1.28
N CYS A 151 -8.74 -19.78 0.19
CA CYS A 151 -8.18 -21.13 0.26
C CYS A 151 -9.15 -22.12 0.90
N GLY A 152 -10.42 -22.02 0.53
CA GLY A 152 -11.44 -22.90 1.07
C GLY A 152 -12.84 -22.36 0.84
N PRO A 153 -13.72 -23.21 0.34
CA PRO A 153 -15.09 -22.75 0.01
C PRO A 153 -15.96 -22.52 1.24
N ASP A 154 -15.69 -23.24 2.33
CA ASP A 154 -16.55 -23.24 3.51
C ASP A 154 -15.90 -22.53 4.68
N TYR A 155 -16.74 -22.11 5.62
CA TYR A 155 -16.32 -21.46 6.86
C TYR A 155 -17.47 -21.54 7.85
N TYR A 156 -17.14 -21.84 9.11
CA TYR A 156 -18.17 -22.02 10.13
C TYR A 156 -17.86 -21.27 11.43
N GLY A 157 -16.88 -20.37 11.43
CA GLY A 157 -16.56 -19.61 12.61
C GLY A 157 -17.57 -18.50 12.89
N PRO A 158 -17.25 -17.64 13.88
CA PRO A 158 -18.24 -16.63 14.31
C PRO A 158 -18.32 -15.40 13.43
N THR A 159 -17.43 -15.26 12.45
CA THR A 159 -17.49 -14.11 11.54
C THR A 159 -18.67 -14.29 10.59
N VAL A 160 -19.67 -13.42 10.73
CA VAL A 160 -20.89 -13.46 9.92
C VAL A 160 -20.98 -12.16 9.13
N TYR A 161 -20.74 -12.26 7.82
CA TYR A 161 -20.56 -11.05 7.01
C TYR A 161 -21.85 -10.25 6.88
N SER A 162 -23.01 -10.91 6.91
CA SER A 162 -24.26 -10.18 6.80
C SER A 162 -24.44 -9.21 7.96
N GLU A 163 -23.84 -9.50 9.12
CA GLU A 163 -23.92 -8.60 10.26
C GLU A 163 -23.24 -7.25 9.99
N LEU A 164 -22.29 -7.22 9.05
CA LEU A 164 -21.60 -5.97 8.74
C LEU A 164 -22.49 -4.95 8.03
N LEU A 165 -23.65 -5.37 7.51
CA LEU A 165 -24.57 -4.49 6.81
C LEU A 165 -25.82 -4.16 7.60
N SER A 166 -25.97 -4.71 8.80
CA SER A 166 -27.19 -4.52 9.59
C SER A 166 -26.96 -3.48 10.67
N LEU A 167 -27.90 -2.53 10.77
CA LEU A 167 -27.85 -1.55 11.84
C LEU A 167 -28.17 -2.17 13.19
N ALA A 168 -28.95 -3.25 13.21
CA ALA A 168 -29.27 -3.92 14.47
C ALA A 168 -28.02 -4.43 15.17
N THR A 169 -27.00 -4.81 14.41
CA THR A 169 -25.72 -5.27 14.96
C THR A 169 -24.71 -4.13 15.11
N ASN A 170 -25.09 -2.91 14.72
CA ASN A 170 -24.17 -1.77 14.64
C ASN A 170 -23.10 -2.01 13.57
N ALA A 171 -23.46 -2.77 12.53
CA ALA A 171 -22.60 -2.95 11.37
C ALA A 171 -21.23 -3.52 11.78
N ARG A 172 -21.26 -4.48 12.69
CA ARG A 172 -20.05 -5.12 13.19
C ARG A 172 -20.25 -6.63 13.21
N THR A 173 -19.13 -7.35 13.25
CA THR A 173 -19.16 -8.78 13.39
C THR A 173 -17.90 -9.22 14.11
N HIS A 174 -17.88 -10.48 14.52
CA HIS A 174 -16.75 -11.01 15.27
C HIS A 174 -15.58 -11.30 14.33
N TRP A 175 -14.39 -11.45 14.94
CA TRP A 175 -13.15 -11.53 14.18
C TRP A 175 -12.09 -12.15 15.09
N TYR A 176 -11.86 -13.44 14.94
CA TYR A 176 -10.84 -14.17 15.69
C TYR A 176 -9.84 -14.71 14.69
N ALA A 177 -8.92 -13.85 14.26
CA ALA A 177 -7.99 -14.23 13.19
C ALA A 177 -7.14 -15.41 13.59
N THR A 178 -6.62 -15.41 14.82
CA THR A 178 -5.67 -16.44 15.22
C THR A 178 -6.36 -17.79 15.37
N ILE A 179 -7.53 -17.82 16.02
CA ILE A 179 -8.27 -19.07 16.17
C ILE A 179 -8.69 -19.60 14.80
N ASP A 180 -9.21 -18.71 13.95
CA ASP A 180 -9.69 -19.14 12.63
C ASP A 180 -8.54 -19.65 11.77
N TYR A 181 -7.37 -19.00 11.83
CA TYR A 181 -6.25 -19.50 11.05
C TYR A 181 -5.71 -20.78 11.64
N SER A 182 -5.87 -21.00 12.94
CA SER A 182 -5.52 -22.28 13.52
C SER A 182 -6.47 -23.35 13.03
N MET A 183 -7.76 -23.03 12.91
CA MET A 183 -8.71 -23.97 12.34
C MET A 183 -8.38 -24.26 10.88
N PHE A 184 -8.06 -23.23 10.11
CA PHE A 184 -7.69 -23.43 8.72
C PHE A 184 -6.44 -24.32 8.61
N THR A 185 -5.49 -24.18 9.53
CA THR A 185 -4.27 -24.97 9.47
C THR A 185 -4.53 -26.45 9.76
N ARG A 186 -5.35 -26.75 10.76
CA ARG A 186 -5.72 -28.14 11.02
C ARG A 186 -6.43 -28.73 9.82
N SER A 187 -7.27 -27.94 9.18
CA SER A 187 -7.99 -28.37 7.99
C SER A 187 -7.03 -28.71 6.84
N VAL A 188 -6.04 -27.83 6.61
CA VAL A 188 -5.11 -28.03 5.50
C VAL A 188 -4.21 -29.23 5.76
N LEU A 189 -3.71 -29.37 6.99
CA LEU A 189 -2.87 -30.52 7.32
C LEU A 189 -3.62 -31.82 7.08
N THR A 190 -4.91 -31.85 7.42
CA THR A 190 -5.74 -33.02 7.12
C THR A 190 -5.86 -33.23 5.63
N GLY A 191 -6.12 -32.15 4.88
CA GLY A 191 -6.26 -32.28 3.44
C GLY A 191 -4.99 -32.74 2.75
N PHE A 192 -3.84 -32.33 3.28
CA PHE A 192 -2.58 -32.79 2.72
C PHE A 192 -2.40 -34.29 2.95
N VAL A 193 -2.78 -34.78 4.13
CA VAL A 193 -2.75 -36.22 4.37
C VAL A 193 -3.73 -36.94 3.43
N ALA A 194 -4.91 -36.33 3.20
CA ALA A 194 -5.85 -36.90 2.23
C ALA A 194 -5.24 -36.97 0.84
N LYS A 195 -4.54 -35.92 0.42
CA LYS A 195 -3.90 -35.94 -0.88
C LYS A 195 -2.81 -37.00 -0.95
N TYR A 196 -2.05 -37.15 0.14
CA TYR A 196 -1.03 -38.18 0.21
C TYR A 196 -1.63 -39.58 0.10
N PHE A 197 -2.83 -39.78 0.64
CA PHE A 197 -3.46 -41.10 0.56
C PHE A 197 -3.88 -41.43 -0.86
N ASN A 198 -4.37 -40.44 -1.61
CA ASN A 198 -4.75 -40.69 -3.00
C ASN A 198 -3.54 -40.91 -3.88
N GLU A 199 -2.50 -40.09 -3.71
CA GLU A 199 -1.32 -40.15 -4.56
C GLU A 199 -0.50 -41.41 -4.32
N GLU A 200 -0.62 -42.04 -3.15
CA GLU A 200 0.06 -43.29 -2.86
C GLU A 200 -0.87 -44.49 -2.97
N ALA A 201 -2.10 -44.30 -3.45
CA ALA A 201 -3.07 -45.39 -3.65
C ALA A 201 -3.18 -46.25 -2.39
N VAL A 202 -3.30 -45.57 -1.25
CA VAL A 202 -3.40 -46.26 0.04
C VAL A 202 -4.80 -46.87 0.15
N PRO A 203 -4.92 -48.14 0.52
CA PRO A 203 -6.25 -48.77 0.60
C PRO A 203 -7.15 -48.03 1.57
N ILE A 204 -8.45 -48.04 1.26
CA ILE A 204 -9.39 -47.15 1.93
C ILE A 204 -9.48 -47.45 3.42
N ASP A 205 -9.54 -48.73 3.79
CA ASP A 205 -9.64 -49.06 5.21
C ASP A 205 -8.34 -48.82 5.96
N LYS A 206 -7.29 -48.31 5.30
CA LYS A 206 -6.06 -47.94 5.96
C LYS A 206 -5.83 -46.43 5.96
N ARG A 207 -6.83 -45.65 5.58
CA ARG A 207 -6.73 -44.18 5.60
C ARG A 207 -6.97 -43.73 7.04
N ILE A 208 -5.94 -43.92 7.85
CA ILE A 208 -5.96 -43.61 9.27
C ILE A 208 -4.79 -42.69 9.56
N VAL A 209 -5.02 -41.66 10.38
CA VAL A 209 -3.98 -40.72 10.74
C VAL A 209 -3.91 -40.63 12.26
N SER A 210 -2.69 -40.62 12.78
CA SER A 210 -2.47 -40.47 14.21
C SER A 210 -2.22 -39.00 14.51
N ILE A 211 -3.06 -38.43 15.39
CA ILE A 211 -2.85 -37.07 15.90
C ILE A 211 -2.12 -37.21 17.23
N VAL A 212 -0.89 -36.69 17.30
CA VAL A 212 -0.13 -36.73 18.54
C VAL A 212 -0.62 -35.59 19.44
N GLY A 213 -1.16 -35.95 20.60
CA GLY A 213 -1.78 -34.99 21.48
C GLY A 213 -3.24 -34.76 21.13
N TYR A 214 -4.09 -34.69 22.14
CA TYR A 214 -5.51 -34.47 21.89
C TYR A 214 -5.74 -33.08 21.29
N ASN A 215 -6.60 -33.03 20.24
CA ASN A 215 -6.94 -31.85 19.46
C ASN A 215 -8.29 -32.06 18.79
N PRO A 216 -9.38 -31.59 19.39
CA PRO A 216 -10.73 -32.06 19.01
C PRO A 216 -11.11 -31.80 17.55
N PRO A 217 -10.78 -30.64 16.95
CA PRO A 217 -11.29 -30.38 15.58
C PRO A 217 -10.85 -31.40 14.54
N TYR A 218 -9.80 -32.18 14.79
CA TYR A 218 -9.35 -33.15 13.78
C TYR A 218 -10.36 -34.27 13.55
N VAL A 219 -11.31 -34.47 14.47
CA VAL A 219 -12.33 -35.48 14.22
C VAL A 219 -13.21 -35.06 13.05
N TRP A 220 -13.63 -33.79 13.03
CA TRP A 220 -14.46 -33.30 11.94
C TRP A 220 -13.65 -33.17 10.64
N THR A 221 -12.43 -32.63 10.70
CA THR A 221 -11.67 -32.43 9.45
C THR A 221 -11.34 -33.75 8.79
N CYS A 222 -11.01 -34.78 9.59
CA CYS A 222 -10.69 -36.07 9.00
C CYS A 222 -11.90 -36.67 8.30
N LEU A 223 -13.07 -36.62 8.94
CA LEU A 223 -14.26 -37.20 8.33
C LEU A 223 -14.73 -36.40 7.12
N ARG A 224 -14.42 -35.10 7.07
CA ARG A 224 -14.69 -34.33 5.86
C ARG A 224 -13.84 -34.80 4.68
N HIS A 225 -12.80 -35.59 4.93
CA HIS A 225 -11.91 -36.08 3.89
C HIS A 225 -11.86 -37.60 3.81
N GLY A 226 -12.75 -38.30 4.49
CA GLY A 226 -12.73 -39.75 4.45
C GLY A 226 -11.55 -40.38 5.16
N ILE A 227 -11.09 -39.77 6.24
CA ILE A 227 -10.00 -40.29 7.04
C ILE A 227 -10.53 -40.60 8.42
N ARG A 228 -10.04 -41.68 9.03
CA ARG A 228 -10.38 -41.94 10.42
C ARG A 228 -9.24 -41.49 11.33
N PRO A 229 -9.51 -40.66 12.33
CA PRO A 229 -8.45 -40.18 13.21
C PRO A 229 -8.29 -41.02 14.46
N THR A 230 -7.04 -41.11 14.89
CA THR A 230 -6.68 -41.72 16.18
C THR A 230 -5.82 -40.72 16.93
N TYR A 231 -6.06 -40.60 18.23
CA TYR A 231 -5.25 -39.74 19.08
C TYR A 231 -4.24 -40.57 19.86
N ILE A 232 -3.07 -39.98 20.08
CA ILE A 232 -2.02 -40.63 20.85
C ILE A 232 -1.63 -39.70 21.99
N GLU A 233 -1.71 -40.19 23.22
CA GLU A 233 -1.42 -39.38 24.40
C GLU A 233 -0.45 -40.11 25.31
N LYS A 234 0.45 -39.35 25.94
CA LYS A 234 1.43 -39.93 26.85
C LYS A 234 0.76 -40.56 28.06
N SER A 235 -0.01 -39.77 28.80
CA SER A 235 -0.67 -40.23 30.01
C SER A 235 -2.19 -40.18 29.82
N LEU A 236 -2.88 -40.97 30.65
CA LEU A 236 -4.33 -41.13 30.62
C LEU A 236 -4.95 -40.29 31.74
N PRO A 237 -5.54 -39.12 31.42
CA PRO A 237 -6.24 -38.36 32.46
C PRO A 237 -7.47 -39.13 32.93
N ASN A 238 -7.50 -39.44 34.22
CA ASN A 238 -8.61 -40.19 34.81
C ASN A 238 -9.87 -39.35 34.79
N PRO A 239 -10.89 -39.70 34.00
CA PRO A 239 -12.10 -38.86 33.92
C PRO A 239 -12.89 -38.81 35.22
N GLY A 240 -12.62 -39.70 36.18
CA GLY A 240 -13.20 -39.64 37.50
C GLY A 240 -14.59 -40.22 37.64
N GLY A 241 -15.13 -40.84 36.60
CA GLY A 241 -16.44 -41.43 36.65
C GLY A 241 -16.39 -42.91 36.99
N LYS A 242 -17.54 -43.57 36.81
CA LYS A 242 -17.65 -44.99 37.09
C LYS A 242 -17.28 -45.80 35.86
N GLY A 243 -17.20 -47.13 36.05
CA GLY A 243 -16.88 -48.02 34.98
C GLY A 243 -15.38 -48.26 34.87
N PRO A 244 -15.00 -49.26 34.07
CA PRO A 244 -13.58 -49.64 33.96
C PRO A 244 -12.71 -48.57 33.34
N PHE A 245 -13.27 -47.54 32.71
CA PHE A 245 -12.48 -46.45 32.15
C PHE A 245 -12.91 -45.09 32.69
N GLY A 246 -13.79 -45.08 33.69
CA GLY A 246 -14.17 -43.84 34.34
C GLY A 246 -15.05 -42.93 33.52
N LEU A 247 -15.69 -43.46 32.48
CA LEU A 247 -16.48 -42.65 31.56
C LEU A 247 -17.98 -42.77 31.82
N ILE A 248 -18.39 -43.35 32.94
CA ILE A 248 -19.78 -43.35 33.36
C ILE A 248 -19.95 -42.20 34.34
N LEU A 249 -20.60 -41.13 33.87
CA LEU A 249 -20.75 -39.86 34.58
C LEU A 249 -19.40 -39.29 35.01
N PRO A 250 -18.56 -38.85 34.07
CA PRO A 250 -17.25 -38.31 34.44
C PRO A 250 -17.38 -36.94 35.11
N VAL A 251 -16.33 -36.57 35.84
CA VAL A 251 -16.30 -35.33 36.61
C VAL A 251 -15.60 -34.24 35.82
N ILE A 252 -15.86 -32.99 36.20
CA ILE A 252 -15.55 -31.81 35.40
C ILE A 252 -14.67 -30.84 36.18
N ASN A 253 -13.84 -30.09 35.44
CA ASN A 253 -13.07 -28.95 35.94
C ASN A 253 -13.07 -27.86 34.87
N GLU A 254 -13.23 -26.61 35.27
CA GLU A 254 -13.76 -25.58 34.38
C GLU A 254 -12.70 -24.76 33.65
N LEU A 255 -13.14 -24.11 32.57
CA LEU A 255 -12.31 -23.27 31.71
C LEU A 255 -12.09 -21.90 32.34
N VAL A 256 -11.17 -21.15 31.75
CA VAL A 256 -10.81 -19.85 32.31
C VAL A 256 -11.68 -18.77 31.68
N LEU A 257 -11.81 -17.66 32.40
CA LEU A 257 -12.50 -16.47 31.87
C LEU A 257 -11.81 -15.98 30.61
N LYS A 258 -12.57 -15.86 29.53
CA LYS A 258 -12.02 -15.28 28.31
C LYS A 258 -12.96 -14.19 27.81
N VAL A 261 -12.15 -14.25 24.55
CA VAL A 261 -13.60 -14.15 24.57
C VAL A 261 -14.15 -15.35 23.77
N LYS A 262 -15.44 -15.66 23.97
CA LYS A 262 -16.04 -16.88 23.44
C LYS A 262 -15.96 -16.96 21.92
N TYR A 263 -15.59 -18.13 21.43
CA TYR A 263 -15.55 -18.46 20.00
C TYR A 263 -16.66 -19.47 19.72
N VAL A 264 -17.66 -19.06 18.93
CA VAL A 264 -18.87 -19.85 18.71
C VAL A 264 -18.81 -20.50 17.33
N MET A 265 -19.18 -21.77 17.26
CA MET A 265 -19.19 -22.53 16.01
C MET A 265 -20.60 -22.60 15.46
N HIS A 266 -20.76 -22.28 14.17
CA HIS A 266 -22.07 -22.13 13.56
C HIS A 266 -22.36 -23.23 12.54
N ASN A 267 -21.83 -24.43 12.78
CA ASN A 267 -22.14 -25.56 11.91
C ASN A 267 -23.63 -25.89 12.00
N PRO A 268 -24.30 -26.11 10.88
CA PRO A 268 -25.70 -26.58 10.94
C PRO A 268 -25.78 -27.96 11.57
N GLN A 269 -26.73 -28.12 12.49
CA GLN A 269 -26.95 -29.37 13.21
C GLN A 269 -25.63 -29.89 13.79
N ILE A 270 -24.98 -29.02 14.58
CA ILE A 270 -23.67 -29.34 15.10
C ILE A 270 -23.75 -30.50 16.09
N LYS A 271 -24.89 -30.64 16.77
CA LYS A 271 -25.05 -31.71 17.76
C LYS A 271 -25.02 -33.08 17.10
N LEU A 272 -25.50 -33.17 15.86
CA LEU A 272 -25.48 -34.44 15.15
C LEU A 272 -24.12 -34.69 14.50
N LEU A 273 -23.43 -33.63 14.08
CA LEU A 273 -22.11 -33.81 13.46
C LEU A 273 -21.08 -34.26 14.49
N CYS A 274 -21.25 -33.82 15.73
CA CYS A 274 -20.28 -34.15 16.78
C CYS A 274 -20.32 -35.64 17.11
N LEU A 275 -21.51 -36.19 17.31
CA LEU A 275 -21.61 -37.61 17.60
C LEU A 275 -21.27 -38.47 16.39
N ASP A 276 -21.72 -38.07 15.20
CA ASP A 276 -21.62 -38.96 14.05
C ASP A 276 -20.21 -39.00 13.47
N THR A 277 -19.51 -37.87 13.41
CA THR A 277 -18.11 -37.92 12.98
C THR A 277 -17.28 -38.76 13.94
N PHE A 278 -17.64 -38.78 15.22
CA PHE A 278 -16.94 -39.63 16.18
C PHE A 278 -17.23 -41.11 15.94
N MET A 279 -18.50 -41.46 15.79
CA MET A 279 -18.85 -42.86 15.57
C MET A 279 -18.27 -43.39 14.27
N LEU A 280 -18.30 -42.56 13.22
CA LEU A 280 -17.74 -42.98 11.93
C LEU A 280 -16.24 -43.23 12.01
N SER A 281 -15.57 -42.65 13.00
CA SER A 281 -14.15 -42.92 13.23
C SER A 281 -13.90 -44.32 13.76
N THR A 282 -14.94 -45.03 14.25
CA THR A 282 -14.72 -46.29 14.93
C THR A 282 -14.86 -47.52 14.03
N SER A 283 -15.50 -47.39 12.88
CA SER A 283 -15.68 -48.53 12.00
C SER A 283 -16.09 -48.05 10.61
N MET A 284 -15.59 -48.73 9.58
CA MET A 284 -16.03 -48.47 8.21
C MET A 284 -17.44 -48.98 7.92
N ASN A 285 -18.04 -49.74 8.84
CA ASN A 285 -19.41 -50.25 8.69
C ASN A 285 -20.27 -49.69 9.80
N ILE A 286 -21.43 -49.15 9.43
CA ILE A 286 -22.29 -48.43 10.37
C ILE A 286 -23.72 -48.93 10.22
N LEU A 287 -24.36 -49.23 11.35
CA LEU A 287 -25.79 -49.45 11.42
C LEU A 287 -26.42 -48.20 12.03
N TYR A 288 -27.20 -47.47 11.24
CA TYR A 288 -27.78 -46.19 11.65
C TYR A 288 -29.29 -46.35 11.79
N ILE A 289 -29.78 -46.21 13.03
CA ILE A 289 -31.19 -46.40 13.35
C ILE A 289 -31.80 -45.05 13.64
N GLY A 290 -32.77 -44.64 12.84
CA GLY A 290 -33.34 -43.31 12.94
C GLY A 290 -32.65 -42.28 12.07
N ALA A 291 -32.07 -42.72 10.94
CA ALA A 291 -31.10 -41.90 10.22
C ALA A 291 -31.74 -40.71 9.52
N TYR A 292 -33.01 -40.79 9.16
CA TYR A 292 -33.64 -39.71 8.43
C TYR A 292 -33.69 -38.46 9.30
N PRO A 293 -33.33 -37.29 8.77
CA PRO A 293 -32.83 -37.11 7.39
C PRO A 293 -31.31 -37.27 7.24
N ALA A 294 -30.56 -36.92 8.29
CA ALA A 294 -29.10 -36.93 8.25
C ALA A 294 -28.56 -36.06 7.10
N THR A 295 -29.14 -34.87 6.95
CA THR A 295 -28.59 -33.92 5.99
C THR A 295 -27.17 -33.52 6.34
N HIS A 296 -26.80 -33.59 7.62
CA HIS A 296 -25.45 -33.20 8.02
C HIS A 296 -24.40 -34.12 7.44
N LEU A 297 -24.74 -35.36 7.11
CA LEU A 297 -23.77 -36.27 6.51
C LEU A 297 -23.41 -35.88 5.09
N LEU A 298 -24.24 -35.09 4.41
CA LEU A 298 -24.07 -34.84 2.99
C LEU A 298 -22.76 -34.13 2.67
N SER A 299 -22.18 -33.41 3.62
CA SER A 299 -20.96 -32.65 3.45
C SER A 299 -19.70 -33.45 3.74
N LEU A 300 -19.84 -34.70 4.15
CA LEU A 300 -18.67 -35.54 4.43
C LEU A 300 -18.28 -36.34 3.20
N GLN A 301 -17.05 -36.83 3.22
CA GLN A 301 -16.56 -37.80 2.25
C GLN A 301 -16.44 -39.14 2.95
N LEU A 302 -17.28 -40.10 2.56
CA LEU A 302 -17.33 -41.38 3.25
C LEU A 302 -17.03 -42.54 2.30
N ASN A 303 -16.15 -42.32 1.34
CA ASN A 303 -15.73 -43.38 0.42
C ASN A 303 -15.14 -44.54 1.19
N GLY A 304 -15.77 -45.72 1.06
CA GLY A 304 -15.35 -46.90 1.77
C GLY A 304 -16.22 -47.27 2.95
N TRP A 305 -17.18 -46.41 3.29
CA TRP A 305 -18.08 -46.65 4.40
C TRP A 305 -19.35 -47.35 3.89
N THR A 306 -19.88 -48.23 4.72
CA THR A 306 -21.16 -48.88 4.46
C THR A 306 -22.11 -48.51 5.59
N ILE A 307 -23.20 -47.83 5.24
CA ILE A 307 -24.20 -47.40 6.20
C ILE A 307 -25.48 -48.16 5.93
N LEU A 308 -25.94 -48.93 6.91
CA LEU A 308 -27.25 -49.60 6.86
C LEU A 308 -28.21 -48.75 7.68
N ALA A 309 -29.05 -47.99 6.98
CA ALA A 309 -29.96 -47.04 7.61
C ALA A 309 -31.34 -47.64 7.79
N PHE A 310 -31.95 -47.38 8.95
CA PHE A 310 -33.29 -47.83 9.28
C PHE A 310 -34.10 -46.63 9.74
N ASP A 311 -35.20 -46.35 9.03
CA ASP A 311 -36.17 -45.33 9.40
C ASP A 311 -37.39 -45.52 8.50
N PRO A 312 -38.61 -45.51 9.05
CA PRO A 312 -39.78 -45.59 8.19
C PRO A 312 -39.84 -44.51 7.13
N LYS A 313 -39.21 -43.35 7.38
CA LYS A 313 -39.25 -42.24 6.42
C LYS A 313 -38.20 -42.35 5.33
N ILE A 314 -37.42 -43.43 5.28
CA ILE A 314 -36.45 -43.61 4.19
C ILE A 314 -37.19 -43.86 2.89
N THR A 315 -36.78 -43.17 1.84
CA THR A 315 -37.29 -43.40 0.49
C THR A 315 -36.15 -43.90 -0.40
N SER A 316 -36.50 -44.25 -1.64
CA SER A 316 -35.49 -44.66 -2.60
C SER A 316 -34.66 -43.47 -3.07
N ASP A 317 -35.27 -42.29 -3.16
CA ASP A 317 -34.53 -41.10 -3.54
C ASP A 317 -33.56 -40.67 -2.44
N TRP A 318 -33.96 -40.86 -1.18
CA TRP A 318 -33.09 -40.48 -0.06
C TRP A 318 -31.81 -41.31 -0.05
N THR A 319 -31.93 -42.61 -0.31
CA THR A 319 -30.74 -43.46 -0.34
C THR A 319 -29.83 -43.10 -1.51
N ASP A 320 -30.40 -42.81 -2.68
CA ASP A 320 -29.58 -42.47 -3.83
C ASP A 320 -28.88 -41.13 -3.64
N ALA A 321 -29.58 -40.14 -3.07
CA ALA A 321 -28.98 -38.83 -2.83
C ALA A 321 -27.86 -38.93 -1.81
N MET A 322 -28.11 -39.63 -0.70
CA MET A 322 -27.10 -39.76 0.35
C MET A 322 -25.84 -40.43 -0.17
N ALA A 323 -26.00 -41.49 -0.96
CA ALA A 323 -24.83 -42.19 -1.52
C ALA A 323 -24.09 -41.30 -2.52
N LYS A 324 -24.83 -40.55 -3.34
CA LYS A 324 -24.19 -39.70 -4.33
C LYS A 324 -23.37 -38.61 -3.66
N ALA A 325 -23.93 -37.98 -2.63
CA ALA A 325 -23.23 -36.87 -1.98
C ALA A 325 -22.00 -37.34 -1.20
N THR A 326 -22.10 -38.49 -0.51
CA THR A 326 -21.04 -38.93 0.38
C THR A 326 -20.11 -39.97 -0.21
N GLY A 327 -20.54 -40.69 -1.25
CA GLY A 327 -19.73 -41.77 -1.79
C GLY A 327 -19.75 -43.05 -0.98
N ALA A 328 -20.61 -43.14 0.03
CA ALA A 328 -20.69 -44.35 0.85
C ALA A 328 -21.75 -45.29 0.30
N LYS A 329 -21.52 -46.59 0.47
CA LYS A 329 -22.51 -47.60 0.14
C LYS A 329 -23.63 -47.52 1.18
N VAL A 330 -24.74 -46.89 0.80
CA VAL A 330 -25.90 -46.72 1.68
C VAL A 330 -26.98 -47.71 1.27
N ILE A 331 -27.58 -48.37 2.26
CA ILE A 331 -28.64 -49.35 2.05
C ILE A 331 -29.81 -48.89 2.91
N GLY A 332 -30.73 -48.14 2.31
CA GLY A 332 -31.88 -47.65 3.05
C GLY A 332 -32.94 -48.72 3.22
N VAL A 333 -33.54 -48.74 4.41
CA VAL A 333 -34.59 -49.68 4.77
C VAL A 333 -35.73 -48.90 5.40
N SER A 334 -36.92 -48.99 4.81
CA SER A 334 -38.07 -48.19 5.22
C SER A 334 -38.92 -48.88 6.29
N LYS A 335 -38.34 -49.81 7.04
CA LYS A 335 -39.04 -50.48 8.13
C LYS A 335 -38.60 -49.92 9.47
N GLU A 336 -39.50 -49.99 10.45
CA GLU A 336 -39.10 -49.77 11.82
C GLU A 336 -38.17 -50.88 12.27
N PHE A 337 -37.14 -50.53 13.04
CA PHE A 337 -36.19 -51.53 13.48
C PHE A 337 -36.84 -52.46 14.50
N ASP A 338 -36.62 -53.76 14.33
CA ASP A 338 -37.19 -54.78 15.20
C ASP A 338 -36.15 -55.12 16.27
N PHE A 339 -36.36 -54.62 17.49
CA PHE A 339 -35.43 -54.82 18.60
C PHE A 339 -35.67 -56.12 19.36
N LYS A 340 -36.69 -56.89 19.02
CA LYS A 340 -37.01 -58.10 19.75
C LYS A 340 -36.74 -59.38 18.95
N SER A 341 -36.10 -59.28 17.79
CA SER A 341 -35.49 -60.45 17.15
C SER A 341 -34.01 -60.48 17.56
N PHE A 342 -33.60 -61.55 18.23
CA PHE A 342 -32.23 -61.68 18.69
C PHE A 342 -31.45 -62.62 17.78
N SER A 343 -31.42 -62.28 16.50
CA SER A 343 -30.75 -63.07 15.49
C SER A 343 -29.88 -62.17 14.63
N VAL A 344 -28.70 -62.68 14.25
CA VAL A 344 -27.87 -61.97 13.29
C VAL A 344 -28.55 -61.91 11.93
N GLN A 345 -29.21 -63.00 11.51
CA GLN A 345 -29.75 -63.01 10.16
C GLN A 345 -30.94 -62.07 9.98
N ALA A 346 -31.51 -61.53 11.07
CA ALA A 346 -32.57 -60.54 10.95
C ALA A 346 -32.00 -59.14 10.75
N ASN A 347 -32.87 -58.22 10.31
CA ASN A 347 -32.51 -56.82 10.11
C ASN A 347 -31.38 -56.64 9.11
N GLN A 348 -31.23 -57.58 8.18
CA GLN A 348 -30.23 -57.54 7.11
C GLN A 348 -28.80 -57.44 7.62
N LEU A 349 -28.56 -57.84 8.88
CA LEU A 349 -27.22 -57.75 9.47
C LEU A 349 -26.26 -58.77 8.86
N ASN A 350 -26.74 -59.54 7.88
CA ASN A 350 -25.91 -60.58 7.28
C ASN A 350 -24.73 -59.99 6.53
N MET A 351 -24.89 -58.78 6.00
CA MET A 351 -23.80 -58.20 5.23
C MET A 351 -22.57 -57.94 6.08
N PHE A 352 -22.74 -57.74 7.38
CA PHE A 352 -21.65 -57.34 8.27
C PHE A 352 -20.93 -58.52 8.92
N GLN A 353 -21.17 -59.75 8.46
CA GLN A 353 -20.52 -60.89 9.06
C GLN A 353 -19.04 -60.93 8.68
N ASN A 354 -18.21 -61.38 9.64
CA ASN A 354 -16.75 -61.42 9.49
C ASN A 354 -16.19 -60.03 9.17
N SER A 355 -16.76 -59.01 9.79
CA SER A 355 -16.28 -57.64 9.67
C SER A 355 -16.66 -56.88 10.94
N LYS A 356 -16.13 -55.67 11.06
CA LYS A 356 -16.41 -54.83 12.21
C LYS A 356 -17.63 -53.96 11.96
N LEU A 357 -18.30 -53.57 13.04
CA LEU A 357 -19.55 -52.83 12.95
C LEU A 357 -19.72 -51.93 14.15
N SER A 358 -20.16 -50.70 13.92
CA SER A 358 -20.58 -49.79 14.97
C SER A 358 -22.02 -49.36 14.68
N VAL A 359 -22.75 -49.01 15.75
CA VAL A 359 -24.17 -48.74 15.66
C VAL A 359 -24.44 -47.34 16.19
N ILE A 360 -25.22 -46.56 15.44
CA ILE A 360 -25.71 -45.25 15.86
C ILE A 360 -27.23 -45.33 15.94
N ASP A 361 -27.77 -45.10 17.13
CA ASP A 361 -29.21 -45.20 17.37
C ASP A 361 -29.76 -43.85 17.81
N ASP A 362 -30.58 -43.23 16.95
CA ASP A 362 -31.20 -41.94 17.21
C ASP A 362 -32.73 -42.07 17.31
N THR A 363 -33.22 -43.23 17.74
CA THR A 363 -34.66 -43.48 17.79
C THR A 363 -35.26 -43.05 19.12
N TRP A 364 -36.49 -42.56 19.06
CA TRP A 364 -37.20 -42.09 20.25
C TRP A 364 -38.69 -42.06 19.94
N VAL A 365 -39.49 -42.29 20.98
CA VAL A 365 -40.95 -42.33 20.86
C VAL A 365 -41.55 -41.41 21.90
N GLU A 366 -42.84 -41.12 21.74
CA GLU A 366 -43.60 -40.36 22.72
C GLU A 366 -44.51 -41.24 23.57
N THR A 367 -44.56 -42.54 23.29
CA THR A 367 -45.42 -43.48 24.00
C THR A 367 -44.57 -44.63 24.51
N ASP A 368 -44.65 -44.89 25.82
CA ASP A 368 -43.94 -46.00 26.45
C ASP A 368 -42.42 -45.86 26.28
N TYR A 369 -41.92 -44.63 26.37
CA TYR A 369 -40.52 -44.38 26.03
C TYR A 369 -39.58 -45.12 26.97
N GLU A 370 -39.83 -45.07 28.27
CA GLU A 370 -38.82 -45.53 29.21
C GLU A 370 -38.61 -47.04 29.15
N LYS A 371 -39.62 -47.81 28.74
CA LYS A 371 -39.41 -49.23 28.54
C LYS A 371 -39.19 -49.59 27.07
N PHE A 372 -39.48 -48.68 26.13
CA PHE A 372 -38.94 -48.82 24.79
C PHE A 372 -37.42 -48.87 24.81
N GLN A 373 -36.80 -48.16 25.77
CA GLN A 373 -35.34 -48.08 25.82
C GLN A 373 -34.71 -49.36 26.33
N SER A 374 -35.34 -50.02 27.31
CA SER A 374 -34.81 -51.29 27.80
C SER A 374 -34.96 -52.41 26.78
N GLU A 375 -35.92 -52.29 25.86
CA GLU A 375 -35.95 -53.21 24.73
C GLU A 375 -34.73 -53.01 23.84
N LYS A 376 -34.41 -51.75 23.55
CA LYS A 376 -33.17 -51.44 22.83
C LYS A 376 -31.95 -51.84 23.65
N GLN A 377 -31.97 -51.54 24.95
CA GLN A 377 -30.84 -51.89 25.80
C GLN A 377 -30.60 -53.39 25.80
N ALA A 378 -31.67 -54.18 25.99
CA ALA A 378 -31.50 -55.63 25.99
C ALA A 378 -30.98 -56.11 24.65
N TYR A 379 -31.38 -55.47 23.55
CA TYR A 379 -30.88 -55.87 22.24
C TYR A 379 -29.44 -55.45 22.02
N PHE A 380 -29.06 -54.25 22.47
CA PHE A 380 -27.68 -53.82 22.31
C PHE A 380 -26.76 -54.60 23.23
N GLU A 381 -27.21 -54.90 24.45
CA GLU A 381 -26.43 -55.76 25.34
C GLU A 381 -26.20 -57.13 24.71
N TRP A 382 -27.19 -57.62 23.97
CA TRP A 382 -27.03 -58.87 23.24
C TRP A 382 -26.14 -58.68 22.02
N LEU A 383 -26.26 -57.53 21.35
CA LEU A 383 -25.58 -57.33 20.06
C LEU A 383 -24.08 -57.20 20.22
N ILE A 384 -23.62 -56.59 21.32
CA ILE A 384 -22.20 -56.30 21.52
C ILE A 384 -21.37 -57.56 21.70
N ASP A 385 -22.02 -58.72 21.84
CA ASP A 385 -21.33 -59.93 22.23
C ASP A 385 -21.12 -60.94 21.11
N ARG A 386 -21.55 -60.66 19.88
CA ARG A 386 -21.48 -61.69 18.85
C ARG A 386 -20.02 -61.94 18.48
N THR A 387 -19.70 -63.18 18.14
CA THR A 387 -18.36 -63.51 17.68
C THR A 387 -18.26 -63.60 16.17
N SER A 388 -19.39 -63.65 15.47
CA SER A 388 -19.37 -63.56 14.01
C SER A 388 -19.26 -62.13 13.51
N ILE A 389 -19.49 -61.15 14.39
CA ILE A 389 -19.36 -59.73 14.10
C ILE A 389 -18.50 -59.10 15.19
N ASP A 390 -17.60 -58.20 14.80
CA ASP A 390 -16.80 -57.43 15.76
C ASP A 390 -17.49 -56.09 15.97
N VAL A 391 -18.45 -56.08 16.91
CA VAL A 391 -19.14 -54.85 17.24
C VAL A 391 -18.20 -53.99 18.09
N ARG A 392 -17.85 -52.82 17.57
CA ARG A 392 -16.90 -51.95 18.25
C ARG A 392 -17.58 -51.02 19.26
N LEU A 393 -18.64 -50.34 18.86
CA LEU A 393 -19.26 -49.34 19.72
C LEU A 393 -20.71 -49.11 19.30
N ILE A 394 -21.58 -48.92 20.29
CA ILE A 394 -23.00 -48.68 20.07
C ILE A 394 -23.36 -47.40 20.81
N SER A 395 -23.94 -46.45 20.08
CA SER A 395 -24.37 -45.18 20.63
C SER A 395 -25.89 -45.20 20.80
N MET A 396 -26.36 -44.89 22.00
CA MET A 396 -27.79 -44.89 22.29
C MET A 396 -28.14 -43.65 23.09
N LYS A 397 -29.28 -43.06 22.79
CA LYS A 397 -29.77 -41.93 23.58
C LYS A 397 -30.42 -42.45 24.85
N TRP A 398 -30.15 -41.76 25.95
CA TRP A 398 -30.49 -42.22 27.29
C TRP A 398 -31.28 -41.15 28.03
N ASN A 399 -32.41 -41.54 28.61
CA ASN A 399 -33.21 -40.65 29.44
C ASN A 399 -34.12 -41.53 30.30
N ARG A 400 -33.71 -41.76 31.55
CA ARG A 400 -34.41 -42.67 32.44
C ARG A 400 -34.76 -41.97 33.74
N SER A 401 -36.01 -42.14 34.18
CA SER A 401 -36.45 -41.71 35.50
C SER A 401 -36.47 -42.84 36.51
N LYS A 402 -36.18 -44.07 36.08
CA LYS A 402 -36.15 -45.23 36.95
C LYS A 402 -34.75 -45.84 36.89
N ASP A 403 -34.29 -46.37 38.02
CA ASP A 403 -32.95 -46.95 38.11
C ASP A 403 -32.84 -48.18 37.21
N THR A 404 -31.68 -48.34 36.59
CA THR A 404 -31.49 -49.48 35.70
C THR A 404 -30.10 -50.09 35.91
N SER A 405 -30.02 -51.39 35.65
CA SER A 405 -28.75 -52.09 35.55
C SER A 405 -28.41 -52.31 34.08
N VAL A 406 -27.15 -52.06 33.72
CA VAL A 406 -26.69 -52.10 32.34
C VAL A 406 -25.44 -52.95 32.25
N SER A 407 -25.36 -53.77 31.22
CA SER A 407 -24.19 -54.60 30.95
C SER A 407 -23.42 -54.03 29.77
N HIS A 408 -22.09 -54.20 29.82
CA HIS A 408 -21.18 -53.73 28.77
C HIS A 408 -21.29 -52.22 28.54
N LEU A 409 -21.62 -51.47 29.58
CA LEU A 409 -21.75 -50.01 29.48
C LEU A 409 -20.36 -49.39 29.65
N LEU A 410 -19.83 -48.82 28.57
CA LEU A 410 -18.51 -48.23 28.62
C LEU A 410 -18.56 -46.77 29.08
N ALA A 411 -19.56 -46.02 28.64
CA ALA A 411 -19.61 -44.60 28.90
C ALA A 411 -21.06 -44.14 28.98
N LEU A 412 -21.28 -43.12 29.81
CA LEU A 412 -22.57 -42.45 29.94
C LEU A 412 -22.27 -40.96 30.08
N LEU A 413 -22.51 -40.21 29.02
CA LEU A 413 -21.95 -38.88 28.84
C LEU A 413 -23.03 -37.85 28.53
N PRO A 414 -22.77 -36.58 28.86
CA PRO A 414 -23.62 -35.51 28.33
C PRO A 414 -23.33 -35.27 26.87
N GLN A 415 -24.17 -34.44 26.25
CA GLN A 415 -23.99 -34.10 24.85
C GLN A 415 -23.31 -32.75 24.75
N PRO A 416 -22.09 -32.67 24.20
CA PRO A 416 -21.35 -31.41 24.22
C PRO A 416 -22.09 -30.22 23.61
N TYR A 417 -22.76 -30.43 22.47
CA TYR A 417 -23.57 -29.38 21.87
C TYR A 417 -25.04 -29.52 22.25
N GLY A 418 -25.38 -30.48 23.10
CA GLY A 418 -26.61 -30.38 23.85
C GLY A 418 -26.54 -29.18 24.79
N ALA A 419 -27.62 -28.41 24.87
CA ALA A 419 -27.54 -27.21 25.66
C ALA A 419 -28.29 -27.48 26.95
N SER A 420 -29.56 -27.08 27.00
CA SER A 420 -30.40 -27.37 28.15
C SER A 420 -31.01 -28.75 28.12
N ILE A 421 -30.73 -29.55 27.08
CA ILE A 421 -31.31 -30.88 26.98
C ILE A 421 -30.93 -31.72 28.19
N ARG A 422 -31.92 -32.50 28.68
CA ARG A 422 -31.80 -33.44 29.79
C ARG A 422 -31.40 -34.82 29.32
N GLU A 423 -31.06 -34.95 28.05
CA GLU A 423 -30.80 -36.23 27.39
C GLU A 423 -29.31 -36.55 27.45
N MET A 424 -28.99 -37.84 27.64
CA MET A 424 -27.61 -38.32 27.66
C MET A 424 -27.41 -39.32 26.54
N ARG A 425 -26.17 -39.82 26.42
N ARG A 425 -26.16 -39.79 26.42
CA ARG A 425 -25.83 -40.81 25.41
CA ARG A 425 -25.77 -40.78 25.44
C ARG A 425 -25.01 -41.92 26.05
C ARG A 425 -25.06 -41.92 26.15
N ALA A 426 -25.47 -43.15 25.88
CA ALA A 426 -24.84 -44.32 26.43
C ALA A 426 -24.06 -45.06 25.35
N PHE A 427 -22.87 -45.53 25.69
CA PHE A 427 -22.00 -46.22 24.74
C PHE A 427 -21.70 -47.61 25.26
N PHE A 428 -21.98 -48.62 24.43
CA PHE A 428 -21.76 -50.02 24.78
C PHE A 428 -20.49 -50.52 24.12
N HIS A 429 -19.79 -51.41 24.83
CA HIS A 429 -18.49 -51.87 24.39
C HIS A 429 -18.18 -53.21 25.05
N LYS A 430 -17.36 -54.02 24.39
CA LYS A 430 -16.96 -55.31 24.94
C LYS A 430 -16.23 -55.14 26.27
N LYS A 431 -15.23 -54.24 26.31
CA LYS A 431 -14.44 -53.98 27.49
C LYS A 431 -15.13 -53.08 28.51
N GLY A 432 -16.43 -52.83 28.35
CA GLY A 432 -17.15 -52.01 29.28
C GLY A 432 -17.36 -52.71 30.62
N ALA A 433 -18.28 -52.15 31.40
CA ALA A 433 -18.57 -52.67 32.73
C ALA A 433 -19.50 -53.87 32.63
N SER A 434 -19.15 -54.95 33.34
CA SER A 434 -19.97 -56.15 33.32
C SER A 434 -21.38 -55.85 33.81
N ASP A 435 -21.51 -55.17 34.94
CA ASP A 435 -22.79 -54.68 35.41
C ASP A 435 -22.57 -53.42 36.24
N ILE A 436 -23.52 -52.50 36.16
CA ILE A 436 -23.49 -51.30 36.98
C ILE A 436 -24.92 -50.79 37.05
N LYS A 437 -25.30 -50.25 38.22
CA LYS A 437 -26.64 -49.74 38.44
C LYS A 437 -26.63 -48.22 38.27
N ILE A 438 -27.32 -47.74 37.25
CA ILE A 438 -27.42 -46.32 36.98
C ILE A 438 -28.65 -45.80 37.72
N LEU A 439 -28.42 -45.09 38.84
CA LEU A 439 -29.50 -44.56 39.66
C LEU A 439 -30.00 -43.26 39.04
N ALA A 440 -31.29 -43.20 38.72
CA ALA A 440 -31.85 -42.05 38.03
C ALA A 440 -31.78 -40.77 38.86
N ALA A 441 -31.53 -40.89 40.16
CA ALA A 441 -31.44 -39.69 40.99
C ALA A 441 -30.13 -38.95 40.77
N GLU A 442 -29.04 -39.68 40.48
CA GLU A 442 -27.75 -39.05 40.26
C GLU A 442 -27.54 -38.59 38.82
N THR A 443 -28.21 -39.20 37.84
CA THR A 443 -28.16 -38.67 36.49
C THR A 443 -28.93 -37.36 36.39
N GLU A 444 -30.05 -37.25 37.12
CA GLU A 444 -30.76 -35.98 37.18
C GLU A 444 -29.89 -34.90 37.80
N LYS A 445 -29.24 -35.20 38.93
CA LYS A 445 -28.33 -34.25 39.55
C LYS A 445 -27.13 -33.96 38.66
N TYR A 446 -26.73 -34.94 37.85
CA TYR A 446 -25.64 -34.74 36.90
C TYR A 446 -26.07 -33.80 35.78
N MET A 447 -27.25 -34.01 35.22
CA MET A 447 -27.73 -33.16 34.13
C MET A 447 -28.13 -31.77 34.60
N ASP A 448 -28.31 -31.57 35.90
CA ASP A 448 -28.53 -30.22 36.41
C ASP A 448 -27.22 -29.44 36.46
N ASP A 449 -26.13 -30.12 36.84
CA ASP A 449 -24.82 -29.49 36.82
C ASP A 449 -24.39 -29.16 35.39
N PHE A 450 -24.72 -30.03 34.43
CA PHE A 450 -24.27 -29.84 33.06
C PHE A 450 -25.03 -28.71 32.38
N THR A 451 -26.35 -28.67 32.56
CA THR A 451 -27.16 -27.64 31.91
C THR A 451 -26.89 -26.26 32.50
N ALA A 452 -26.28 -26.19 33.68
CA ALA A 452 -25.91 -24.92 34.30
C ALA A 452 -24.50 -24.47 33.96
N MET A 453 -23.77 -25.21 33.13
CA MET A 453 -22.46 -24.78 32.70
C MET A 453 -22.56 -23.88 31.48
N SER A 454 -21.54 -23.07 31.27
CA SER A 454 -21.46 -22.26 30.06
C SER A 454 -21.38 -23.18 28.84
N VAL A 455 -21.91 -22.70 27.71
CA VAL A 455 -21.86 -23.47 26.47
C VAL A 455 -20.44 -23.89 26.16
N SER A 456 -19.46 -23.03 26.48
CA SER A 456 -18.07 -23.38 26.26
C SER A 456 -17.65 -24.55 27.14
N ASP A 457 -18.06 -24.54 28.41
CA ASP A 457 -17.76 -25.67 29.30
C ASP A 457 -18.44 -26.94 28.82
N GLN A 458 -19.63 -26.82 28.21
CA GLN A 458 -20.35 -27.99 27.73
C GLN A 458 -19.63 -28.63 26.55
N ILE A 459 -19.21 -27.81 25.58
CA ILE A 459 -18.56 -28.31 24.38
C ILE A 459 -17.25 -29.02 24.71
N ASN A 460 -16.55 -28.57 25.75
CA ASN A 460 -15.29 -29.23 26.09
C ASN A 460 -15.49 -30.63 26.65
N THR A 461 -16.72 -31.04 26.96
CA THR A 461 -16.92 -32.42 27.40
C THR A 461 -16.82 -33.41 26.26
N GLN A 462 -16.59 -32.94 25.02
CA GLN A 462 -16.36 -33.85 23.90
C GLN A 462 -15.08 -34.64 24.08
N LYS A 463 -14.16 -34.17 24.92
CA LYS A 463 -12.96 -34.94 25.23
C LYS A 463 -13.30 -36.30 25.85
N PHE A 464 -14.48 -36.46 26.43
CA PHE A 464 -14.85 -37.73 27.05
C PHE A 464 -15.14 -38.79 26.00
N MET A 465 -15.90 -38.44 24.95
CA MET A 465 -16.13 -39.40 23.88
C MET A 465 -14.86 -39.58 23.05
N HIS A 466 -14.18 -38.48 22.71
CA HIS A 466 -12.97 -38.57 21.89
C HIS A 466 -11.87 -39.39 22.54
N CYS A 467 -11.92 -39.59 23.86
CA CYS A 467 -10.91 -40.46 24.45
C CYS A 467 -11.21 -41.94 24.17
N MET A 468 -12.37 -42.27 23.61
CA MET A 468 -12.63 -43.63 23.17
C MET A 468 -11.95 -43.95 21.84
N ILE A 469 -11.35 -42.97 21.16
CA ILE A 469 -10.49 -43.22 20.01
C ILE A 469 -9.11 -42.68 20.30
N THR A 470 -8.65 -42.85 21.54
CA THR A 470 -7.34 -42.40 21.98
C THR A 470 -6.51 -43.60 22.40
N THR A 471 -5.22 -43.57 22.06
CA THR A 471 -4.26 -44.57 22.50
C THR A 471 -3.29 -43.93 23.48
N VAL A 472 -2.87 -44.70 24.48
CA VAL A 472 -1.85 -44.28 25.43
C VAL A 472 -0.53 -44.88 25.01
N GLY A 473 0.49 -44.05 24.93
CA GLY A 473 1.80 -44.49 24.50
C GLY A 473 2.68 -43.33 24.14
N ASP A 474 3.99 -43.59 24.17
CA ASP A 474 4.96 -42.58 23.75
C ASP A 474 5.02 -42.55 22.23
N ALA A 475 4.67 -41.40 21.65
CA ALA A 475 4.66 -41.26 20.20
C ALA A 475 6.03 -41.50 19.59
N LEU A 476 7.09 -41.17 20.31
CA LEU A 476 8.45 -41.35 19.81
C LEU A 476 8.85 -42.81 19.63
N LYS A 477 8.01 -43.76 20.02
CA LYS A 477 8.32 -45.18 19.88
C LYS A 477 7.31 -45.94 19.02
N MET A 478 6.40 -45.24 18.36
CA MET A 478 5.34 -45.89 17.59
C MET A 478 5.94 -46.61 16.37
N ASP A 479 5.10 -47.47 15.77
CA ASP A 479 5.47 -48.21 14.57
C ASP A 479 5.24 -47.35 13.34
N LEU A 480 6.29 -47.20 12.52
CA LEU A 480 6.28 -46.30 11.38
C LEU A 480 6.09 -47.01 10.04
N ASP A 481 5.99 -48.34 10.03
CA ASP A 481 5.93 -49.05 8.77
C ASP A 481 4.58 -48.81 8.08
N GLY A 482 4.55 -49.09 6.78
CA GLY A 482 3.34 -49.00 5.98
C GLY A 482 3.02 -47.62 5.44
N GLY A 483 3.97 -46.69 5.45
CA GLY A 483 3.69 -45.31 5.11
C GLY A 483 2.73 -44.64 6.06
N ARG A 484 2.85 -44.90 7.36
CA ARG A 484 1.87 -44.44 8.33
C ARG A 484 1.80 -42.91 8.36
N ALA A 485 0.59 -42.38 8.50
CA ALA A 485 0.35 -40.94 8.48
C ALA A 485 0.21 -40.44 9.91
N VAL A 486 1.02 -39.43 10.26
CA VAL A 486 1.04 -38.85 11.60
C VAL A 486 1.10 -37.34 11.45
N ILE A 487 0.24 -36.64 12.20
CA ILE A 487 0.33 -35.18 12.34
C ILE A 487 0.71 -34.89 13.77
N ALA A 488 1.78 -34.10 13.94
CA ALA A 488 2.35 -33.92 15.28
C ALA A 488 2.98 -32.55 15.38
N SER A 489 2.66 -31.83 16.46
CA SER A 489 3.30 -30.55 16.75
C SER A 489 3.62 -30.44 18.23
N TYR A 490 2.78 -29.72 18.99
CA TYR A 490 3.11 -29.35 20.36
C TYR A 490 3.41 -30.57 21.23
N SER A 491 2.48 -31.53 21.28
CA SER A 491 2.63 -32.67 22.19
C SER A 491 3.87 -33.49 21.91
N LEU A 492 4.36 -33.47 20.67
CA LEU A 492 5.62 -34.11 20.32
C LEU A 492 6.78 -33.14 20.42
N SER A 493 6.59 -31.90 19.94
CA SER A 493 7.68 -30.92 19.88
C SER A 493 8.32 -30.73 21.25
N ASN A 494 7.52 -30.64 22.31
CA ASN A 494 8.09 -30.53 23.66
C ASN A 494 7.14 -31.11 24.70
N SER A 495 7.57 -32.20 25.33
CA SER A 495 7.16 -32.63 26.66
C SER A 495 8.41 -32.87 27.49
N SER A 496 9.30 -31.87 27.47
CA SER A 496 10.73 -32.06 27.75
C SER A 496 11.35 -33.06 26.79
N ASN A 497 10.66 -33.33 25.68
CA ASN A 497 11.17 -34.20 24.64
C ASN A 497 12.50 -33.66 24.13
N SER A 498 13.56 -34.44 24.33
CA SER A 498 14.87 -34.03 23.88
C SER A 498 14.84 -33.69 22.40
N LYS A 499 15.40 -32.52 22.06
CA LYS A 499 15.54 -32.15 20.65
C LYS A 499 16.29 -33.21 19.87
N GLU A 500 17.28 -33.86 20.50
CA GLU A 500 17.97 -34.97 19.85
C GLU A 500 17.02 -36.13 19.58
N ARG A 501 16.24 -36.52 20.59
CA ARG A 501 15.38 -37.69 20.45
C ARG A 501 14.25 -37.45 19.45
N VAL A 502 13.78 -36.20 19.33
CA VAL A 502 12.76 -35.87 18.35
C VAL A 502 13.36 -35.89 16.95
N LEU A 503 14.51 -35.23 16.76
CA LEU A 503 15.15 -35.23 15.46
C LEU A 503 15.50 -36.63 14.99
N LYS A 504 15.91 -37.52 15.91
CA LYS A 504 16.19 -38.89 15.51
C LYS A 504 14.91 -39.62 15.12
N PHE A 505 13.83 -39.39 15.86
CA PHE A 505 12.54 -39.98 15.51
C PHE A 505 12.09 -39.55 14.12
N LEU A 506 12.23 -38.26 13.80
CA LEU A 506 11.86 -37.78 12.47
C LEU A 506 12.80 -38.32 11.41
N SER A 507 14.09 -38.44 11.74
CA SER A 507 15.06 -39.03 10.82
C SER A 507 14.68 -40.48 10.49
N ASP A 508 14.29 -41.26 11.49
CA ASP A 508 13.91 -42.65 11.25
C ASP A 508 12.61 -42.74 10.46
N ALA A 509 11.68 -41.80 10.69
CA ALA A 509 10.42 -41.85 9.98
C ALA A 509 10.62 -41.58 8.49
N ASN A 510 11.53 -40.68 8.16
CA ASN A 510 11.84 -40.41 6.75
C ASN A 510 12.47 -41.63 6.09
N LYS A 511 13.40 -42.29 6.79
CA LYS A 511 14.05 -43.47 6.23
C LYS A 511 13.07 -44.63 6.04
N ALA A 512 12.04 -44.72 6.88
CA ALA A 512 11.04 -45.77 6.79
C ALA A 512 9.92 -45.45 5.80
N LYS A 513 10.04 -44.33 5.07
CA LYS A 513 9.06 -43.92 4.06
C LYS A 513 7.68 -43.69 4.68
N ALA A 514 7.69 -43.10 5.88
CA ALA A 514 6.48 -42.77 6.62
C ALA A 514 6.12 -41.32 6.40
N MET A 515 4.87 -40.98 6.70
CA MET A 515 4.34 -39.65 6.45
C MET A 515 4.00 -38.98 7.79
N VAL A 516 5.05 -38.56 8.49
CA VAL A 516 4.90 -37.82 9.74
C VAL A 516 5.02 -36.34 9.41
N VAL A 517 3.89 -35.63 9.38
CA VAL A 517 3.87 -34.18 9.19
C VAL A 517 4.13 -33.50 10.52
N PHE A 518 5.12 -32.61 10.58
CA PHE A 518 5.68 -32.07 11.82
C PHE A 518 5.69 -30.55 11.81
N GLY A 519 5.25 -29.95 12.91
CA GLY A 519 5.26 -28.50 13.04
C GLY A 519 5.85 -28.07 14.36
N ALA A 520 6.55 -26.94 14.33
CA ALA A 520 7.26 -26.43 15.50
C ALA A 520 7.46 -24.94 15.33
N PRO A 521 7.63 -24.21 16.43
CA PRO A 521 7.96 -22.78 16.32
C PRO A 521 9.31 -22.59 15.65
N ASN A 522 9.41 -21.56 14.82
CA ASN A 522 10.67 -21.28 14.13
C ASN A 522 11.53 -20.41 15.05
N THR A 523 12.61 -21.00 15.56
CA THR A 523 13.50 -20.31 16.50
C THR A 523 13.89 -18.92 15.99
N HIS A 524 14.43 -18.87 14.78
CA HIS A 524 15.04 -17.62 14.34
C HIS A 524 14.01 -16.58 13.94
N ARG A 525 12.86 -16.98 13.39
CA ARG A 525 11.80 -16.01 13.11
C ARG A 525 11.26 -15.39 14.39
N LEU A 526 11.00 -16.23 15.41
CA LEU A 526 10.53 -15.72 16.68
C LEU A 526 11.56 -14.76 17.30
N ALA A 527 12.83 -15.15 17.30
CA ALA A 527 13.89 -14.27 17.79
C ALA A 527 13.87 -12.93 17.06
N TYR A 528 13.75 -12.96 15.74
CA TYR A 528 13.77 -11.71 14.98
C TYR A 528 12.56 -10.85 15.31
N ALA A 529 11.40 -11.47 15.48
CA ALA A 529 10.21 -10.71 15.84
C ALA A 529 10.33 -10.08 17.23
N LYS A 530 11.05 -10.74 18.14
CA LYS A 530 11.29 -10.15 19.46
C LYS A 530 12.32 -9.02 19.39
N LYS A 531 13.41 -9.22 18.65
CA LYS A 531 14.47 -8.22 18.59
C LYS A 531 13.97 -6.88 18.05
N VAL A 532 13.17 -6.93 16.97
CA VAL A 532 12.66 -5.70 16.39
C VAL A 532 11.52 -5.09 17.19
N GLY A 533 11.03 -5.80 18.21
CA GLY A 533 10.02 -5.26 19.09
C GLY A 533 8.58 -5.52 18.71
N LEU A 534 8.31 -6.52 17.86
CA LEU A 534 6.93 -6.83 17.54
C LEU A 534 6.30 -7.72 18.60
N VAL A 535 7.05 -8.72 19.06
CA VAL A 535 6.64 -9.61 20.14
C VAL A 535 7.36 -9.16 21.41
N LEU A 536 6.60 -8.92 22.46
CA LEU A 536 7.15 -8.39 23.70
C LEU A 536 7.41 -9.51 24.69
N ASP A 537 8.40 -9.29 25.57
CA ASP A 537 8.77 -10.28 26.57
C ASP A 537 7.60 -10.65 27.47
N SER A 538 6.63 -9.75 27.65
CA SER A 538 5.45 -10.05 28.46
C SER A 538 4.52 -11.04 27.79
N ALA A 539 4.65 -11.24 26.47
CA ALA A 539 3.81 -12.18 25.74
C ALA A 539 4.51 -13.49 25.41
N ILE A 540 5.77 -13.43 24.99
CA ILE A 540 6.54 -14.60 24.61
C ILE A 540 7.99 -14.36 25.03
N LYS A 541 8.53 -15.28 25.84
CA LYS A 541 9.93 -15.25 26.24
C LYS A 541 10.68 -16.38 25.55
N MET A 542 11.99 -16.25 25.48
CA MET A 542 12.81 -17.27 24.84
C MET A 542 14.20 -17.27 25.46
N SER A 543 14.73 -18.46 25.73
CA SER A 543 16.10 -18.65 26.16
C SER A 543 16.71 -19.74 25.30
N LYS A 544 17.58 -19.36 24.37
CA LYS A 544 18.07 -20.24 23.32
C LYS A 544 16.89 -20.80 22.53
N ASP A 545 16.65 -22.12 22.61
CA ASP A 545 15.57 -22.77 21.88
C ASP A 545 14.29 -22.89 22.69
N LEU A 546 14.34 -22.67 24.00
CA LEU A 546 13.19 -22.93 24.86
C LEU A 546 12.28 -21.70 24.87
N ILE A 547 11.01 -21.90 24.55
CA ILE A 547 10.05 -20.82 24.41
C ILE A 547 8.98 -20.97 25.48
N THR A 548 8.60 -19.83 26.09
CA THR A 548 7.48 -19.78 27.01
C THR A 548 6.41 -18.89 26.36
N PHE A 549 5.30 -19.50 25.97
CA PHE A 549 4.23 -18.81 25.27
C PHE A 549 3.18 -18.29 26.23
N SER A 550 2.36 -17.37 25.74
CA SER A 550 1.13 -16.97 26.42
C SER A 550 0.19 -16.38 25.39
N ASN A 551 -1.09 -16.74 25.47
CA ASN A 551 -2.11 -16.11 24.65
C ASN A 551 -2.88 -15.08 25.48
N PRO A 552 -3.62 -14.17 24.85
CA PRO A 552 -4.25 -13.08 25.61
C PRO A 552 -5.24 -13.55 26.68
N THR A 553 -5.54 -14.85 26.77
CA THR A 553 -6.46 -15.35 27.80
C THR A 553 -5.77 -15.56 29.15
N GLY A 554 -4.45 -15.75 29.16
CA GLY A 554 -3.69 -15.92 30.38
C GLY A 554 -2.95 -17.23 30.49
N ARG A 555 -3.28 -18.22 29.65
CA ARG A 555 -2.61 -19.51 29.70
C ARG A 555 -1.19 -19.40 29.18
N ARG A 556 -0.29 -20.16 29.78
CA ARG A 556 1.10 -20.21 29.39
C ARG A 556 1.54 -21.65 29.21
N TRP A 557 2.52 -21.85 28.33
CA TRP A 557 3.01 -23.19 28.06
C TRP A 557 4.40 -23.10 27.44
N ARG A 558 5.16 -24.18 27.59
CA ARG A 558 6.52 -24.30 27.06
C ARG A 558 6.50 -25.00 25.71
N ASP A 559 7.49 -24.67 24.88
CA ASP A 559 7.64 -25.27 23.56
C ASP A 559 9.10 -25.13 23.15
N TYR A 560 9.56 -26.07 22.31
CA TYR A 560 10.91 -26.06 21.80
C TYR A 560 10.90 -25.52 20.37
N GLY A 561 11.83 -24.62 20.06
CA GLY A 561 11.92 -24.05 18.73
C GLY A 561 12.88 -24.84 17.85
N TYR A 562 12.50 -24.99 16.59
CA TYR A 562 13.32 -25.68 15.61
C TYR A 562 13.59 -24.75 14.43
N SER A 563 14.56 -25.12 13.60
CA SER A 563 15.00 -24.33 12.47
C SER A 563 15.09 -25.20 11.23
N GLN A 564 15.06 -24.55 10.07
CA GLN A 564 15.03 -25.25 8.79
C GLN A 564 16.25 -26.15 8.59
N SER A 565 17.42 -25.74 9.07
CA SER A 565 18.62 -26.55 8.86
C SER A 565 18.66 -27.77 9.77
N GLU A 566 18.15 -27.65 11.00
CA GLU A 566 18.07 -28.82 11.87
C GLU A 566 17.21 -29.92 11.26
N LEU A 567 16.08 -29.54 10.66
CA LEU A 567 15.16 -30.51 10.10
C LEU A 567 15.61 -31.03 8.75
N TYR A 568 16.33 -30.24 7.96
CA TYR A 568 16.84 -30.81 6.71
C TYR A 568 17.93 -31.85 6.98
N ASP A 569 18.74 -31.65 8.02
CA ASP A 569 19.71 -32.68 8.37
C ASP A 569 19.04 -33.91 8.95
N ALA A 570 17.76 -33.82 9.33
CA ALA A 570 17.00 -34.98 9.76
C ALA A 570 16.07 -35.49 8.66
N GLY A 571 16.23 -34.99 7.43
CA GLY A 571 15.43 -35.46 6.32
C GLY A 571 14.04 -34.86 6.21
N TYR A 572 13.90 -33.57 6.51
CA TYR A 572 12.60 -32.90 6.49
C TYR A 572 12.71 -31.56 5.80
N VAL A 573 11.73 -31.25 4.95
CA VAL A 573 11.73 -30.06 4.12
C VAL A 573 10.59 -29.14 4.57
N GLU A 574 10.88 -27.85 4.74
CA GLU A 574 9.82 -26.93 5.09
C GLU A 574 8.89 -26.73 3.91
N ILE A 575 7.60 -26.89 4.15
CA ILE A 575 6.56 -26.57 3.19
C ILE A 575 5.58 -25.65 3.89
N THR A 576 5.07 -24.66 3.18
CA THR A 576 4.14 -23.72 3.80
C THR A 576 2.70 -24.23 3.71
N ILE A 577 1.87 -23.71 4.61
CA ILE A 577 0.45 -24.03 4.58
C ILE A 577 -0.18 -23.61 3.26
N ASP A 578 0.25 -22.47 2.73
CA ASP A 578 -0.23 -22.04 1.41
C ASP A 578 0.03 -23.12 0.36
N GLN A 579 1.28 -23.60 0.27
CA GLN A 579 1.61 -24.63 -0.70
C GLN A 579 0.81 -25.91 -0.45
N MET A 580 0.56 -26.24 0.81
CA MET A 580 -0.12 -27.49 1.13
C MET A 580 -1.56 -27.50 0.61
N VAL A 581 -2.30 -26.40 0.80
CA VAL A 581 -3.70 -26.42 0.36
C VAL A 581 -3.78 -26.32 -1.17
N ALA A 582 -2.85 -25.59 -1.79
CA ALA A 582 -2.85 -25.53 -3.26
C ALA A 582 -2.49 -26.89 -3.85
N TYR A 583 -1.46 -27.54 -3.31
CA TYR A 583 -1.11 -28.88 -3.75
C TYR A 583 -2.29 -29.83 -3.61
N SER A 584 -3.07 -29.70 -2.53
CA SER A 584 -4.20 -30.57 -2.23
C SER A 584 -5.52 -30.04 -2.79
N SER A 585 -5.48 -29.08 -3.72
CA SER A 585 -6.70 -28.36 -4.12
C SER A 585 -7.78 -29.31 -4.64
N ASP A 586 -7.40 -30.32 -5.42
CA ASP A 586 -8.38 -31.20 -6.04
C ASP A 586 -8.93 -32.24 -5.06
N VAL A 587 -8.47 -32.23 -3.81
CA VAL A 587 -8.97 -33.14 -2.77
C VAL A 587 -9.51 -32.39 -1.55
N TYR A 588 -9.25 -31.09 -1.42
CA TYR A 588 -9.59 -30.37 -0.20
C TYR A 588 -11.09 -30.22 -0.02
N ASN A 589 -11.56 -30.49 1.18
CA ASN A 589 -12.95 -30.28 1.57
C ASN A 589 -13.02 -29.61 2.93
N GLY A 590 -12.07 -28.73 3.23
CA GLY A 590 -11.96 -28.10 4.53
C GLY A 590 -12.52 -26.70 4.53
N VAL A 591 -12.04 -25.89 5.47
CA VAL A 591 -12.46 -24.51 5.60
C VAL A 591 -11.36 -23.61 5.07
N GLY A 592 -11.74 -22.37 4.74
CA GLY A 592 -10.79 -21.33 4.42
C GLY A 592 -10.59 -20.36 5.57
N TYR A 593 -9.95 -19.23 5.26
CA TYR A 593 -9.71 -18.20 6.26
C TYR A 593 -10.02 -16.83 5.66
N PHE A 594 -10.05 -15.82 6.52
CA PHE A 594 -10.18 -14.44 6.06
C PHE A 594 -8.97 -13.58 6.37
N ALA A 595 -8.26 -13.85 7.45
CA ALA A 595 -7.12 -13.04 7.86
C ALA A 595 -5.94 -13.93 8.15
N ASN A 596 -4.75 -13.43 7.84
CA ASN A 596 -3.52 -14.08 8.29
C ASN A 596 -3.26 -13.71 9.74
N SER A 597 -2.32 -14.43 10.36
CA SER A 597 -2.11 -14.33 11.79
C SER A 597 -0.62 -14.31 12.11
N THR A 598 -0.20 -13.25 12.79
CA THR A 598 1.21 -13.14 13.19
C THR A 598 1.65 -14.34 14.01
N TYR A 599 0.84 -14.77 14.98
CA TYR A 599 1.22 -15.87 15.85
C TYR A 599 1.37 -17.16 15.06
N ASN A 600 0.43 -17.43 14.16
CA ASN A 600 0.53 -18.65 13.35
C ASN A 600 1.73 -18.62 12.42
N ASP A 601 2.16 -17.43 11.98
CA ASP A 601 3.32 -17.36 11.09
C ASP A 601 4.63 -17.67 11.79
N LEU A 602 4.66 -17.64 13.14
CA LEU A 602 5.86 -18.00 13.86
C LEU A 602 6.20 -19.49 13.73
N PHE A 603 5.28 -20.30 13.22
CA PHE A 603 5.45 -21.74 13.16
C PHE A 603 5.78 -22.18 11.73
N SER A 604 6.53 -23.27 11.63
CA SER A 604 6.85 -23.86 10.35
C SER A 604 6.46 -25.32 10.35
N TRP A 605 6.07 -25.80 9.17
CA TRP A 605 5.63 -27.17 8.97
C TRP A 605 6.57 -27.86 7.99
N TYR A 606 6.75 -29.17 8.20
CA TYR A 606 7.76 -29.93 7.48
C TYR A 606 7.20 -31.29 7.07
N ILE A 607 7.69 -31.77 5.93
CA ILE A 607 7.32 -33.09 5.41
C ILE A 607 8.58 -33.87 5.12
N PRO A 608 8.51 -35.19 5.07
CA PRO A 608 9.72 -36.00 4.90
C PRO A 608 10.36 -35.82 3.53
N LYS A 609 11.69 -35.89 3.52
CA LYS A 609 12.47 -35.66 2.30
C LYS A 609 12.15 -36.67 1.21
N TRP A 610 11.79 -37.90 1.59
CA TRP A 610 11.54 -38.93 0.59
C TRP A 610 10.31 -38.62 -0.24
N TYR A 611 9.29 -38.02 0.37
CA TYR A 611 8.07 -37.74 -0.40
C TYR A 611 8.23 -36.51 -1.28
N VAL A 612 9.12 -35.60 -0.91
CA VAL A 612 9.43 -34.47 -1.77
C VAL A 612 10.08 -34.95 -3.07
N HIS A 613 11.13 -35.78 -2.95
CA HIS A 613 11.84 -36.25 -4.13
C HIS A 613 10.96 -37.10 -5.02
N LYS A 614 9.99 -37.80 -4.44
CA LYS A 614 9.15 -38.69 -5.24
C LYS A 614 8.10 -37.93 -6.03
N ARG A 615 7.46 -36.93 -5.41
CA ARG A 615 6.27 -36.34 -5.98
C ARG A 615 6.33 -34.84 -6.24
N MET A 616 7.33 -34.13 -5.74
CA MET A 616 7.26 -32.68 -5.64
C MET A 616 8.39 -31.93 -6.36
N LEU A 617 9.32 -32.63 -7.02
CA LEU A 617 10.42 -31.93 -7.65
C LEU A 617 9.98 -31.12 -8.88
N MET A 618 8.88 -31.50 -9.51
CA MET A 618 8.38 -30.82 -10.71
C MET A 618 7.37 -29.77 -10.27
N GLN A 619 7.85 -28.56 -10.05
CA GLN A 619 7.01 -27.49 -9.51
C GLN A 619 6.08 -26.96 -10.60
N ASP A 620 4.79 -27.14 -10.40
CA ASP A 620 3.78 -26.40 -11.13
C ASP A 620 3.30 -25.27 -10.24
N ILE A 621 2.19 -24.61 -10.62
CA ILE A 621 1.78 -23.44 -9.87
C ILE A 621 1.34 -23.79 -8.45
N ARG A 622 0.92 -25.05 -8.20
CA ARG A 622 0.43 -25.41 -6.87
C ARG A 622 1.52 -25.29 -5.81
N LEU A 623 2.77 -25.59 -6.16
CA LEU A 623 3.90 -25.50 -5.24
C LEU A 623 4.78 -24.28 -5.53
N SER A 624 4.27 -23.31 -6.27
CA SER A 624 5.08 -22.17 -6.63
C SER A 624 5.30 -21.25 -5.43
N PRO A 625 6.46 -20.60 -5.35
CA PRO A 625 6.65 -19.55 -4.35
C PRO A 625 6.30 -18.17 -4.87
N ALA A 626 5.54 -18.13 -5.99
CA ALA A 626 5.23 -16.85 -6.61
C ALA A 626 4.53 -15.89 -5.66
N ALA A 627 3.67 -16.41 -4.76
CA ALA A 627 3.00 -15.49 -3.84
C ALA A 627 3.92 -14.95 -2.74
N LEU A 628 5.22 -15.23 -2.77
CA LEU A 628 6.14 -14.68 -1.78
C LEU A 628 7.40 -14.07 -2.37
N VAL A 629 7.82 -14.43 -3.59
CA VAL A 629 9.10 -14.00 -4.12
C VAL A 629 9.09 -12.60 -4.72
N LYS A 630 7.91 -12.00 -4.89
CA LYS A 630 7.82 -10.71 -5.55
C LYS A 630 7.27 -9.60 -4.68
N CYS A 631 6.36 -9.89 -3.74
CA CYS A 631 5.62 -8.84 -3.05
C CYS A 631 6.44 -8.14 -1.96
N PHE A 632 7.38 -8.84 -1.32
CA PHE A 632 8.24 -8.19 -0.33
C PHE A 632 9.27 -7.28 -1.00
N THR A 633 9.88 -7.76 -2.09
CA THR A 633 10.80 -6.93 -2.84
C THR A 633 10.10 -5.69 -3.38
N THR A 634 8.91 -5.86 -3.94
CA THR A 634 8.20 -4.73 -4.51
C THR A 634 7.87 -3.70 -3.44
N LEU A 635 7.39 -4.16 -2.28
CA LEU A 635 7.08 -3.25 -1.18
C LEU A 635 8.33 -2.47 -0.75
N ILE A 636 9.46 -3.15 -0.60
CA ILE A 636 10.67 -2.46 -0.17
C ILE A 636 11.12 -1.45 -1.22
N ARG A 637 11.04 -1.82 -2.50
CA ARG A 637 11.46 -0.90 -3.54
C ARG A 637 10.59 0.35 -3.56
N ASN A 638 9.31 0.23 -3.21
CA ASN A 638 8.44 1.40 -3.18
C ASN A 638 8.77 2.32 -2.01
N ILE A 639 9.11 1.73 -0.86
CA ILE A 639 9.43 2.55 0.31
C ILE A 639 10.80 3.20 0.16
N CYS A 640 11.73 2.54 -0.50
CA CYS A 640 13.13 2.94 -0.48
C CYS A 640 13.58 3.57 -1.78
N TYR A 641 12.66 3.83 -2.71
CA TYR A 641 12.94 4.50 -3.97
C TYR A 641 14.01 3.73 -4.75
N VAL A 642 13.71 2.46 -5.02
CA VAL A 642 14.60 1.59 -5.78
C VAL A 642 14.03 1.39 -7.17
N PRO A 643 14.52 2.09 -8.19
CA PRO A 643 14.04 1.85 -9.55
C PRO A 643 14.31 0.42 -10.00
N HIS A 644 13.51 -0.01 -10.98
CA HIS A 644 13.54 -1.40 -11.43
C HIS A 644 14.93 -1.81 -11.92
N GLU A 645 15.52 -1.02 -12.84
CA GLU A 645 16.86 -1.34 -13.30
C GLU A 645 17.90 -1.12 -12.22
N THR A 646 17.68 -0.16 -11.33
CA THR A 646 18.62 0.07 -10.23
C THR A 646 18.71 -1.15 -9.32
N TYR A 647 17.60 -1.87 -9.14
CA TYR A 647 17.63 -3.09 -8.34
C TYR A 647 18.60 -4.11 -8.92
N TYR A 648 18.59 -4.28 -10.24
CA TYR A 648 19.50 -5.23 -10.86
C TYR A 648 20.95 -4.74 -10.85
N ARG A 649 21.15 -3.42 -10.90
CA ARG A 649 22.50 -2.87 -10.72
C ARG A 649 23.04 -3.23 -9.34
N PHE A 650 22.18 -3.21 -8.32
CA PHE A 650 22.62 -3.51 -6.97
C PHE A 650 23.10 -4.94 -6.84
N ARG A 651 22.40 -5.88 -7.50
CA ARG A 651 22.83 -7.27 -7.45
C ARG A 651 24.23 -7.45 -8.05
N GLY A 652 24.54 -6.70 -9.11
CA GLY A 652 25.89 -6.74 -9.65
C GLY A 652 26.92 -6.15 -8.71
N ILE A 653 26.60 -5.02 -8.09
CA ILE A 653 27.53 -4.38 -7.16
C ILE A 653 27.82 -5.28 -5.96
N LEU A 654 26.80 -5.99 -5.47
CA LEU A 654 27.01 -6.91 -4.36
C LEU A 654 27.84 -8.12 -4.78
N VAL A 655 27.69 -8.58 -6.02
CA VAL A 655 28.56 -9.64 -6.51
C VAL A 655 29.99 -9.12 -6.63
N ASP A 656 30.15 -7.87 -7.10
CA ASP A 656 31.49 -7.30 -7.23
C ASP A 656 32.18 -7.20 -5.88
N LYS A 657 31.45 -6.74 -4.86
CA LYS A 657 32.03 -6.66 -3.52
C LYS A 657 32.36 -8.05 -2.97
N TYR A 658 31.49 -9.04 -3.24
CA TYR A 658 31.75 -10.37 -2.72
C TYR A 658 32.99 -10.99 -3.36
N LEU A 659 33.10 -10.91 -4.68
CA LEU A 659 34.23 -11.52 -5.38
C LEU A 659 35.55 -10.87 -4.96
N ARG A 660 35.54 -9.56 -4.76
CA ARG A 660 36.73 -8.87 -4.27
C ARG A 660 37.10 -9.35 -2.88
N SER A 661 36.10 -9.62 -2.03
CA SER A 661 36.37 -10.09 -0.68
C SER A 661 36.90 -11.52 -0.66
N LYS A 662 36.66 -12.29 -1.73
CA LYS A 662 37.28 -13.60 -1.89
C LYS A 662 38.56 -13.53 -2.71
N ASN A 663 39.12 -12.33 -2.88
CA ASN A 663 40.42 -12.12 -3.53
C ASN A 663 40.43 -12.65 -4.96
N VAL A 664 39.31 -12.44 -5.66
CA VAL A 664 39.27 -12.60 -7.11
C VAL A 664 39.72 -11.29 -7.75
N ASP A 665 40.46 -11.38 -8.83
CA ASP A 665 40.96 -10.15 -9.44
C ASP A 665 39.89 -9.54 -10.34
N PRO A 666 39.56 -8.26 -10.18
CA PRO A 666 38.47 -7.66 -10.96
C PRO A 666 38.64 -7.78 -12.47
N SER A 667 39.87 -7.93 -12.96
CA SER A 667 40.12 -8.04 -14.38
C SER A 667 39.56 -9.32 -14.98
N GLN A 668 39.12 -10.27 -14.16
CA GLN A 668 38.63 -11.54 -14.65
C GLN A 668 37.13 -11.55 -14.94
N TYR A 669 36.41 -10.50 -14.53
CA TYR A 669 34.97 -10.42 -14.78
C TYR A 669 34.63 -8.97 -15.12
N SER A 670 33.43 -8.79 -15.67
CA SER A 670 32.89 -7.48 -16.02
C SER A 670 31.47 -7.39 -15.49
N ILE A 671 31.24 -6.50 -14.53
CA ILE A 671 29.92 -6.36 -13.93
C ILE A 671 28.99 -5.64 -14.91
N VAL A 672 27.86 -6.28 -15.21
CA VAL A 672 26.83 -5.70 -16.07
C VAL A 672 25.66 -5.18 -15.25
N GLY A 673 25.12 -6.02 -14.37
CA GLY A 673 24.05 -5.59 -13.47
C GLY A 673 22.70 -5.42 -14.13
N SER A 674 22.33 -6.31 -15.05
CA SER A 674 21.08 -6.26 -15.78
C SER A 674 20.11 -7.32 -15.26
N GLY A 675 18.92 -7.34 -15.84
CA GLY A 675 17.94 -8.37 -15.52
C GLY A 675 18.25 -9.71 -16.13
N SER A 676 19.09 -9.75 -17.16
CA SER A 676 19.48 -11.00 -17.81
C SER A 676 20.92 -11.41 -17.54
N LYS A 677 21.80 -10.48 -17.18
CA LYS A 677 23.20 -10.78 -16.94
C LYS A 677 23.68 -10.06 -15.70
N THR A 678 24.14 -10.82 -14.70
CA THR A 678 24.79 -10.20 -13.55
C THR A 678 26.21 -9.75 -13.91
N PHE A 679 27.00 -10.64 -14.52
CA PHE A 679 28.35 -10.28 -14.94
C PHE A 679 28.83 -11.27 -15.98
N THR A 680 29.77 -10.81 -16.79
CA THR A 680 30.41 -11.64 -17.81
C THR A 680 31.80 -12.05 -17.34
N VAL A 681 32.18 -13.28 -17.64
CA VAL A 681 33.47 -13.82 -17.24
C VAL A 681 34.49 -13.55 -18.34
N LEU A 682 35.63 -12.96 -17.95
CA LEU A 682 36.73 -12.68 -18.87
C LEU A 682 37.78 -13.79 -18.83
N SER A 683 38.33 -14.08 -17.67
CA SER A 683 39.26 -15.19 -17.47
C SER A 683 38.61 -16.23 -16.56
N HIS A 684 38.93 -17.51 -16.83
CA HIS A 684 38.43 -18.59 -15.98
C HIS A 684 38.93 -18.41 -14.56
N PHE A 685 38.04 -18.57 -13.58
CA PHE A 685 38.42 -18.49 -12.18
C PHE A 685 37.50 -19.38 -11.36
N GLU A 686 37.90 -19.62 -10.11
CA GLU A 686 37.16 -20.46 -9.18
C GLU A 686 37.06 -19.77 -7.83
N VAL A 687 35.98 -20.08 -7.11
CA VAL A 687 35.71 -19.46 -5.82
C VAL A 687 35.51 -20.56 -4.78
N PRO A 688 36.19 -20.48 -3.62
CA PRO A 688 36.02 -21.52 -2.59
C PRO A 688 34.58 -21.58 -2.08
N HIS A 689 34.08 -22.80 -1.96
CA HIS A 689 32.75 -23.02 -1.43
C HIS A 689 32.69 -24.38 -0.75
N GLU A 690 31.83 -24.49 0.26
CA GLU A 690 31.71 -25.74 1.02
C GLU A 690 31.14 -26.86 0.15
N CYS A 691 30.35 -26.53 -0.86
CA CYS A 691 29.83 -27.53 -1.78
C CYS A 691 30.78 -27.72 -2.96
N GLY A 692 32.08 -27.62 -2.71
CA GLY A 692 33.06 -27.66 -3.75
C GLY A 692 33.19 -26.30 -4.43
N PRO A 693 34.31 -26.07 -5.10
CA PRO A 693 34.53 -24.74 -5.70
C PRO A 693 33.54 -24.46 -6.82
N LEU A 694 33.24 -23.18 -7.00
CA LEU A 694 32.37 -22.71 -8.07
C LEU A 694 33.22 -22.39 -9.29
N VAL A 695 32.89 -23.02 -10.42
CA VAL A 695 33.69 -22.93 -11.64
C VAL A 695 32.97 -22.00 -12.63
N PHE A 696 33.65 -20.93 -13.04
CA PHE A 696 33.17 -20.03 -14.06
C PHE A 696 34.10 -20.12 -15.26
N GLU A 697 33.58 -20.62 -16.38
CA GLU A 697 34.39 -20.70 -17.59
C GLU A 697 34.49 -19.32 -18.24
N ALA A 698 35.60 -19.09 -18.93
CA ALA A 698 35.83 -17.79 -19.55
C ALA A 698 34.87 -17.61 -20.74
N SER A 699 34.52 -16.34 -20.98
CA SER A 699 33.59 -15.95 -22.05
C SER A 699 32.22 -16.59 -21.85
N THR A 700 31.69 -16.47 -20.64
CA THR A 700 30.36 -16.95 -20.31
C THR A 700 29.58 -15.84 -19.59
N ASP A 701 28.27 -16.02 -19.55
CA ASP A 701 27.37 -15.09 -18.85
C ASP A 701 26.85 -15.77 -17.59
N VAL A 702 26.85 -15.02 -16.48
CA VAL A 702 26.38 -15.52 -15.19
C VAL A 702 25.20 -14.66 -14.74
N ASN A 703 24.10 -15.32 -14.44
CA ASN A 703 22.87 -14.68 -13.97
C ASN A 703 22.45 -15.36 -12.68
N ILE A 704 22.62 -14.68 -11.54
CA ILE A 704 22.37 -15.32 -10.26
C ILE A 704 20.88 -15.35 -9.96
N SER A 705 20.51 -16.20 -9.00
CA SER A 705 19.11 -16.47 -8.71
C SER A 705 18.51 -15.37 -7.85
N GLY A 706 17.53 -14.66 -8.41
CA GLY A 706 16.78 -13.69 -7.63
C GLY A 706 15.76 -14.30 -6.71
N HIS A 707 15.25 -15.50 -7.04
CA HIS A 707 14.31 -16.17 -6.15
C HIS A 707 14.94 -16.41 -4.79
N LEU A 708 16.21 -16.83 -4.76
CA LEU A 708 16.87 -17.09 -3.48
C LEU A 708 16.95 -15.82 -2.64
N LEU A 709 17.38 -14.72 -3.26
CA LEU A 709 17.55 -13.47 -2.51
C LEU A 709 16.22 -12.98 -1.93
N SER A 710 15.18 -12.92 -2.76
CA SER A 710 13.94 -12.34 -2.29
C SER A 710 13.25 -13.25 -1.27
N LEU A 711 13.48 -14.56 -1.37
CA LEU A 711 12.94 -15.48 -0.36
C LEU A 711 13.69 -15.35 0.97
N ALA A 712 14.94 -14.90 0.94
CA ALA A 712 15.65 -14.65 2.20
C ALA A 712 14.99 -13.52 2.98
N ILE A 713 14.61 -12.44 2.28
CA ILE A 713 13.82 -11.38 2.90
C ILE A 713 12.50 -11.93 3.43
N ALA A 714 11.84 -12.78 2.63
CA ALA A 714 10.52 -13.25 3.00
C ALA A 714 10.57 -14.13 4.24
N ALA A 715 11.64 -14.92 4.37
CA ALA A 715 11.81 -15.81 5.51
C ALA A 715 11.94 -15.07 6.83
N HIS A 716 12.14 -13.74 6.80
CA HIS A 716 12.17 -12.96 8.03
C HIS A 716 10.79 -12.77 8.64
N PHE A 717 9.73 -12.87 7.84
CA PHE A 717 8.40 -12.47 8.27
C PHE A 717 7.37 -13.60 8.26
N VAL A 718 7.46 -14.55 7.32
CA VAL A 718 6.51 -15.64 7.23
C VAL A 718 7.28 -16.93 6.97
N ALA A 719 6.57 -18.04 7.03
CA ALA A 719 7.17 -19.33 6.71
C ALA A 719 7.70 -19.32 5.28
N SER A 720 8.86 -19.95 5.06
CA SER A 720 9.48 -19.78 3.75
C SER A 720 9.45 -21.09 2.97
N PRO A 721 9.10 -21.06 1.70
CA PRO A 721 9.24 -22.25 0.86
C PRO A 721 10.65 -22.41 0.31
N MET A 722 11.64 -21.87 1.02
CA MET A 722 13.00 -21.77 0.48
C MET A 722 13.62 -23.13 0.23
N ILE A 723 13.42 -24.08 1.15
CA ILE A 723 14.08 -25.38 0.99
C ILE A 723 13.35 -26.22 -0.05
N LEU A 724 12.02 -26.12 -0.10
CA LEU A 724 11.28 -26.82 -1.15
C LEU A 724 11.59 -26.24 -2.51
N TRP A 725 11.73 -24.91 -2.60
CA TRP A 725 12.12 -24.30 -3.85
C TRP A 725 13.52 -24.71 -4.26
N ALA A 726 14.44 -24.79 -3.29
CA ALA A 726 15.81 -25.17 -3.61
C ALA A 726 15.89 -26.57 -4.21
N GLU A 727 15.05 -27.48 -3.72
CA GLU A 727 15.04 -28.84 -4.27
C GLU A 727 14.50 -28.86 -5.70
N GLN A 728 13.51 -28.02 -5.98
CA GLN A 728 12.99 -27.92 -7.33
C GLN A 728 13.95 -27.17 -8.25
N MET A 729 14.75 -26.26 -7.69
CA MET A 729 15.76 -25.57 -8.48
C MET A 729 16.86 -26.54 -8.92
N LYS A 730 17.36 -27.36 -7.99
CA LYS A 730 18.34 -28.37 -8.35
C LYS A 730 17.80 -29.30 -9.43
N TYR A 731 16.54 -29.71 -9.32
CA TYR A 731 15.91 -30.55 -10.33
C TYR A 731 15.90 -29.85 -11.69
N MET A 732 15.63 -28.54 -11.70
CA MET A 732 15.57 -27.76 -12.93
C MET A 732 16.93 -27.22 -13.35
N ALA A 733 18.01 -27.94 -13.03
CA ALA A 733 19.32 -27.58 -13.55
C ALA A 733 19.48 -27.98 -15.00
N VAL A 734 18.62 -28.86 -15.52
CA VAL A 734 18.60 -29.25 -16.92
C VAL A 734 17.17 -29.11 -17.42
N ASP A 735 17.02 -29.14 -18.75
CA ASP A 735 15.69 -29.08 -19.34
C ASP A 735 14.88 -30.30 -18.94
N ARG A 736 13.60 -30.08 -18.67
CA ARG A 736 12.70 -31.16 -18.31
C ARG A 736 11.50 -31.16 -19.25
N MET A 737 10.82 -32.30 -19.28
CA MET A 737 9.60 -32.44 -20.06
C MET A 737 8.39 -32.16 -19.19
N LEU A 738 7.35 -31.59 -19.80
CA LEU A 738 6.08 -31.37 -19.10
C LEU A 738 5.36 -32.69 -18.86
N PRO A 739 5.00 -33.02 -17.63
CA PRO A 739 4.28 -34.26 -17.35
C PRO A 739 2.98 -34.33 -18.14
N PRO A 740 2.68 -35.47 -18.75
CA PRO A 740 1.50 -35.55 -19.62
C PRO A 740 0.18 -35.70 -18.88
N ASN A 741 0.20 -36.16 -17.63
CA ASN A 741 -1.02 -36.39 -16.86
C ASN A 741 -1.56 -35.13 -16.18
N LEU A 742 -0.80 -34.04 -16.19
CA LEU A 742 -1.23 -32.79 -15.57
C LEU A 742 -1.74 -31.82 -16.62
N ASP A 743 -2.64 -30.93 -16.20
CA ASP A 743 -3.16 -29.91 -17.10
C ASP A 743 -2.07 -28.90 -17.45
N LYS A 744 -2.01 -28.54 -18.72
CA LYS A 744 -0.96 -27.64 -19.20
C LYS A 744 -1.03 -26.28 -18.50
N SER A 745 -2.24 -25.79 -18.23
CA SER A 745 -2.37 -24.45 -17.66
C SER A 745 -1.77 -24.33 -16.26
N LEU A 746 -1.55 -25.45 -15.56
CA LEU A 746 -0.86 -25.40 -14.28
C LEU A 746 0.59 -24.94 -14.41
N PHE A 747 1.12 -24.83 -15.64
CA PHE A 747 2.53 -24.49 -15.85
C PHE A 747 2.71 -23.13 -16.51
N PHE A 748 1.72 -22.24 -16.42
CA PHE A 748 1.81 -20.96 -17.12
C PHE A 748 3.00 -20.12 -16.67
N ASP A 749 3.54 -20.40 -15.49
CA ASP A 749 4.68 -19.68 -14.95
C ASP A 749 5.98 -20.47 -15.07
N ASN A 750 5.98 -21.56 -15.82
CA ASN A 750 7.20 -22.30 -16.13
C ASN A 750 7.63 -21.93 -17.55
N LYS A 751 8.80 -21.31 -17.68
CA LYS A 751 9.24 -20.88 -19.00
C LYS A 751 9.57 -22.10 -19.86
N VAL A 752 9.46 -21.92 -21.18
CA VAL A 752 9.40 -23.02 -22.12
C VAL A 752 10.43 -22.78 -23.23
N THR A 753 11.18 -23.84 -23.57
CA THR A 753 12.13 -23.76 -24.66
C THR A 753 11.41 -23.57 -25.98
N PRO A 754 12.14 -23.15 -27.04
CA PRO A 754 11.50 -23.08 -28.36
C PRO A 754 10.90 -24.40 -28.83
N SER A 755 11.38 -25.53 -28.30
CA SER A 755 10.87 -26.84 -28.68
C SER A 755 9.72 -27.31 -27.81
N GLY A 756 9.24 -26.50 -26.86
CA GLY A 756 8.10 -26.85 -26.05
C GLY A 756 8.40 -27.55 -24.74
N ALA A 757 9.66 -27.76 -24.39
CA ALA A 757 10.03 -28.33 -23.12
C ALA A 757 10.22 -27.25 -22.05
N LEU A 758 10.27 -27.71 -20.80
CA LEU A 758 10.55 -26.82 -19.67
C LEU A 758 12.02 -26.41 -19.68
N GLN A 759 12.28 -25.11 -19.76
CA GLN A 759 13.64 -24.61 -19.81
C GLN A 759 14.29 -24.65 -18.43
N ARG A 760 15.59 -24.99 -18.41
CA ARG A 760 16.37 -24.97 -17.18
C ARG A 760 16.32 -23.59 -16.54
N TRP A 761 16.38 -23.57 -15.21
CA TRP A 761 16.26 -22.30 -14.47
C TRP A 761 17.63 -21.68 -14.24
N HIS A 762 18.48 -22.33 -13.45
CA HIS A 762 19.77 -21.78 -13.10
C HIS A 762 20.79 -22.89 -12.95
N SER A 763 22.04 -22.54 -13.13
CA SER A 763 23.12 -23.47 -12.86
C SER A 763 23.41 -23.50 -11.37
N ARG A 764 24.20 -24.50 -10.97
CA ARG A 764 24.56 -24.64 -9.56
C ARG A 764 25.40 -23.45 -9.09
N GLU A 765 26.30 -22.96 -9.93
CA GLU A 765 27.10 -21.79 -9.57
C GLU A 765 26.23 -20.56 -9.40
N GLU A 766 25.24 -20.38 -10.28
CA GLU A 766 24.39 -19.20 -10.19
C GLU A 766 23.53 -19.22 -8.94
N VAL A 767 23.16 -20.40 -8.44
CA VAL A 767 22.38 -20.48 -7.22
C VAL A 767 23.23 -20.21 -6.00
N LEU A 768 24.34 -20.94 -5.86
CA LEU A 768 25.16 -20.84 -4.67
C LEU A 768 25.86 -19.50 -4.56
N LEU A 769 26.10 -18.83 -5.69
CA LEU A 769 26.60 -17.47 -5.62
C LEU A 769 25.59 -16.55 -4.94
N ALA A 770 24.31 -16.68 -5.30
CA ALA A 770 23.28 -15.90 -4.64
C ALA A 770 23.25 -16.18 -3.14
N ALA A 771 23.52 -17.42 -2.75
CA ALA A 771 23.56 -17.76 -1.33
C ALA A 771 24.70 -17.03 -0.62
N GLU A 772 25.79 -16.76 -1.32
CA GLU A 772 26.95 -16.13 -0.68
C GLU A 772 26.76 -14.62 -0.52
N ILE A 773 26.13 -13.97 -1.50
CA ILE A 773 25.80 -12.55 -1.35
C ILE A 773 24.51 -12.34 -0.58
N CYS A 774 23.85 -13.44 -0.20
CA CYS A 774 22.52 -13.37 0.41
C CYS A 774 22.54 -12.54 1.70
N GLU A 775 23.56 -12.73 2.54
CA GLU A 775 23.66 -11.98 3.78
C GLU A 775 23.76 -10.48 3.50
N SER A 776 24.69 -10.08 2.63
CA SER A 776 24.87 -8.66 2.36
C SER A 776 23.67 -8.08 1.61
N TYR A 777 22.92 -8.92 0.88
CA TYR A 777 21.71 -8.45 0.22
C TYR A 777 20.65 -8.06 1.24
N ALA A 778 20.42 -8.91 2.24
CA ALA A 778 19.45 -8.59 3.27
C ALA A 778 19.91 -7.41 4.11
N ALA A 779 21.21 -7.34 4.43
CA ALA A 779 21.72 -6.18 5.14
C ALA A 779 21.48 -4.89 4.37
N MET A 780 21.56 -4.95 3.04
CA MET A 780 21.26 -3.77 2.23
C MET A 780 19.78 -3.45 2.25
N MET A 781 18.93 -4.45 1.98
CA MET A 781 17.50 -4.19 1.86
C MET A 781 16.90 -3.78 3.19
N LEU A 782 17.38 -4.32 4.29
CA LEU A 782 16.79 -4.09 5.59
C LEU A 782 17.63 -3.16 6.47
N ASN A 783 18.54 -2.40 5.88
CA ASN A 783 19.30 -1.37 6.60
C ASN A 783 20.02 -1.96 7.82
N ASN A 784 20.63 -3.13 7.63
CA ASN A 784 21.36 -3.85 8.68
C ASN A 784 20.46 -4.28 9.84
N LYS A 785 19.14 -4.08 9.75
CA LYS A 785 18.19 -4.58 10.72
C LYS A 785 17.67 -5.97 10.35
N HIS A 786 18.47 -6.74 9.62
CA HIS A 786 18.14 -8.10 9.23
C HIS A 786 18.57 -9.07 10.33
N SER A 787 18.32 -10.36 10.11
CA SER A 787 18.73 -11.41 11.05
C SER A 787 19.78 -12.32 10.44
N PRO A 788 21.05 -12.21 10.83
CA PRO A 788 22.04 -13.18 10.35
C PRO A 788 21.68 -14.62 10.66
N ASP A 789 20.97 -14.87 11.77
CA ASP A 789 20.54 -16.23 12.10
C ASP A 789 19.65 -16.81 11.03
N ILE A 790 18.66 -16.04 10.59
CA ILE A 790 17.72 -16.55 9.58
C ILE A 790 18.45 -16.79 8.26
N ILE A 791 19.35 -15.88 7.88
CA ILE A 791 20.15 -16.08 6.68
C ILE A 791 20.99 -17.34 6.82
N GLY A 792 21.64 -17.51 7.97
CA GLY A 792 22.59 -18.60 8.14
C GLY A 792 21.93 -19.97 8.10
N THR A 793 20.79 -20.12 8.77
CA THR A 793 20.10 -21.40 8.74
C THR A 793 19.62 -21.74 7.33
N LEU A 794 19.18 -20.74 6.56
CA LEU A 794 18.81 -20.99 5.17
C LEU A 794 20.05 -21.31 4.35
N LYS A 795 21.05 -20.42 4.39
CA LYS A 795 22.34 -20.67 3.74
C LYS A 795 22.84 -22.07 4.03
N SER A 796 22.89 -22.47 5.30
CA SER A 796 23.32 -23.82 5.65
C SER A 796 22.40 -24.90 5.09
N ALA A 797 21.13 -24.59 4.83
CA ALA A 797 20.22 -25.57 4.25
C ALA A 797 20.34 -25.64 2.72
N ILE A 798 20.58 -24.51 2.06
CA ILE A 798 20.86 -24.55 0.63
C ILE A 798 22.10 -25.39 0.35
N ASN A 799 23.11 -25.28 1.22
CA ASN A 799 24.34 -26.06 1.03
C ASN A 799 24.08 -27.56 1.12
N LEU A 800 23.22 -27.97 2.06
CA LEU A 800 22.90 -29.39 2.19
C LEU A 800 22.11 -29.90 0.99
N VAL A 801 21.24 -29.06 0.43
CA VAL A 801 20.47 -29.46 -0.74
C VAL A 801 21.39 -29.73 -1.92
N PHE A 802 22.39 -28.86 -2.11
CA PHE A 802 23.36 -28.99 -3.19
C PHE A 802 24.63 -29.74 -2.77
N LYS A 803 24.54 -30.60 -1.77
CA LYS A 803 25.73 -31.24 -1.22
C LYS A 803 26.41 -32.10 -2.27
N ILE A 804 27.74 -32.11 -2.24
CA ILE A 804 28.54 -32.80 -3.25
C ILE A 804 29.10 -34.10 -2.69
N ASP B 8 -10.44 -5.06 20.87
CA ASP B 8 -11.66 -5.80 20.58
C ASP B 8 -11.40 -7.00 19.66
N TYR B 9 -12.39 -7.88 19.56
CA TYR B 9 -12.37 -8.98 18.62
C TYR B 9 -13.49 -8.79 17.60
N CYS B 10 -13.61 -7.60 17.04
CA CYS B 10 -14.65 -7.29 16.07
C CYS B 10 -14.05 -6.50 14.92
N ILE B 11 -14.69 -6.62 13.76
CA ILE B 11 -14.40 -5.75 12.62
C ILE B 11 -15.67 -4.99 12.24
N PRO B 12 -15.58 -3.72 11.82
CA PRO B 12 -14.35 -2.93 11.70
C PRO B 12 -13.64 -2.70 13.04
N ASN B 13 -12.31 -2.68 13.00
CA ASN B 13 -11.50 -2.49 14.19
C ASN B 13 -10.64 -1.25 14.06
N PHE B 14 -10.88 -0.28 14.94
CA PHE B 14 -10.02 0.88 15.08
C PHE B 14 -9.19 0.87 16.35
N SER B 15 -9.62 0.13 17.38
CA SER B 15 -8.96 0.18 18.68
C SER B 15 -7.60 -0.53 18.67
N GLN B 16 -7.48 -1.61 17.90
CA GLN B 16 -6.22 -2.35 17.83
C GLN B 16 -5.40 -2.02 16.60
N THR B 17 -5.95 -1.27 15.64
CA THR B 17 -5.25 -1.01 14.40
C THR B 17 -4.75 0.42 14.24
N VAL B 18 -5.30 1.37 15.01
CA VAL B 18 -4.93 2.78 14.90
C VAL B 18 -4.44 3.24 16.26
N ASN B 19 -3.13 3.23 16.47
CA ASN B 19 -2.51 3.89 17.59
C ASN B 19 -1.58 4.99 17.06
N GLU B 20 -0.71 5.51 17.93
CA GLU B 20 0.18 6.59 17.49
C GLU B 20 1.12 6.12 16.39
N ARG B 21 1.60 4.88 16.48
CA ARG B 21 2.44 4.36 15.42
C ARG B 21 1.72 4.36 14.08
N THR B 22 0.43 4.00 14.08
CA THR B 22 -0.33 4.02 12.82
C THR B 22 -0.46 5.44 12.28
N ILE B 23 -0.62 6.42 13.16
CA ILE B 23 -0.66 7.82 12.72
C ILE B 23 0.68 8.21 12.10
N ILE B 24 1.78 7.81 12.73
CA ILE B 24 3.11 8.09 12.19
C ILE B 24 3.23 7.56 10.78
N ASP B 25 2.78 6.33 10.55
CA ASP B 25 2.88 5.73 9.23
C ASP B 25 2.06 6.49 8.20
N ILE B 26 0.88 6.97 8.59
CA ILE B 26 0.07 7.76 7.66
C ILE B 26 0.84 9.01 7.24
N PHE B 27 1.49 9.68 8.19
CA PHE B 27 2.32 10.83 7.88
C PHE B 27 3.44 10.45 6.92
N THR B 28 4.09 9.30 7.16
CA THR B 28 5.13 8.81 6.28
C THR B 28 4.58 8.58 4.87
N ILE B 29 3.52 7.79 4.75
CA ILE B 29 2.89 7.48 3.47
C ILE B 29 2.53 8.73 2.69
N CYS B 30 2.21 9.82 3.40
CA CYS B 30 1.93 11.09 2.73
C CYS B 30 3.11 11.60 1.91
N ARG B 31 4.34 11.19 2.23
CA ARG B 31 5.46 11.58 1.39
C ARG B 31 5.39 10.94 0.01
N TYR B 32 4.57 9.90 -0.14
CA TYR B 32 4.42 9.15 -1.38
C TYR B 32 3.06 9.40 -2.05
N ARG B 33 2.37 10.49 -1.69
CA ARG B 33 1.00 10.71 -2.18
C ARG B 33 0.93 11.22 -3.63
N SER B 34 1.99 11.08 -4.43
CA SER B 34 1.98 11.51 -5.82
C SER B 34 2.54 10.41 -6.73
N PRO B 35 1.86 9.28 -6.81
CA PRO B 35 2.37 8.15 -7.60
C PRO B 35 1.96 8.13 -9.08
N LEU B 36 1.25 9.14 -9.58
CA LEU B 36 0.61 9.05 -10.89
C LEU B 36 1.49 9.60 -12.00
N VAL B 37 1.44 8.92 -13.15
CA VAL B 37 2.01 9.41 -14.41
C VAL B 37 0.90 9.39 -15.45
N VAL B 38 0.70 10.51 -16.14
CA VAL B 38 -0.22 10.59 -17.28
C VAL B 38 0.62 10.72 -18.54
N PHE B 39 0.54 9.71 -19.41
CA PHE B 39 1.37 9.57 -20.60
C PHE B 39 0.47 9.59 -21.82
N CYS B 40 0.65 10.59 -22.69
CA CYS B 40 -0.18 10.74 -23.88
C CYS B 40 0.60 10.32 -25.12
N LEU B 41 0.04 9.38 -25.88
CA LEU B 41 0.64 8.89 -27.12
C LEU B 41 -0.46 8.38 -28.02
N SER B 42 -0.17 8.29 -29.32
CA SER B 42 -1.21 8.04 -30.32
C SER B 42 -1.30 6.58 -30.76
N HIS B 43 -0.58 5.66 -30.12
CA HIS B 43 -0.43 4.31 -30.65
C HIS B 43 -0.87 3.30 -29.60
N ASN B 44 -2.06 2.72 -29.81
CA ASN B 44 -2.72 1.99 -28.74
C ASN B 44 -2.04 0.66 -28.45
N GLU B 45 -1.57 -0.03 -29.49
CA GLU B 45 -0.88 -1.30 -29.26
C GLU B 45 0.47 -1.08 -28.60
N LEU B 46 1.07 0.09 -28.79
CA LEU B 46 2.31 0.41 -28.08
C LEU B 46 2.03 0.74 -26.62
N ALA B 47 0.94 1.48 -26.35
CA ALA B 47 0.52 1.68 -24.97
C ALA B 47 0.25 0.36 -24.28
N LYS B 48 -0.47 -0.54 -24.95
CA LYS B 48 -0.78 -1.84 -24.35
C LYS B 48 0.49 -2.63 -24.06
N LYS B 49 1.51 -2.52 -24.91
CA LYS B 49 2.74 -3.28 -24.71
C LYS B 49 3.50 -2.80 -23.49
N TYR B 50 3.60 -1.48 -23.30
CA TYR B 50 4.33 -1.00 -22.14
C TYR B 50 3.48 -1.03 -20.87
N ALA B 51 2.16 -0.91 -20.99
CA ALA B 51 1.31 -1.12 -19.82
C ALA B 51 1.52 -2.52 -19.25
N GLN B 52 1.72 -3.51 -20.12
CA GLN B 52 2.03 -4.86 -19.65
C GLN B 52 3.43 -4.94 -19.05
N ASP B 53 4.41 -4.30 -19.68
CA ASP B 53 5.79 -4.42 -19.22
C ASP B 53 5.98 -3.80 -17.84
N VAL B 54 5.32 -2.67 -17.58
CA VAL B 54 5.59 -1.98 -16.32
C VAL B 54 4.82 -2.61 -15.16
N SER B 55 3.62 -3.16 -15.42
CA SER B 55 2.87 -3.80 -14.35
C SER B 55 3.44 -5.17 -14.02
N MET B 56 3.86 -5.94 -15.03
CA MET B 56 4.42 -7.26 -14.76
C MET B 56 5.72 -7.18 -13.97
N SER B 57 6.54 -6.17 -14.23
CA SER B 57 7.85 -6.07 -13.59
C SER B 57 7.82 -5.36 -12.25
N SER B 58 6.99 -4.32 -12.09
CA SER B 58 7.03 -3.53 -10.87
C SER B 58 5.68 -3.38 -10.16
N GLY B 59 4.60 -3.92 -10.71
CA GLY B 59 3.32 -3.83 -10.06
C GLY B 59 2.58 -2.54 -10.28
N THR B 60 3.09 -1.66 -11.15
CA THR B 60 2.41 -0.42 -11.48
C THR B 60 0.99 -0.71 -11.96
N HIS B 61 0.03 0.07 -11.45
CA HIS B 61 -1.35 -0.02 -11.93
C HIS B 61 -1.48 0.83 -13.19
N VAL B 62 -2.03 0.24 -14.26
CA VAL B 62 -2.05 0.87 -15.57
C VAL B 62 -3.49 1.07 -16.05
N HIS B 63 -3.76 2.23 -16.62
CA HIS B 63 -5.04 2.54 -17.23
C HIS B 63 -4.80 3.07 -18.63
N ILE B 64 -5.67 2.70 -19.57
CA ILE B 64 -5.61 3.20 -20.93
C ILE B 64 -6.94 3.86 -21.25
N ILE B 65 -6.90 5.16 -21.56
CA ILE B 65 -8.05 5.88 -22.11
C ILE B 65 -7.91 5.79 -23.64
N ASP B 66 -8.59 4.81 -24.24
CA ASP B 66 -8.36 4.44 -25.64
C ASP B 66 -9.47 4.86 -26.59
N GLY B 67 -10.49 5.59 -26.13
CA GLY B 67 -11.52 6.07 -27.02
C GLY B 67 -12.62 5.07 -27.34
N SER B 68 -12.53 3.84 -26.85
CA SER B 68 -13.65 2.91 -27.01
C SER B 68 -14.86 3.35 -26.20
N VAL B 69 -14.68 4.31 -25.30
CA VAL B 69 -15.74 4.83 -24.44
C VAL B 69 -15.66 6.36 -24.50
N GLU B 70 -16.81 7.01 -24.42
CA GLU B 70 -16.85 8.47 -24.50
C GLU B 70 -15.92 9.09 -23.46
N ILE B 71 -15.26 10.19 -23.84
CA ILE B 71 -14.13 10.70 -23.06
C ILE B 71 -14.57 11.18 -21.68
N THR B 72 -15.76 11.78 -21.57
CA THR B 72 -16.20 12.30 -20.27
C THR B 72 -16.33 11.19 -19.24
N VAL B 73 -16.91 10.06 -19.63
CA VAL B 73 -17.08 8.96 -18.67
C VAL B 73 -15.81 8.13 -18.55
N SER B 74 -14.92 8.16 -19.54
CA SER B 74 -13.63 7.52 -19.39
C SER B 74 -12.79 8.23 -18.32
N LEU B 75 -12.76 9.56 -18.37
CA LEU B 75 -12.09 10.32 -17.32
C LEU B 75 -12.75 10.10 -15.97
N TYR B 76 -14.08 10.14 -15.93
CA TYR B 76 -14.80 9.98 -14.66
C TYR B 76 -14.52 8.61 -14.05
N ARG B 77 -14.56 7.55 -14.86
CA ARG B 77 -14.33 6.21 -14.33
C ARG B 77 -12.88 6.03 -13.90
N THR B 78 -11.94 6.52 -14.71
CA THR B 78 -10.53 6.26 -14.42
C THR B 78 -10.07 7.06 -13.21
N PHE B 79 -10.52 8.30 -13.07
CA PHE B 79 -10.00 9.13 -11.99
C PHE B 79 -10.82 9.03 -10.71
N ARG B 80 -12.03 8.46 -10.74
CA ARG B 80 -12.65 8.05 -9.48
C ARG B 80 -11.90 6.87 -8.88
N THR B 81 -11.52 5.90 -9.71
CA THR B 81 -10.71 4.78 -9.25
C THR B 81 -9.40 5.27 -8.65
N ILE B 82 -8.66 6.09 -9.40
CA ILE B 82 -7.34 6.53 -8.99
C ILE B 82 -7.39 7.37 -7.72
N ALA B 83 -8.44 8.17 -7.54
CA ALA B 83 -8.48 9.06 -6.39
C ALA B 83 -8.44 8.28 -5.07
N THR B 84 -8.93 7.03 -5.06
CA THR B 84 -8.90 6.21 -3.87
C THR B 84 -7.55 5.56 -3.60
N GLN B 85 -6.62 5.61 -4.56
CA GLN B 85 -5.40 4.83 -4.50
C GLN B 85 -4.15 5.68 -4.31
N LEU B 86 -4.28 7.00 -4.20
CA LEU B 86 -3.12 7.89 -4.17
C LEU B 86 -2.24 7.69 -2.94
N LEU B 87 -2.68 6.89 -1.96
CA LEU B 87 -1.87 6.64 -0.78
C LEU B 87 -1.46 5.18 -0.67
N GLY B 88 -1.52 4.43 -1.77
CA GLY B 88 -1.19 3.03 -1.80
C GLY B 88 0.26 2.71 -2.02
N ARG B 89 1.11 3.72 -2.17
CA ARG B 89 2.55 3.54 -2.35
C ARG B 89 2.85 2.62 -3.53
N MET B 90 2.10 2.78 -4.61
CA MET B 90 2.35 2.07 -5.85
C MET B 90 2.12 3.02 -7.01
N GLN B 91 2.96 2.91 -8.03
CA GLN B 91 2.87 3.82 -9.15
C GLN B 91 1.59 3.58 -9.95
N ILE B 92 1.01 4.66 -10.47
CA ILE B 92 -0.17 4.60 -11.31
C ILE B 92 0.15 5.29 -12.63
N VAL B 93 -0.13 4.62 -13.74
CA VAL B 93 0.14 5.16 -15.07
C VAL B 93 -1.16 5.15 -15.88
N VAL B 94 -1.54 6.30 -16.42
CA VAL B 94 -2.68 6.43 -17.32
C VAL B 94 -2.17 6.79 -18.70
N PHE B 95 -2.36 5.90 -19.67
CA PHE B 95 -2.09 6.18 -21.07
C PHE B 95 -3.33 6.79 -21.71
N VAL B 96 -3.16 7.91 -22.39
CA VAL B 96 -4.22 8.54 -23.16
C VAL B 96 -3.86 8.41 -24.63
N THR B 97 -4.64 7.62 -25.38
CA THR B 97 -4.36 7.40 -26.80
C THR B 97 -5.42 8.01 -27.71
N VAL B 98 -6.38 8.74 -27.16
CA VAL B 98 -7.36 9.45 -28.00
C VAL B 98 -6.69 10.67 -28.61
N ASP B 99 -7.37 11.29 -29.57
CA ASP B 99 -6.78 12.38 -30.32
C ASP B 99 -6.89 13.69 -29.55
N LYS B 100 -6.02 14.64 -29.91
CA LYS B 100 -6.03 15.96 -29.27
C LYS B 100 -7.35 16.69 -29.44
N SER B 101 -8.18 16.28 -30.40
CA SER B 101 -9.49 16.90 -30.56
C SER B 101 -10.54 16.28 -29.67
N VAL B 102 -10.27 15.09 -29.13
CA VAL B 102 -11.15 14.46 -28.16
C VAL B 102 -10.85 14.95 -26.75
N VAL B 103 -9.58 15.13 -26.41
CA VAL B 103 -9.18 15.86 -25.21
C VAL B 103 -7.84 16.53 -25.47
N SER B 104 -7.81 17.85 -25.35
CA SER B 104 -6.64 18.64 -25.71
C SER B 104 -5.47 18.35 -24.78
N THR B 105 -4.31 18.89 -25.16
CA THR B 105 -3.13 18.80 -24.30
C THR B 105 -3.33 19.58 -23.01
N GLN B 106 -3.81 20.82 -23.11
CA GLN B 106 -3.92 21.67 -21.93
C GLN B 106 -5.00 21.20 -20.96
N VAL B 107 -6.01 20.48 -21.46
CA VAL B 107 -7.02 19.92 -20.54
C VAL B 107 -6.47 18.70 -19.83
N MET B 108 -5.74 17.84 -20.54
CA MET B 108 -5.19 16.65 -19.93
C MET B 108 -4.08 17.00 -18.95
N LYS B 109 -3.40 18.13 -19.18
CA LYS B 109 -2.36 18.59 -18.26
C LYS B 109 -2.96 19.09 -16.94
N SER B 110 -4.06 19.83 -17.02
CA SER B 110 -4.80 20.22 -15.82
C SER B 110 -5.24 19.00 -15.02
N ILE B 111 -5.79 17.99 -15.69
CA ILE B 111 -6.25 16.79 -14.99
C ILE B 111 -5.08 16.10 -14.30
N ALA B 112 -3.99 15.88 -15.05
CA ALA B 112 -2.83 15.19 -14.49
C ALA B 112 -2.30 15.91 -13.25
N TRP B 113 -2.11 17.23 -13.35
CA TRP B 113 -1.56 17.98 -12.22
C TRP B 113 -2.56 18.11 -11.09
N ALA B 114 -3.87 18.14 -11.39
CA ALA B 114 -4.86 18.13 -10.32
C ALA B 114 -4.76 16.89 -9.46
N PHE B 115 -4.18 15.81 -9.99
CA PHE B 115 -3.94 14.58 -9.25
C PHE B 115 -2.45 14.38 -8.94
N ARG B 116 -1.67 15.47 -8.94
CA ARG B 116 -0.27 15.46 -8.50
C ARG B 116 0.59 14.53 -9.35
N GLY B 117 0.26 14.39 -10.63
CA GLY B 117 0.97 13.49 -11.51
C GLY B 117 1.99 14.19 -12.37
N SER B 118 2.90 13.39 -12.93
CA SER B 118 3.71 13.89 -14.01
C SER B 118 2.91 13.80 -15.31
N PHE B 119 3.32 14.60 -16.30
CA PHE B 119 2.56 14.73 -17.53
C PHE B 119 3.49 14.64 -18.73
N VAL B 120 3.18 13.72 -19.64
CA VAL B 120 3.94 13.49 -20.86
C VAL B 120 3.00 13.60 -22.05
N GLU B 121 3.32 14.49 -22.98
CA GLU B 121 2.54 14.70 -24.20
C GLU B 121 3.39 14.35 -25.41
N LEU B 122 3.09 13.23 -26.06
CA LEU B 122 3.84 12.75 -27.22
C LEU B 122 2.90 12.17 -28.27
N ARG B 123 1.75 12.81 -28.47
CA ARG B 123 0.67 12.22 -29.26
C ARG B 123 0.80 12.42 -30.77
N ASN B 124 1.74 13.22 -31.24
CA ASN B 124 1.95 13.35 -32.68
C ASN B 124 3.27 12.72 -33.12
N GLN B 125 3.74 11.73 -32.37
CA GLN B 125 5.01 11.07 -32.66
C GLN B 125 4.77 9.71 -33.30
N SER B 126 5.70 9.32 -34.17
CA SER B 126 5.62 8.04 -34.83
C SER B 126 5.70 6.90 -33.82
N VAL B 127 5.18 5.74 -34.21
CA VAL B 127 5.25 4.55 -33.37
C VAL B 127 6.68 4.07 -33.18
N ASP B 128 7.63 4.56 -33.99
CA ASP B 128 9.04 4.26 -33.83
C ASP B 128 9.88 5.51 -33.58
N SER B 129 9.25 6.58 -33.13
CA SER B 129 9.97 7.81 -32.81
C SER B 129 10.99 7.57 -31.70
N SER B 130 12.18 8.17 -31.86
CA SER B 130 13.25 7.97 -30.89
C SER B 130 12.81 8.41 -29.49
N THR B 131 12.23 9.60 -29.39
CA THR B 131 11.87 10.14 -28.08
C THR B 131 10.72 9.37 -27.46
N LEU B 132 9.74 8.95 -28.26
CA LEU B 132 8.61 8.20 -27.73
C LEU B 132 9.07 6.87 -27.12
N VAL B 133 9.80 6.07 -27.88
CA VAL B 133 10.24 4.77 -27.38
C VAL B 133 11.20 4.95 -26.20
N SER B 134 11.98 6.02 -26.22
CA SER B 134 12.90 6.30 -25.12
C SER B 134 12.15 6.60 -23.83
N LYS B 135 11.12 7.45 -23.90
CA LYS B 135 10.36 7.79 -22.70
C LYS B 135 9.41 6.68 -22.29
N LEU B 136 9.04 5.78 -23.21
CA LEU B 136 8.27 4.61 -22.81
C LEU B 136 9.16 3.60 -22.09
N GLU B 137 10.38 3.37 -22.61
CA GLU B 137 11.29 2.47 -21.91
C GLU B 137 11.72 3.02 -20.55
N ASN B 138 11.69 4.35 -20.40
CA ASN B 138 12.00 4.94 -19.10
C ASN B 138 10.98 4.56 -18.03
N LEU B 139 9.71 4.37 -18.43
CA LEU B 139 8.70 3.89 -17.49
C LEU B 139 9.11 2.57 -16.86
N VAL B 140 9.51 1.60 -17.70
CA VAL B 140 9.83 0.27 -17.19
C VAL B 140 11.13 0.31 -16.39
N SER B 141 12.08 1.14 -16.82
CA SER B 141 13.39 1.15 -16.19
C SER B 141 13.36 1.82 -14.82
N PHE B 142 12.49 2.82 -14.63
CA PHE B 142 12.53 3.62 -13.42
C PHE B 142 11.46 3.27 -12.41
N ALA B 143 10.44 2.51 -12.79
CA ALA B 143 9.31 2.24 -11.90
C ALA B 143 9.81 1.64 -10.59
N PRO B 144 9.25 2.05 -9.43
CA PRO B 144 8.06 2.90 -9.27
C PRO B 144 8.29 4.41 -9.44
N LEU B 145 9.51 4.82 -9.76
CA LEU B 145 9.81 6.22 -10.03
C LEU B 145 9.65 6.53 -11.52
N TYR B 146 9.70 7.83 -11.83
CA TYR B 146 9.79 8.29 -13.21
C TYR B 146 10.63 9.56 -13.22
N ASN B 147 11.23 9.85 -14.38
CA ASN B 147 12.17 10.97 -14.47
C ASN B 147 11.53 12.25 -14.96
N VAL B 148 10.24 12.24 -15.27
CA VAL B 148 9.52 13.46 -15.57
C VAL B 148 8.94 13.98 -14.25
N PRO B 149 9.13 15.25 -13.93
CA PRO B 149 8.66 15.77 -12.65
C PRO B 149 7.14 15.75 -12.56
N LYS B 150 6.64 15.66 -11.33
CA LYS B 150 5.22 15.83 -11.06
C LYS B 150 4.88 17.32 -11.03
N CYS B 151 3.72 17.66 -11.60
CA CYS B 151 3.19 19.04 -11.55
C CYS B 151 4.17 20.05 -12.14
N GLY B 152 4.91 19.65 -13.17
CA GLY B 152 5.84 20.52 -13.82
C GLY B 152 6.69 19.81 -14.85
N PRO B 153 6.99 20.48 -15.96
CA PRO B 153 7.75 19.82 -17.03
C PRO B 153 9.26 19.81 -16.81
N ASP B 154 9.80 20.70 -15.99
CA ASP B 154 11.23 20.90 -15.87
C ASP B 154 11.71 20.69 -14.44
N TYR B 155 12.98 20.32 -14.32
CA TYR B 155 13.65 20.16 -13.04
C TYR B 155 15.13 20.46 -13.25
N TYR B 156 15.71 21.24 -12.34
CA TYR B 156 17.11 21.64 -12.48
C TYR B 156 17.91 21.44 -11.20
N GLY B 157 17.45 20.55 -10.32
CA GLY B 157 18.15 20.29 -9.08
C GLY B 157 19.15 19.16 -9.20
N PRO B 158 19.64 18.68 -8.05
CA PRO B 158 20.74 17.71 -8.05
C PRO B 158 20.33 16.27 -8.37
N THR B 159 19.04 15.95 -8.40
CA THR B 159 18.58 14.60 -8.70
C THR B 159 18.72 14.35 -10.20
N VAL B 160 19.58 13.41 -10.57
CA VAL B 160 19.84 13.08 -11.97
C VAL B 160 19.50 11.61 -12.16
N TYR B 161 18.41 11.34 -12.87
CA TYR B 161 17.90 9.98 -12.97
C TYR B 161 18.84 9.05 -13.73
N SER B 162 19.67 9.58 -14.63
CA SER B 162 20.57 8.70 -15.38
C SER B 162 21.60 8.06 -14.47
N GLU B 163 21.97 8.73 -13.38
CA GLU B 163 22.91 8.17 -12.41
C GLU B 163 22.35 6.93 -11.71
N LEU B 164 21.02 6.79 -11.67
CA LEU B 164 20.43 5.60 -11.07
C LEU B 164 20.71 4.33 -11.87
N LEU B 165 21.14 4.46 -13.12
CA LEU B 165 21.44 3.32 -13.97
C LEU B 165 22.94 3.11 -14.19
N SER B 166 23.78 3.98 -13.64
CA SER B 166 25.21 3.98 -13.92
C SER B 166 25.97 3.28 -12.79
N LEU B 167 26.69 2.20 -13.13
CA LEU B 167 27.53 1.53 -12.15
C LEU B 167 28.67 2.43 -11.68
N ALA B 168 29.09 3.38 -12.51
CA ALA B 168 30.12 4.33 -12.08
C ALA B 168 29.65 5.17 -10.90
N THR B 169 28.35 5.38 -10.78
CA THR B 169 27.78 6.18 -9.70
C THR B 169 27.31 5.31 -8.53
N ASN B 170 27.48 3.99 -8.62
CA ASN B 170 26.94 3.02 -7.66
C ASN B 170 25.41 3.00 -7.68
N ALA B 171 24.83 3.37 -8.82
CA ALA B 171 23.38 3.36 -9.03
C ALA B 171 22.65 4.18 -7.96
N ARG B 172 23.19 5.36 -7.66
CA ARG B 172 22.62 6.28 -6.68
C ARG B 172 22.56 7.67 -7.28
N THR B 173 21.83 8.57 -6.63
CA THR B 173 21.76 9.97 -7.03
C THR B 173 21.29 10.79 -5.84
N HIS B 174 21.44 12.10 -5.95
CA HIS B 174 21.10 12.98 -4.86
C HIS B 174 19.58 13.13 -4.73
N TRP B 175 19.14 13.47 -3.51
CA TRP B 175 17.72 13.48 -3.19
C TRP B 175 17.50 14.43 -2.03
N TYR B 176 17.09 15.67 -2.32
CA TYR B 176 16.82 16.70 -1.32
C TYR B 176 15.36 17.08 -1.42
N ALA B 177 14.49 16.28 -0.81
CA ALA B 177 13.06 16.43 -1.03
C ALA B 177 12.53 17.75 -0.49
N THR B 178 13.04 18.17 0.68
CA THR B 178 12.49 19.36 1.33
C THR B 178 12.88 20.64 0.59
N ILE B 179 14.15 20.76 0.20
CA ILE B 179 14.57 21.89 -0.61
C ILE B 179 13.88 21.87 -1.96
N ASP B 180 13.82 20.70 -2.61
CA ASP B 180 13.24 20.64 -3.95
C ASP B 180 11.76 21.01 -3.92
N TYR B 181 11.03 20.59 -2.88
CA TYR B 181 9.62 20.96 -2.79
C TYR B 181 9.44 22.43 -2.43
N SER B 182 10.40 23.00 -1.68
CA SER B 182 10.36 24.44 -1.45
C SER B 182 10.63 25.22 -2.73
N MET B 183 11.52 24.70 -3.58
CA MET B 183 11.74 25.33 -4.88
C MET B 183 10.49 25.21 -5.73
N PHE B 184 9.83 24.05 -5.70
CA PHE B 184 8.57 23.88 -6.42
C PHE B 184 7.51 24.84 -5.89
N THR B 185 7.49 25.07 -4.57
CA THR B 185 6.46 25.95 -3.99
C THR B 185 6.65 27.39 -4.45
N ARG B 186 7.87 27.92 -4.33
CA ARG B 186 8.20 29.23 -4.88
C ARG B 186 7.75 29.36 -6.34
N SER B 187 8.02 28.33 -7.14
CA SER B 187 7.66 28.37 -8.55
C SER B 187 6.16 28.41 -8.74
N VAL B 188 5.41 27.61 -7.98
CA VAL B 188 3.96 27.55 -8.12
C VAL B 188 3.33 28.88 -7.71
N LEU B 189 3.78 29.45 -6.59
CA LEU B 189 3.29 30.76 -6.18
C LEU B 189 3.48 31.79 -7.29
N THR B 190 4.67 31.81 -7.88
CA THR B 190 4.93 32.72 -9.00
C THR B 190 3.96 32.48 -10.14
N GLY B 191 3.76 31.21 -10.51
CA GLY B 191 2.82 30.89 -11.57
C GLY B 191 1.40 31.30 -11.24
N PHE B 192 1.01 31.17 -9.97
CA PHE B 192 -0.35 31.57 -9.61
C PHE B 192 -0.55 33.07 -9.77
N VAL B 193 0.46 33.86 -9.38
CA VAL B 193 0.41 35.30 -9.65
C VAL B 193 0.36 35.57 -11.14
N ALA B 194 1.02 34.73 -11.95
CA ALA B 194 0.95 34.92 -13.40
C ALA B 194 -0.44 34.61 -13.93
N LYS B 195 -1.07 33.54 -13.43
CA LYS B 195 -2.44 33.23 -13.85
C LYS B 195 -3.40 34.34 -13.46
N TYR B 196 -3.24 34.88 -12.25
CA TYR B 196 -4.00 36.05 -11.83
C TYR B 196 -3.83 37.20 -12.81
N PHE B 197 -2.59 37.46 -13.24
CA PHE B 197 -2.34 38.54 -14.19
C PHE B 197 -3.09 38.30 -15.51
N ASN B 198 -3.27 37.04 -15.89
CA ASN B 198 -3.99 36.74 -17.12
C ASN B 198 -5.49 36.93 -16.96
N GLU B 199 -6.06 36.43 -15.85
CA GLU B 199 -7.50 36.51 -15.64
C GLU B 199 -7.96 37.95 -15.52
N GLU B 200 -7.15 38.79 -14.87
CA GLU B 200 -7.50 40.18 -14.61
C GLU B 200 -7.11 41.12 -15.73
N ALA B 201 -6.56 40.59 -16.83
CA ALA B 201 -6.18 41.39 -17.99
C ALA B 201 -5.23 42.52 -17.61
N VAL B 202 -4.31 42.21 -16.71
CA VAL B 202 -3.34 43.20 -16.23
C VAL B 202 -2.39 43.57 -17.38
N PRO B 203 -2.23 44.85 -17.70
CA PRO B 203 -1.32 45.23 -18.79
C PRO B 203 0.11 44.78 -18.51
N ILE B 204 0.79 44.31 -19.55
CA ILE B 204 2.06 43.62 -19.38
C ILE B 204 3.07 44.50 -18.67
N ASP B 205 3.11 45.80 -19.01
CA ASP B 205 4.09 46.68 -18.41
C ASP B 205 3.86 46.91 -16.92
N LYS B 206 2.81 46.32 -16.34
CA LYS B 206 2.54 46.42 -14.91
C LYS B 206 2.51 45.05 -14.23
N ARG B 207 3.01 44.01 -14.90
CA ARG B 207 3.11 42.69 -14.29
C ARG B 207 4.36 42.64 -13.40
N ILE B 208 4.21 43.18 -12.20
CA ILE B 208 5.25 43.23 -11.19
C ILE B 208 4.72 42.57 -9.93
N VAL B 209 5.61 41.91 -9.20
CA VAL B 209 5.27 41.27 -7.93
C VAL B 209 6.29 41.71 -6.87
N SER B 210 5.81 41.91 -5.66
CA SER B 210 6.64 42.31 -4.54
C SER B 210 6.84 41.10 -3.64
N ILE B 211 8.07 40.62 -3.57
CA ILE B 211 8.45 39.54 -2.67
C ILE B 211 8.88 40.17 -1.36
N VAL B 212 8.15 39.90 -0.28
CA VAL B 212 8.52 40.46 1.02
C VAL B 212 9.58 39.57 1.64
N GLY B 213 10.74 40.14 1.92
CA GLY B 213 11.86 39.37 2.39
C GLY B 213 12.68 38.89 1.21
N TYR B 214 14.00 39.03 1.31
CA TYR B 214 14.85 38.62 0.20
C TYR B 214 14.76 37.12 -0.01
N ASN B 215 14.52 36.71 -1.26
CA ASN B 215 14.26 35.32 -1.61
C ASN B 215 14.77 35.10 -3.03
N PRO B 216 16.02 34.68 -3.18
CA PRO B 216 16.72 34.75 -4.48
C PRO B 216 15.99 34.06 -5.62
N PRO B 217 15.52 32.81 -5.46
CA PRO B 217 15.00 32.09 -6.64
C PRO B 217 13.80 32.75 -7.30
N TYR B 218 13.12 33.71 -6.66
CA TYR B 218 12.00 34.36 -7.31
C TYR B 218 12.41 35.17 -8.52
N VAL B 219 13.68 35.58 -8.62
CA VAL B 219 14.13 36.30 -9.82
C VAL B 219 14.00 35.41 -11.03
N TRP B 220 14.41 34.14 -10.90
CA TRP B 220 14.31 33.19 -12.00
C TRP B 220 12.87 32.76 -12.26
N THR B 221 12.08 32.51 -11.20
CA THR B 221 10.72 32.03 -11.42
C THR B 221 9.84 33.10 -12.05
N CYS B 222 10.06 34.37 -11.68
CA CYS B 222 9.27 35.44 -12.28
C CYS B 222 9.60 35.63 -13.75
N LEU B 223 10.89 35.61 -14.10
CA LEU B 223 11.26 35.77 -15.50
C LEU B 223 10.88 34.55 -16.34
N ARG B 224 10.67 33.40 -15.71
CA ARG B 224 10.12 32.26 -16.44
C ARG B 224 8.64 32.44 -16.77
N HIS B 225 8.00 33.50 -16.22
CA HIS B 225 6.58 33.75 -16.42
C HIS B 225 6.27 35.16 -16.91
N GLY B 226 7.28 35.92 -17.34
CA GLY B 226 7.02 37.26 -17.83
C GLY B 226 6.67 38.25 -16.74
N ILE B 227 7.18 38.05 -15.55
CA ILE B 227 6.93 38.93 -14.41
C ILE B 227 8.27 39.46 -13.93
N ARG B 228 8.25 40.69 -13.43
CA ARG B 228 9.46 41.30 -12.90
C ARG B 228 9.37 41.37 -11.39
N PRO B 229 10.40 40.91 -10.67
CA PRO B 229 10.32 40.85 -9.22
C PRO B 229 10.84 42.12 -8.56
N THR B 230 10.30 42.37 -7.37
CA THR B 230 10.80 43.43 -6.50
C THR B 230 10.80 42.90 -5.08
N TYR B 231 11.89 43.10 -4.36
CA TYR B 231 11.96 42.69 -2.97
C TYR B 231 11.68 43.89 -2.07
N ILE B 232 11.09 43.61 -0.91
CA ILE B 232 10.87 44.61 0.13
C ILE B 232 11.49 44.09 1.42
N GLU B 233 12.42 44.87 1.98
CA GLU B 233 13.09 44.51 3.22
C GLU B 233 12.91 45.63 4.23
N LYS B 234 12.69 45.26 5.49
CA LYS B 234 12.47 46.28 6.52
C LYS B 234 13.71 47.11 6.75
N SER B 235 14.90 46.50 6.68
CA SER B 235 16.15 47.23 6.82
C SER B 235 17.22 46.52 6.00
N LEU B 236 18.11 47.31 5.40
CA LEU B 236 19.16 46.75 4.56
C LEU B 236 20.51 46.92 5.22
N PRO B 237 21.18 45.84 5.63
CA PRO B 237 22.59 45.97 6.04
C PRO B 237 23.42 46.52 4.88
N ASN B 238 24.19 47.57 5.17
CA ASN B 238 25.01 48.16 4.12
C ASN B 238 26.11 47.15 3.76
N PRO B 239 26.40 46.96 2.47
CA PRO B 239 27.34 45.90 2.06
C PRO B 239 28.76 46.12 2.56
N GLY B 240 29.10 47.29 3.09
CA GLY B 240 30.43 47.53 3.61
C GLY B 240 31.47 47.91 2.58
N GLY B 241 31.07 48.20 1.35
CA GLY B 241 31.98 48.56 0.29
C GLY B 241 32.05 50.05 0.04
N LYS B 242 32.49 50.41 -1.16
CA LYS B 242 32.67 51.80 -1.55
C LYS B 242 31.52 52.25 -2.45
N GLY B 243 31.52 53.54 -2.79
CA GLY B 243 30.44 54.14 -3.53
C GLY B 243 29.30 54.53 -2.62
N PRO B 244 28.30 55.24 -3.17
CA PRO B 244 27.16 55.68 -2.35
C PRO B 244 26.49 54.54 -1.61
N PHE B 245 25.98 53.56 -2.34
CA PHE B 245 25.27 52.43 -1.75
C PHE B 245 26.20 51.30 -1.32
N GLY B 246 27.51 51.54 -1.31
CA GLY B 246 28.44 50.57 -0.73
C GLY B 246 28.56 49.27 -1.49
N LEU B 247 28.24 49.27 -2.78
CA LEU B 247 28.22 48.05 -3.58
C LEU B 247 29.50 47.85 -4.40
N ILE B 248 30.52 48.68 -4.18
CA ILE B 248 31.79 48.55 -4.89
C ILE B 248 32.69 47.68 -4.02
N LEU B 249 32.91 46.45 -4.46
CA LEU B 249 33.68 45.44 -3.73
C LEU B 249 33.16 45.29 -2.31
N PRO B 250 31.94 44.77 -2.12
CA PRO B 250 31.39 44.64 -0.77
C PRO B 250 32.07 43.53 0.00
N VAL B 251 32.13 43.70 1.32
CA VAL B 251 32.72 42.70 2.19
C VAL B 251 31.74 41.55 2.39
N ILE B 252 32.24 40.40 2.85
CA ILE B 252 31.46 39.18 2.94
C ILE B 252 31.52 38.60 4.35
N ASN B 253 30.49 37.82 4.68
CA ASN B 253 30.42 37.00 5.89
C ASN B 253 29.78 35.68 5.50
N GLU B 254 30.42 34.56 5.86
CA GLU B 254 30.20 33.30 5.14
C GLU B 254 29.42 32.28 5.95
N LEU B 255 29.07 31.18 5.26
CA LEU B 255 27.93 30.35 5.64
C LEU B 255 28.32 29.15 6.52
N VAL B 256 27.39 28.22 6.67
CA VAL B 256 27.41 27.21 7.71
C VAL B 256 27.79 25.86 7.10
N LEU B 257 28.56 25.07 7.85
CA LEU B 257 28.98 23.75 7.40
C LEU B 257 27.77 22.83 7.30
N LYS B 258 27.74 22.04 6.24
CA LYS B 258 26.63 21.11 6.02
C LYS B 258 27.00 19.98 5.06
N VAL B 261 24.84 18.60 3.15
CA VAL B 261 24.08 19.10 2.01
C VAL B 261 24.94 19.98 1.11
N LYS B 262 25.19 19.51 -0.10
CA LYS B 262 25.71 20.34 -1.18
C LYS B 262 24.70 20.29 -2.31
N TYR B 263 23.82 21.30 -2.33
CA TYR B 263 22.75 21.40 -3.31
C TYR B 263 23.27 22.21 -4.49
N VAL B 264 23.52 21.54 -5.62
CA VAL B 264 24.10 22.17 -6.81
C VAL B 264 23.05 22.15 -7.91
N MET B 265 22.47 23.31 -8.22
CA MET B 265 21.57 23.45 -9.35
C MET B 265 22.31 23.19 -10.66
N HIS B 266 21.62 22.54 -11.60
CA HIS B 266 22.24 22.03 -12.83
C HIS B 266 21.84 22.83 -14.07
N ASN B 267 21.41 24.08 -13.91
CA ASN B 267 20.99 24.87 -15.06
C ASN B 267 22.13 24.99 -16.07
N PRO B 268 21.85 24.85 -17.36
CA PRO B 268 22.89 25.12 -18.37
C PRO B 268 23.23 26.60 -18.40
N GLN B 269 24.51 26.90 -18.58
CA GLN B 269 25.08 28.25 -18.51
C GLN B 269 24.41 29.09 -17.42
N ILE B 270 24.42 28.52 -16.20
CA ILE B 270 23.82 29.18 -15.05
C ILE B 270 24.43 30.55 -14.83
N LYS B 271 25.69 30.74 -15.24
CA LYS B 271 26.37 32.02 -15.08
C LYS B 271 25.59 33.13 -15.77
N LEU B 272 25.05 32.86 -16.97
CA LEU B 272 24.38 33.89 -17.73
C LEU B 272 22.93 34.09 -17.28
N LEU B 273 22.26 33.00 -16.89
CA LEU B 273 20.89 33.11 -16.42
C LEU B 273 20.79 33.95 -15.15
N CYS B 274 21.81 33.84 -14.29
CA CYS B 274 21.79 34.59 -13.03
C CYS B 274 21.85 36.09 -13.28
N LEU B 275 22.72 36.53 -14.18
CA LEU B 275 22.80 37.95 -14.51
C LEU B 275 21.62 38.39 -15.36
N ASP B 276 21.29 37.62 -16.40
CA ASP B 276 20.30 38.07 -17.37
C ASP B 276 18.91 38.18 -16.76
N THR B 277 18.52 37.24 -15.90
CA THR B 277 17.22 37.36 -15.26
C THR B 277 17.16 38.59 -14.36
N PHE B 278 18.30 38.95 -13.77
CA PHE B 278 18.34 40.18 -12.96
C PHE B 278 18.23 41.42 -13.85
N MET B 279 19.05 41.50 -14.90
CA MET B 279 19.01 42.68 -15.78
C MET B 279 17.64 42.81 -16.44
N LEU B 280 17.03 41.68 -16.81
CA LEU B 280 15.70 41.72 -17.41
C LEU B 280 14.63 42.19 -16.42
N SER B 281 14.92 42.17 -15.11
CA SER B 281 14.00 42.66 -14.10
C SER B 281 13.96 44.18 -14.02
N THR B 282 14.94 44.87 -14.61
CA THR B 282 15.09 46.30 -14.41
C THR B 282 14.50 47.14 -15.55
N SER B 283 14.16 46.52 -16.68
CA SER B 283 13.63 47.26 -17.81
C SER B 283 13.02 46.30 -18.83
N MET B 284 11.94 46.73 -19.48
CA MET B 284 11.32 45.94 -20.54
C MET B 284 12.08 46.03 -21.85
N ASN B 285 12.99 47.00 -21.99
CA ASN B 285 13.79 47.16 -23.19
C ASN B 285 15.25 46.90 -22.87
N ILE B 286 15.87 46.04 -23.64
CA ILE B 286 17.23 45.58 -23.37
C ILE B 286 18.11 45.84 -24.58
N LEU B 287 19.33 46.31 -24.33
CA LEU B 287 20.39 46.34 -25.33
C LEU B 287 21.39 45.24 -24.97
N TYR B 288 21.48 44.22 -25.82
CA TYR B 288 22.29 43.03 -25.57
C TYR B 288 23.46 43.03 -26.56
N ILE B 289 24.65 43.37 -26.07
CA ILE B 289 25.86 43.41 -26.89
C ILE B 289 26.60 42.10 -26.70
N GLY B 290 26.86 41.41 -27.81
CA GLY B 290 27.46 40.09 -27.74
C GLY B 290 26.47 39.02 -27.34
N ALA B 291 25.25 39.08 -27.84
CA ALA B 291 24.15 38.24 -27.39
C ALA B 291 24.17 36.83 -27.98
N TYR B 292 25.12 36.51 -28.85
CA TYR B 292 25.03 35.15 -29.38
C TYR B 292 25.76 34.17 -28.47
N PRO B 293 25.19 32.96 -28.22
CA PRO B 293 23.93 32.48 -28.76
C PRO B 293 22.73 32.70 -27.82
N ALA B 294 23.00 32.90 -26.54
CA ALA B 294 21.98 33.18 -25.52
C ALA B 294 20.86 32.14 -25.55
N THR B 295 21.24 30.88 -25.71
CA THR B 295 20.23 29.82 -25.69
C THR B 295 19.55 29.72 -24.33
N HIS B 296 20.18 30.22 -23.27
CA HIS B 296 19.56 30.20 -21.94
C HIS B 296 18.29 31.05 -21.89
N LEU B 297 18.20 32.10 -22.72
CA LEU B 297 17.01 32.95 -22.73
C LEU B 297 15.79 32.24 -23.30
N LEU B 298 15.98 31.16 -24.07
CA LEU B 298 14.87 30.48 -24.74
C LEU B 298 13.85 29.93 -23.76
N SER B 299 14.27 29.61 -22.54
CA SER B 299 13.39 29.02 -21.55
C SER B 299 12.45 30.03 -20.90
N LEU B 300 12.67 31.33 -21.12
CA LEU B 300 11.91 32.35 -20.45
C LEU B 300 10.70 32.77 -21.28
N GLN B 301 9.74 33.39 -20.61
CA GLN B 301 8.59 34.01 -21.25
C GLN B 301 8.79 35.51 -21.16
N LEU B 302 9.13 36.14 -22.29
CA LEU B 302 9.45 37.55 -22.31
C LEU B 302 8.55 38.34 -23.23
N ASN B 303 7.29 37.91 -23.38
CA ASN B 303 6.31 38.69 -24.10
C ASN B 303 6.22 40.09 -23.47
N GLY B 304 6.27 41.12 -24.33
CA GLY B 304 6.28 42.48 -23.86
C GLY B 304 7.65 43.05 -23.57
N TRP B 305 8.71 42.28 -23.83
CA TRP B 305 10.08 42.76 -23.78
C TRP B 305 10.56 43.10 -25.18
N THR B 306 11.56 43.98 -25.25
CA THR B 306 12.22 44.30 -26.51
C THR B 306 13.71 44.12 -26.31
N ILE B 307 14.31 43.25 -27.11
CA ILE B 307 15.75 42.97 -27.04
C ILE B 307 16.37 43.35 -28.37
N LEU B 308 17.28 44.32 -28.35
CA LEU B 308 18.11 44.67 -29.49
C LEU B 308 19.48 44.02 -29.28
N ALA B 309 19.81 43.06 -30.14
CA ALA B 309 20.95 42.19 -29.92
C ALA B 309 22.01 42.41 -30.99
N PHE B 310 23.24 42.71 -30.54
CA PHE B 310 24.37 42.97 -31.42
C PHE B 310 25.34 41.80 -31.33
N ASP B 311 25.58 41.14 -32.46
CA ASP B 311 26.60 40.10 -32.56
C ASP B 311 26.84 39.74 -34.02
N PRO B 312 28.09 39.76 -34.49
CA PRO B 312 28.37 39.39 -35.88
C PRO B 312 27.92 37.98 -36.26
N LYS B 313 27.59 37.13 -35.31
CA LYS B 313 27.12 35.77 -35.61
C LYS B 313 25.60 35.66 -35.61
N ILE B 314 24.89 36.75 -35.33
CA ILE B 314 23.42 36.74 -35.36
C ILE B 314 22.94 36.52 -36.79
N THR B 315 22.08 35.53 -36.96
CA THR B 315 21.44 35.27 -38.24
C THR B 315 19.94 35.55 -38.11
N SER B 316 19.26 35.60 -39.25
CA SER B 316 17.83 35.85 -39.22
C SER B 316 17.04 34.65 -38.68
N ASP B 317 17.60 33.45 -38.80
CA ASP B 317 16.99 32.28 -38.17
C ASP B 317 17.07 32.38 -36.65
N TRP B 318 18.21 32.85 -36.13
CA TRP B 318 18.39 33.01 -34.70
C TRP B 318 17.41 34.04 -34.14
N THR B 319 17.20 35.15 -34.86
CA THR B 319 16.23 36.13 -34.42
C THR B 319 14.82 35.56 -34.43
N ASP B 320 14.53 34.64 -35.36
CA ASP B 320 13.20 34.03 -35.42
C ASP B 320 12.99 33.08 -34.25
N ALA B 321 13.96 32.18 -34.01
CA ALA B 321 13.81 31.20 -32.95
C ALA B 321 13.80 31.84 -31.57
N MET B 322 14.46 32.98 -31.40
CA MET B 322 14.45 33.67 -30.11
C MET B 322 13.11 34.32 -29.83
N ALA B 323 12.52 34.95 -30.85
CA ALA B 323 11.21 35.58 -30.66
C ALA B 323 10.11 34.53 -30.51
N LYS B 324 10.19 33.45 -31.28
CA LYS B 324 9.18 32.40 -31.18
C LYS B 324 9.22 31.72 -29.81
N ALA B 325 10.43 31.51 -29.27
CA ALA B 325 10.55 30.82 -27.99
C ALA B 325 10.09 31.71 -26.84
N THR B 326 10.64 32.92 -26.75
CA THR B 326 10.40 33.79 -25.61
C THR B 326 9.15 34.65 -25.77
N GLY B 327 8.69 34.89 -26.99
CA GLY B 327 7.60 35.80 -27.24
C GLY B 327 7.99 37.27 -27.25
N ALA B 328 9.27 37.59 -27.17
CA ALA B 328 9.70 38.98 -27.13
C ALA B 328 9.90 39.51 -28.54
N LYS B 329 9.94 40.84 -28.63
CA LYS B 329 10.27 41.52 -29.88
C LYS B 329 11.79 41.68 -29.92
N VAL B 330 12.44 41.02 -30.88
CA VAL B 330 13.89 40.97 -30.94
C VAL B 330 14.35 41.52 -32.28
N ILE B 331 15.35 42.40 -32.26
CA ILE B 331 16.00 42.95 -33.44
C ILE B 331 17.41 42.37 -33.48
N GLY B 332 17.72 41.65 -34.56
CA GLY B 332 19.01 41.00 -34.67
C GLY B 332 19.98 41.69 -35.62
N VAL B 333 20.96 42.38 -35.06
CA VAL B 333 21.98 43.10 -35.83
C VAL B 333 23.21 42.20 -35.95
N SER B 334 23.53 41.79 -37.17
CA SER B 334 24.68 40.93 -37.45
C SER B 334 25.99 41.69 -37.54
N LYS B 335 26.25 42.64 -36.64
CA LYS B 335 27.41 43.52 -36.77
C LYS B 335 28.01 43.81 -35.41
N GLU B 336 29.28 44.21 -35.43
CA GLU B 336 29.96 44.67 -34.23
C GLU B 336 29.31 45.95 -33.74
N PHE B 337 29.12 46.06 -32.43
CA PHE B 337 28.63 47.30 -31.84
C PHE B 337 29.70 48.38 -31.93
N ASP B 338 29.28 49.59 -32.31
CA ASP B 338 30.18 50.73 -32.46
C ASP B 338 30.19 51.51 -31.16
N PHE B 339 31.20 51.27 -30.32
CA PHE B 339 31.32 51.95 -29.04
C PHE B 339 31.84 53.38 -29.16
N LYS B 340 32.33 53.78 -30.33
CA LYS B 340 32.83 55.13 -30.53
C LYS B 340 31.82 56.04 -31.19
N SER B 341 30.63 55.53 -31.55
CA SER B 341 29.68 56.33 -32.31
C SER B 341 29.15 57.48 -31.48
N PHE B 342 28.79 57.21 -30.22
CA PHE B 342 28.48 58.24 -29.23
C PHE B 342 27.25 59.08 -29.59
N SER B 343 26.30 58.47 -30.28
CA SER B 343 25.08 59.16 -30.71
C SER B 343 23.86 58.36 -30.30
N VAL B 344 22.85 59.06 -29.76
CA VAL B 344 21.59 58.39 -29.44
C VAL B 344 20.89 57.89 -30.70
N GLN B 345 21.21 58.47 -31.85
CA GLN B 345 20.57 58.09 -33.12
C GLN B 345 21.39 57.06 -33.90
N ALA B 346 22.44 56.50 -33.32
CA ALA B 346 23.24 55.48 -33.97
C ALA B 346 23.08 54.15 -33.24
N ASN B 347 23.66 53.10 -33.83
CA ASN B 347 23.54 51.73 -33.32
C ASN B 347 22.07 51.32 -33.19
N GLN B 348 21.21 51.88 -34.05
CA GLN B 348 19.78 51.63 -34.09
C GLN B 348 19.06 51.99 -32.79
N LEU B 349 19.72 52.72 -31.88
CA LEU B 349 19.18 53.06 -30.57
C LEU B 349 18.00 54.03 -30.62
N ASN B 350 17.59 54.51 -31.80
CA ASN B 350 16.51 55.48 -31.87
C ASN B 350 15.20 54.91 -31.34
N MET B 351 14.99 53.60 -31.49
CA MET B 351 13.73 52.97 -31.12
C MET B 351 13.43 53.05 -29.63
N PHE B 352 14.39 53.48 -28.81
CA PHE B 352 14.24 53.51 -27.36
C PHE B 352 13.99 54.91 -26.81
N GLN B 353 13.71 55.88 -27.67
CA GLN B 353 13.64 57.27 -27.23
C GLN B 353 12.48 57.48 -26.27
N ASN B 354 12.76 58.18 -25.17
CA ASN B 354 11.80 58.41 -24.08
C ASN B 354 11.26 57.10 -23.52
N SER B 355 12.08 56.04 -23.57
CA SER B 355 11.78 54.76 -22.96
C SER B 355 12.81 54.46 -21.87
N LYS B 356 12.47 53.50 -21.02
CA LYS B 356 13.44 52.93 -20.10
C LYS B 356 14.29 51.89 -20.82
N LEU B 357 15.58 51.83 -20.46
CA LEU B 357 16.49 50.90 -21.11
C LEU B 357 17.54 50.42 -20.12
N SER B 358 17.92 49.14 -20.25
CA SER B 358 19.09 48.60 -19.58
C SER B 358 19.98 47.95 -20.63
N VAL B 359 21.25 47.76 -20.30
CA VAL B 359 22.26 47.32 -21.25
C VAL B 359 23.00 46.13 -20.66
N ILE B 360 22.96 45.02 -21.38
CA ILE B 360 23.73 43.82 -21.05
C ILE B 360 24.90 43.74 -22.03
N ASP B 361 26.11 43.91 -21.53
CA ASP B 361 27.32 43.84 -22.35
C ASP B 361 28.07 42.57 -21.99
N ASP B 362 28.30 41.71 -22.98
CA ASP B 362 28.98 40.44 -22.80
C ASP B 362 30.13 40.28 -23.80
N THR B 363 30.65 41.39 -24.31
CA THR B 363 31.71 41.37 -25.30
C THR B 363 33.08 41.24 -24.65
N TRP B 364 34.03 40.71 -25.42
CA TRP B 364 35.42 40.66 -25.03
C TRP B 364 36.27 40.52 -26.28
N VAL B 365 37.58 40.66 -26.11
CA VAL B 365 38.55 40.50 -27.18
C VAL B 365 39.79 39.83 -26.60
N GLU B 366 40.48 39.06 -27.44
CA GLU B 366 41.68 38.38 -26.99
C GLU B 366 42.91 39.28 -27.09
N THR B 367 43.01 40.07 -28.15
CA THR B 367 43.97 41.16 -28.22
C THR B 367 43.28 42.46 -27.82
N ASP B 368 44.08 43.42 -27.36
CA ASP B 368 43.63 44.80 -27.16
C ASP B 368 42.63 44.94 -26.00
N TYR B 369 42.62 44.00 -25.05
CA TYR B 369 41.48 43.90 -24.15
C TYR B 369 41.37 45.11 -23.22
N GLU B 370 42.40 45.36 -22.41
CA GLU B 370 42.28 46.44 -21.43
C GLU B 370 42.08 47.79 -22.10
N LYS B 371 42.53 47.95 -23.34
CA LYS B 371 42.15 49.14 -24.10
C LYS B 371 40.70 49.06 -24.54
N PHE B 372 40.24 47.87 -24.94
CA PHE B 372 38.86 47.68 -25.35
C PHE B 372 37.90 47.99 -24.20
N GLN B 373 38.25 47.57 -22.99
CA GLN B 373 37.44 47.91 -21.82
C GLN B 373 37.38 49.42 -21.62
N SER B 374 38.52 50.11 -21.77
CA SER B 374 38.53 51.56 -21.62
C SER B 374 37.65 52.24 -22.65
N GLU B 375 37.64 51.73 -23.89
CA GLU B 375 36.73 52.25 -24.91
C GLU B 375 35.28 51.99 -24.54
N LYS B 376 34.99 50.75 -24.10
CA LYS B 376 33.64 50.44 -23.63
C LYS B 376 33.26 51.32 -22.44
N GLN B 377 34.16 51.43 -21.45
CA GLN B 377 33.87 52.18 -20.23
C GLN B 377 33.53 53.63 -20.54
N ALA B 378 34.22 54.24 -21.50
CA ALA B 378 33.92 55.63 -21.86
C ALA B 378 32.52 55.75 -22.45
N TYR B 379 32.14 54.81 -23.32
CA TYR B 379 30.81 54.84 -23.92
C TYR B 379 29.71 54.65 -22.87
N PHE B 380 29.96 53.84 -21.83
CA PHE B 380 28.93 53.60 -20.83
C PHE B 380 28.82 54.78 -19.87
N GLU B 381 29.95 55.34 -19.42
CA GLU B 381 29.90 56.56 -18.63
C GLU B 381 29.19 57.68 -19.39
N TRP B 382 29.26 57.65 -20.71
CA TRP B 382 28.50 58.58 -21.53
C TRP B 382 27.04 58.19 -21.61
N LEU B 383 26.76 56.90 -21.83
CA LEU B 383 25.39 56.45 -22.10
C LEU B 383 24.49 56.55 -20.88
N ILE B 384 25.06 56.42 -19.68
CA ILE B 384 24.25 56.50 -18.46
C ILE B 384 23.62 57.88 -18.27
N ASP B 385 24.17 58.92 -18.89
CA ASP B 385 23.80 60.30 -18.58
C ASP B 385 22.77 60.89 -19.55
N ARG B 386 22.12 60.07 -20.36
CA ARG B 386 21.20 60.58 -21.36
C ARG B 386 19.95 61.18 -20.72
N THR B 387 19.43 62.23 -21.36
CA THR B 387 18.11 62.76 -21.04
C THR B 387 17.06 62.31 -22.04
N SER B 388 17.48 61.83 -23.22
CA SER B 388 16.53 61.34 -24.22
C SER B 388 15.94 60.01 -23.80
N ILE B 389 16.74 59.14 -23.19
CA ILE B 389 16.29 57.82 -22.77
C ILE B 389 16.68 57.61 -21.32
N ASP B 390 15.89 56.80 -20.63
CA ASP B 390 16.09 56.54 -19.20
C ASP B 390 16.85 55.25 -19.04
N VAL B 391 18.18 55.35 -19.09
CA VAL B 391 19.04 54.18 -18.97
C VAL B 391 19.11 53.81 -17.50
N ARG B 392 18.60 52.63 -17.15
CA ARG B 392 18.45 52.28 -15.75
C ARG B 392 19.69 51.60 -15.20
N LEU B 393 20.31 50.71 -15.98
CA LEU B 393 21.45 49.94 -15.50
C LEU B 393 22.23 49.43 -16.69
N ILE B 394 23.55 49.32 -16.51
CA ILE B 394 24.45 48.81 -17.54
C ILE B 394 25.44 47.88 -16.86
N SER B 395 25.54 46.65 -17.35
CA SER B 395 26.50 45.68 -16.83
C SER B 395 27.60 45.45 -17.85
N MET B 396 28.83 45.37 -17.36
CA MET B 396 30.01 45.25 -18.21
C MET B 396 30.97 44.26 -17.57
N LYS B 397 31.67 43.50 -18.42
CA LYS B 397 32.75 42.66 -17.94
C LYS B 397 33.94 43.53 -17.51
N TRP B 398 34.48 43.23 -16.32
CA TRP B 398 35.57 44.02 -15.72
C TRP B 398 36.73 43.10 -15.37
N ASN B 399 37.90 43.39 -15.94
CA ASN B 399 39.12 42.64 -15.68
C ASN B 399 40.32 43.50 -16.02
N ARG B 400 40.71 44.39 -15.12
CA ARG B 400 41.71 45.41 -15.40
C ARG B 400 43.01 45.13 -14.64
N SER B 401 44.13 45.40 -15.30
CA SER B 401 45.46 45.16 -14.74
C SER B 401 46.11 46.44 -14.21
N LYS B 402 45.51 47.60 -14.42
CA LYS B 402 46.07 48.86 -13.97
C LYS B 402 44.95 49.76 -13.45
N ASP B 403 45.33 50.71 -12.59
CA ASP B 403 44.37 51.62 -11.98
C ASP B 403 43.61 52.42 -13.03
N THR B 404 42.36 52.75 -12.72
CA THR B 404 41.48 53.52 -13.59
C THR B 404 40.54 54.37 -12.75
N SER B 405 40.18 55.53 -13.29
CA SER B 405 39.10 56.33 -12.74
C SER B 405 37.81 56.00 -13.48
N VAL B 406 36.73 55.79 -12.72
CA VAL B 406 35.44 55.41 -13.28
C VAL B 406 34.36 56.35 -12.77
N SER B 407 33.35 56.59 -13.61
CA SER B 407 32.29 57.54 -13.33
C SER B 407 30.94 56.84 -13.39
N HIS B 408 30.03 57.26 -12.51
CA HIS B 408 28.67 56.72 -12.43
C HIS B 408 28.67 55.21 -12.14
N LEU B 409 29.67 54.75 -11.42
CA LEU B 409 29.85 53.32 -11.13
C LEU B 409 29.14 52.99 -9.82
N LEU B 410 27.97 52.34 -9.95
CA LEU B 410 27.20 51.98 -8.76
C LEU B 410 27.74 50.75 -8.07
N ALA B 411 28.13 49.72 -8.83
CA ALA B 411 28.55 48.46 -8.24
C ALA B 411 29.67 47.85 -9.05
N LEU B 412 30.56 47.16 -8.35
CA LEU B 412 31.63 46.35 -8.96
C LEU B 412 31.62 45.01 -8.22
N LEU B 413 30.95 44.01 -8.79
CA LEU B 413 30.59 42.80 -8.08
C LEU B 413 31.30 41.58 -8.65
N PRO B 414 31.46 40.53 -7.86
CA PRO B 414 31.93 39.26 -8.42
C PRO B 414 30.79 38.49 -9.07
N GLN B 415 31.17 37.52 -9.89
CA GLN B 415 30.19 36.69 -10.58
C GLN B 415 29.81 35.53 -9.65
N PRO B 416 28.58 35.49 -9.12
CA PRO B 416 28.24 34.47 -8.11
C PRO B 416 28.39 33.04 -8.59
N TYR B 417 28.19 32.78 -9.88
CA TYR B 417 28.41 31.46 -10.45
C TYR B 417 29.69 31.39 -11.26
N GLY B 418 30.59 32.36 -11.08
CA GLY B 418 31.84 32.42 -11.83
C GLY B 418 32.93 31.49 -11.36
N ALA B 419 32.76 30.86 -10.19
CA ALA B 419 33.73 29.90 -9.66
C ALA B 419 35.12 30.51 -9.56
N SER B 420 36.06 30.04 -10.39
CA SER B 420 37.44 30.48 -10.32
C SER B 420 37.77 31.63 -11.26
N ILE B 421 36.83 32.03 -12.12
CA ILE B 421 37.13 33.10 -13.07
C ILE B 421 37.45 34.38 -12.30
N ARG B 422 38.34 35.20 -12.88
CA ARG B 422 38.85 36.38 -12.20
C ARG B 422 38.18 37.67 -12.67
N GLU B 423 37.35 37.63 -13.71
CA GLU B 423 36.68 38.83 -14.17
C GLU B 423 35.51 39.16 -13.26
N MET B 424 35.17 40.43 -13.21
CA MET B 424 34.09 40.92 -12.35
C MET B 424 33.02 41.56 -13.24
N ARG B 425 32.04 42.17 -12.59
N ARG B 425 32.04 42.18 -12.58
CA ARG B 425 30.95 42.86 -13.29
CA ARG B 425 30.94 42.86 -13.27
C ARG B 425 30.81 44.26 -12.72
C ARG B 425 30.85 44.27 -12.71
N ALA B 426 30.93 45.26 -13.59
CA ALA B 426 30.73 46.65 -13.22
C ALA B 426 29.32 47.05 -13.62
N PHE B 427 28.64 47.78 -12.73
CA PHE B 427 27.27 48.19 -12.97
C PHE B 427 27.19 49.71 -12.98
N PHE B 428 26.72 50.28 -14.08
CA PHE B 428 26.61 51.71 -14.26
C PHE B 428 25.19 52.15 -13.94
N HIS B 429 25.06 53.17 -13.08
CA HIS B 429 23.78 53.74 -12.69
C HIS B 429 23.95 55.24 -12.50
N LYS B 430 22.87 55.98 -12.74
CA LYS B 430 22.93 57.44 -12.60
C LYS B 430 23.15 57.85 -11.15
N LYS B 431 22.55 57.14 -10.21
CA LYS B 431 22.70 57.47 -8.79
C LYS B 431 23.98 56.86 -8.24
N GLY B 432 24.99 56.68 -9.10
CA GLY B 432 26.25 56.08 -8.71
C GLY B 432 27.35 57.12 -8.53
N ALA B 433 28.46 56.64 -7.97
CA ALA B 433 29.58 57.52 -7.61
C ALA B 433 30.03 58.35 -8.80
N SER B 434 30.25 59.65 -8.55
CA SER B 434 30.62 60.58 -9.63
C SER B 434 32.00 60.24 -10.18
N ASP B 435 33.00 60.15 -9.31
CA ASP B 435 34.35 59.76 -9.69
C ASP B 435 34.90 58.84 -8.61
N ILE B 436 35.63 57.81 -9.03
CA ILE B 436 36.20 56.86 -8.09
C ILE B 436 37.33 56.12 -8.80
N LYS B 437 38.41 55.86 -8.06
CA LYS B 437 39.57 55.16 -8.59
C LYS B 437 39.57 53.73 -8.05
N ILE B 438 39.63 52.76 -8.95
CA ILE B 438 39.64 51.35 -8.57
C ILE B 438 41.06 50.85 -8.80
N LEU B 439 41.80 50.68 -7.71
CA LEU B 439 43.17 50.21 -7.77
C LEU B 439 43.19 48.73 -8.13
N ALA B 440 43.82 48.40 -9.26
CA ALA B 440 43.84 47.02 -9.73
C ALA B 440 44.56 46.09 -8.76
N ALA B 441 45.35 46.61 -7.83
CA ALA B 441 46.03 45.75 -6.87
C ALA B 441 45.10 45.26 -5.78
N GLU B 442 44.01 45.99 -5.52
CA GLU B 442 43.03 45.61 -4.50
C GLU B 442 41.95 44.68 -5.04
N THR B 443 41.47 44.92 -6.26
CA THR B 443 40.56 43.97 -6.89
C THR B 443 41.23 42.61 -7.07
N GLU B 444 42.51 42.60 -7.46
CA GLU B 444 43.24 41.36 -7.63
C GLU B 444 43.24 40.55 -6.33
N LYS B 445 43.43 41.22 -5.19
CA LYS B 445 43.39 40.53 -3.91
C LYS B 445 41.97 40.32 -3.42
N TYR B 446 41.01 41.13 -3.89
CA TYR B 446 39.61 40.83 -3.63
C TYR B 446 39.19 39.55 -4.35
N MET B 447 39.57 39.41 -5.62
CA MET B 447 39.30 38.18 -6.35
C MET B 447 40.08 37.00 -5.79
N ASP B 448 41.19 37.25 -5.11
CA ASP B 448 41.91 36.18 -4.43
C ASP B 448 41.03 35.57 -3.34
N ASP B 449 40.44 36.42 -2.51
CA ASP B 449 39.57 35.93 -1.43
C ASP B 449 38.31 35.29 -2.00
N PHE B 450 37.76 35.85 -3.08
CA PHE B 450 36.50 35.34 -3.62
C PHE B 450 36.69 33.95 -4.22
N THR B 451 37.68 33.79 -5.10
CA THR B 451 37.90 32.50 -5.76
C THR B 451 38.32 31.41 -4.78
N ALA B 452 38.71 31.77 -3.56
CA ALA B 452 39.08 30.80 -2.53
C ALA B 452 37.88 30.34 -1.69
N MET B 453 36.74 31.03 -1.79
CA MET B 453 35.56 30.61 -1.05
C MET B 453 34.94 29.36 -1.69
N SER B 454 34.05 28.72 -0.94
CA SER B 454 33.31 27.59 -1.48
C SER B 454 32.30 28.08 -2.53
N VAL B 455 31.74 27.12 -3.26
CA VAL B 455 30.78 27.48 -4.30
C VAL B 455 29.52 28.08 -3.68
N SER B 456 29.13 27.60 -2.49
CA SER B 456 27.93 28.12 -1.85
C SER B 456 28.13 29.55 -1.36
N ASP B 457 29.33 29.88 -0.88
CA ASP B 457 29.62 31.25 -0.49
C ASP B 457 29.64 32.17 -1.69
N GLN B 458 30.19 31.70 -2.81
CA GLN B 458 30.21 32.50 -4.03
C GLN B 458 28.80 32.81 -4.51
N ILE B 459 27.96 31.77 -4.58
CA ILE B 459 26.61 31.92 -5.12
C ILE B 459 25.81 32.93 -4.29
N ASN B 460 26.01 32.93 -2.98
CA ASN B 460 25.26 33.81 -2.10
C ASN B 460 25.57 35.29 -2.31
N THR B 461 26.65 35.63 -3.01
CA THR B 461 26.93 37.04 -3.30
C THR B 461 25.94 37.65 -4.29
N GLN B 462 25.05 36.86 -4.88
CA GLN B 462 23.99 37.42 -5.71
C GLN B 462 23.10 38.37 -4.92
N LYS B 463 23.12 38.30 -3.58
CA LYS B 463 22.42 39.28 -2.75
C LYS B 463 22.89 40.70 -3.06
N PHE B 464 24.16 40.86 -3.44
CA PHE B 464 24.66 42.19 -3.79
C PHE B 464 24.03 42.69 -5.09
N MET B 465 23.82 41.78 -6.04
CA MET B 465 23.10 42.15 -7.26
C MET B 465 21.64 42.45 -6.95
N HIS B 466 20.99 41.59 -6.16
CA HIS B 466 19.55 41.68 -5.99
C HIS B 466 19.12 42.83 -5.10
N CYS B 467 20.02 43.41 -4.31
CA CYS B 467 19.61 44.59 -3.57
C CYS B 467 19.45 45.83 -4.45
N MET B 468 19.77 45.72 -5.74
CA MET B 468 19.45 46.76 -6.71
C MET B 468 18.02 46.69 -7.22
N ILE B 469 17.27 45.64 -6.85
CA ILE B 469 15.83 45.58 -7.13
C ILE B 469 15.11 45.33 -5.81
N THR B 470 15.60 45.95 -4.74
CA THR B 470 15.01 45.83 -3.42
C THR B 470 14.66 47.21 -2.89
N THR B 471 13.45 47.34 -2.34
CA THR B 471 13.01 48.56 -1.68
C THR B 471 13.07 48.35 -0.17
N VAL B 472 13.35 49.44 0.55
CA VAL B 472 13.33 49.43 2.01
C VAL B 472 12.00 50.00 2.49
N GLY B 473 11.51 49.48 3.60
CA GLY B 473 10.29 49.96 4.21
C GLY B 473 9.49 48.82 4.83
N ASP B 474 8.56 49.19 5.71
CA ASP B 474 7.70 48.20 6.37
C ASP B 474 6.62 47.74 5.40
N ALA B 475 6.52 46.42 5.23
CA ALA B 475 5.58 45.84 4.27
C ALA B 475 4.13 46.01 4.68
N LEU B 476 3.85 46.20 5.98
CA LEU B 476 2.47 46.39 6.39
C LEU B 476 1.94 47.77 6.05
N LYS B 477 2.83 48.71 5.71
CA LYS B 477 2.44 50.07 5.38
C LYS B 477 2.35 50.30 3.88
N MET B 478 2.64 49.28 3.06
CA MET B 478 2.69 49.45 1.62
C MET B 478 1.32 49.78 1.06
N ASP B 479 1.32 50.39 -0.13
CA ASP B 479 0.10 50.72 -0.84
C ASP B 479 -0.43 49.48 -1.56
N LEU B 480 -1.74 49.24 -1.41
CA LEU B 480 -2.39 48.05 -1.98
C LEU B 480 -3.24 48.38 -3.20
N ASP B 481 -3.03 49.54 -3.81
CA ASP B 481 -3.90 49.98 -4.88
C ASP B 481 -3.61 49.22 -6.18
N GLY B 482 -4.61 49.21 -7.06
CA GLY B 482 -4.46 48.66 -8.40
C GLY B 482 -4.54 47.14 -8.49
N GLY B 483 -4.90 46.46 -7.42
CA GLY B 483 -4.84 45.00 -7.43
C GLY B 483 -3.42 44.50 -7.36
N ARG B 484 -2.57 45.17 -6.58
CA ARG B 484 -1.14 44.88 -6.56
C ARG B 484 -0.89 43.43 -6.13
N ALA B 485 0.12 42.82 -6.74
CA ALA B 485 0.47 41.43 -6.45
C ALA B 485 1.65 41.40 -5.49
N VAL B 486 1.50 40.64 -4.41
CA VAL B 486 2.52 40.52 -3.36
C VAL B 486 2.59 39.07 -2.92
N ILE B 487 3.81 38.55 -2.76
CA ILE B 487 4.02 37.21 -2.23
C ILE B 487 4.76 37.38 -0.91
N ALA B 488 4.12 36.97 0.18
CA ALA B 488 4.62 37.21 1.53
C ALA B 488 4.50 35.95 2.37
N SER B 489 5.51 35.70 3.19
CA SER B 489 5.56 34.47 3.97
C SER B 489 6.23 34.70 5.32
N TYR B 490 7.49 34.26 5.43
CA TYR B 490 8.19 34.31 6.72
C TYR B 490 8.46 35.75 7.15
N SER B 491 8.88 36.61 6.22
CA SER B 491 9.21 37.99 6.60
C SER B 491 7.99 38.81 7.00
N LEU B 492 6.77 38.27 6.85
CA LEU B 492 5.58 38.81 7.49
C LEU B 492 5.23 38.10 8.79
N SER B 493 4.92 36.81 8.70
CA SER B 493 4.41 36.03 9.81
C SER B 493 5.41 35.87 10.99
N ASN B 494 6.66 36.36 10.97
CA ASN B 494 7.59 36.13 12.07
C ASN B 494 7.29 37.07 13.24
N SER B 495 7.84 36.71 14.41
CA SER B 495 7.47 37.29 15.69
C SER B 495 7.84 38.76 15.85
N SER B 496 8.59 39.35 14.91
CA SER B 496 8.89 40.78 15.00
C SER B 496 7.64 41.62 14.78
N ASN B 497 6.66 41.10 14.04
CA ASN B 497 5.36 41.73 13.88
C ASN B 497 4.31 40.86 14.56
N SER B 498 3.40 41.49 15.28
CA SER B 498 2.36 40.74 15.97
C SER B 498 1.34 40.20 14.96
N LYS B 499 0.55 39.21 15.41
CA LYS B 499 -0.47 38.64 14.54
C LYS B 499 -1.57 39.66 14.24
N GLU B 500 -1.98 40.42 15.25
CA GLU B 500 -3.07 41.36 15.06
C GLU B 500 -2.76 42.35 13.95
N ARG B 501 -1.52 42.86 13.92
CA ARG B 501 -1.16 43.81 12.87
C ARG B 501 -1.01 43.14 11.50
N VAL B 502 -0.71 41.84 11.46
CA VAL B 502 -0.66 41.11 10.20
C VAL B 502 -2.06 40.81 9.68
N LEU B 503 -2.93 40.32 10.56
CA LEU B 503 -4.28 39.99 10.17
C LEU B 503 -5.06 41.23 9.69
N LYS B 504 -4.80 42.38 10.30
CA LYS B 504 -5.46 43.61 9.83
C LYS B 504 -4.93 44.03 8.47
N PHE B 505 -3.62 43.88 8.26
CA PHE B 505 -3.05 44.16 6.94
C PHE B 505 -3.66 43.28 5.87
N LEU B 506 -3.79 41.98 6.15
CA LEU B 506 -4.44 41.08 5.19
C LEU B 506 -5.92 41.43 5.00
N SER B 507 -6.60 41.82 6.09
CA SER B 507 -8.01 42.19 5.97
C SER B 507 -8.18 43.45 5.15
N ASP B 508 -7.30 44.44 5.34
CA ASP B 508 -7.37 45.65 4.53
C ASP B 508 -6.95 45.41 3.09
N ALA B 509 -6.19 44.35 2.82
CA ALA B 509 -5.79 44.04 1.46
C ALA B 509 -6.89 43.31 0.69
N ASN B 510 -7.66 42.46 1.37
CA ASN B 510 -8.83 41.85 0.73
C ASN B 510 -9.94 42.86 0.53
N LYS B 511 -10.10 43.81 1.46
CA LYS B 511 -11.04 44.90 1.24
C LYS B 511 -10.60 45.78 0.07
N ALA B 512 -9.29 45.98 -0.09
CA ALA B 512 -8.78 46.82 -1.16
C ALA B 512 -8.67 46.09 -2.49
N LYS B 513 -9.06 44.81 -2.56
CA LYS B 513 -9.06 44.03 -3.80
C LYS B 513 -7.65 43.85 -4.36
N ALA B 514 -6.69 43.60 -3.47
CA ALA B 514 -5.32 43.33 -3.87
C ALA B 514 -5.05 41.83 -3.84
N MET B 515 -3.95 41.43 -4.47
CA MET B 515 -3.58 40.01 -4.57
C MET B 515 -2.32 39.79 -3.73
N VAL B 516 -2.51 39.70 -2.43
CA VAL B 516 -1.45 39.38 -1.48
C VAL B 516 -1.55 37.89 -1.19
N VAL B 517 -0.55 37.12 -1.64
CA VAL B 517 -0.50 35.69 -1.39
C VAL B 517 0.31 35.46 -0.11
N PHE B 518 -0.33 34.87 0.90
CA PHE B 518 0.21 34.76 2.25
C PHE B 518 0.39 33.29 2.64
N GLY B 519 1.48 33.01 3.34
CA GLY B 519 1.73 31.67 3.82
C GLY B 519 2.25 31.70 5.23
N ALA B 520 1.95 30.64 5.98
CA ALA B 520 2.35 30.58 7.38
C ALA B 520 2.28 29.13 7.83
N PRO B 521 3.06 28.74 8.83
CA PRO B 521 2.89 27.41 9.41
C PRO B 521 1.53 27.30 10.06
N ASN B 522 0.97 26.09 10.02
CA ASN B 522 -0.37 25.81 10.55
C ASN B 522 -0.22 25.36 12.00
N THR B 523 -0.73 26.17 12.93
CA THR B 523 -0.55 25.90 14.35
C THR B 523 -1.04 24.52 14.72
N HIS B 524 -2.29 24.19 14.37
CA HIS B 524 -2.87 22.95 14.84
C HIS B 524 -2.32 21.74 14.10
N ARG B 525 -1.97 21.89 12.82
CA ARG B 525 -1.34 20.76 12.14
C ARG B 525 0.05 20.48 12.71
N LEU B 526 0.80 21.54 13.03
CA LEU B 526 2.10 21.37 13.64
C LEU B 526 1.98 20.77 15.05
N ALA B 527 1.01 21.25 15.84
CA ALA B 527 0.82 20.70 17.18
C ALA B 527 0.38 19.24 17.13
N TYR B 528 -0.38 18.86 16.11
CA TYR B 528 -0.79 17.47 15.99
C TYR B 528 0.37 16.59 15.59
N ALA B 529 1.24 17.08 14.70
CA ALA B 529 2.41 16.30 14.32
C ALA B 529 3.37 16.11 15.49
N LYS B 530 3.33 17.01 16.47
CA LYS B 530 4.16 16.86 17.67
C LYS B 530 3.50 15.96 18.70
N LYS B 531 2.18 16.06 18.87
CA LYS B 531 1.48 15.28 19.90
C LYS B 531 1.59 13.79 19.62
N VAL B 532 1.52 13.39 18.35
CA VAL B 532 1.57 11.96 18.02
C VAL B 532 2.98 11.41 17.96
N GLY B 533 4.01 12.26 18.06
CA GLY B 533 5.38 11.80 18.11
C GLY B 533 6.16 11.86 16.81
N LEU B 534 5.59 12.42 15.74
CA LEU B 534 6.30 12.48 14.47
C LEU B 534 7.42 13.51 14.51
N VAL B 535 7.10 14.73 14.96
CA VAL B 535 8.07 15.80 15.10
C VAL B 535 8.49 15.87 16.57
N LEU B 536 9.78 15.79 16.82
CA LEU B 536 10.30 15.83 18.18
C LEU B 536 10.70 17.24 18.57
N ASP B 537 10.78 17.47 19.88
CA ASP B 537 11.17 18.78 20.39
C ASP B 537 12.59 19.17 20.00
N SER B 538 13.46 18.20 19.73
CA SER B 538 14.81 18.52 19.28
C SER B 538 14.84 19.10 17.86
N ALA B 539 13.70 19.16 17.18
CA ALA B 539 13.61 19.75 15.85
C ALA B 539 12.74 21.00 15.81
N ILE B 540 11.54 20.94 16.40
CA ILE B 540 10.61 22.06 16.40
C ILE B 540 9.94 22.11 17.76
N LYS B 541 9.91 23.30 18.37
CA LYS B 541 9.22 23.55 19.62
C LYS B 541 8.12 24.58 19.39
N MET B 542 7.13 24.57 20.29
CA MET B 542 5.98 25.44 20.13
C MET B 542 5.46 25.87 21.48
N SER B 543 5.26 27.17 21.63
CA SER B 543 4.66 27.79 22.81
C SER B 543 3.39 28.47 22.32
N LYS B 544 2.26 27.78 22.44
CA LYS B 544 0.99 28.21 21.85
C LYS B 544 1.15 28.34 20.34
N ASP B 545 1.18 29.57 19.81
CA ASP B 545 1.32 29.79 18.37
C ASP B 545 2.69 30.37 18.01
N LEU B 546 3.64 30.31 18.93
CA LEU B 546 5.00 30.79 18.73
C LEU B 546 5.92 29.60 18.49
N ILE B 547 6.47 29.49 17.28
CA ILE B 547 7.16 28.29 16.82
C ILE B 547 8.66 28.58 16.71
N THR B 548 9.48 27.66 17.24
CA THR B 548 10.93 27.70 17.07
C THR B 548 11.34 26.53 16.18
N PHE B 549 11.80 26.85 14.96
CA PHE B 549 12.21 25.85 13.98
C PHE B 549 13.71 25.55 14.06
N SER B 550 14.09 24.43 13.45
CA SER B 550 15.50 24.09 13.29
C SER B 550 15.65 23.08 12.16
N ASN B 551 16.60 23.31 11.26
CA ASN B 551 16.86 22.38 10.17
C ASN B 551 18.16 21.62 10.41
N PRO B 552 18.43 20.54 9.68
CA PRO B 552 19.60 19.71 9.99
C PRO B 552 20.92 20.48 9.99
N THR B 553 21.02 21.59 9.26
CA THR B 553 22.26 22.36 9.26
C THR B 553 22.56 22.98 10.62
N GLY B 554 21.56 23.15 11.48
CA GLY B 554 21.73 23.75 12.79
C GLY B 554 21.11 25.11 12.94
N ARG B 555 20.66 25.73 11.85
CA ARG B 555 20.05 27.06 11.94
C ARG B 555 18.71 26.97 12.66
N ARG B 556 18.42 27.99 13.47
CA ARG B 556 17.18 28.07 14.23
C ARG B 556 16.52 29.42 13.95
N TRP B 557 15.19 29.43 13.92
CA TRP B 557 14.47 30.68 13.70
C TRP B 557 13.08 30.59 14.31
N ARG B 558 12.52 31.76 14.60
CA ARG B 558 11.19 31.89 15.17
C ARG B 558 10.19 32.18 14.06
N ASP B 559 8.96 31.72 14.26
CA ASP B 559 7.89 32.09 13.36
C ASP B 559 6.58 31.90 14.12
N TYR B 560 5.51 32.51 13.59
CA TYR B 560 4.20 32.47 14.21
C TYR B 560 3.28 31.58 13.39
N GLY B 561 2.59 30.68 14.07
CA GLY B 561 1.62 29.85 13.39
C GLY B 561 0.28 30.54 13.25
N TYR B 562 -0.45 30.16 12.20
CA TYR B 562 -1.78 30.69 11.94
C TYR B 562 -2.74 29.52 11.71
N SER B 563 -4.03 29.82 11.85
CA SER B 563 -5.06 28.81 11.65
C SER B 563 -6.01 29.26 10.55
N GLN B 564 -6.75 28.31 10.00
CA GLN B 564 -7.64 28.62 8.90
C GLN B 564 -8.75 29.58 9.32
N SER B 565 -9.23 29.47 10.56
CA SER B 565 -10.32 30.34 11.01
C SER B 565 -9.83 31.78 11.20
N GLU B 566 -8.63 31.96 11.76
CA GLU B 566 -8.07 33.31 11.91
C GLU B 566 -8.00 34.04 10.58
N LEU B 567 -7.65 33.33 9.52
CA LEU B 567 -7.44 33.97 8.22
C LEU B 567 -8.73 34.12 7.43
N TYR B 568 -9.70 33.22 7.60
CA TYR B 568 -11.01 33.50 7.04
C TYR B 568 -11.67 34.67 7.75
N ASP B 569 -11.39 34.84 9.04
CA ASP B 569 -11.85 36.04 9.74
C ASP B 569 -11.30 37.31 9.09
N ALA B 570 -10.06 37.24 8.59
CA ALA B 570 -9.42 38.35 7.90
C ALA B 570 -9.71 38.36 6.41
N GLY B 571 -10.65 37.54 5.94
CA GLY B 571 -11.01 37.54 4.53
C GLY B 571 -10.02 36.83 3.63
N TYR B 572 -9.44 35.72 4.10
CA TYR B 572 -8.49 34.95 3.32
C TYR B 572 -8.89 33.49 3.31
N VAL B 573 -8.72 32.84 2.16
CA VAL B 573 -9.16 31.47 1.96
C VAL B 573 -7.94 30.59 1.73
N GLU B 574 -7.84 29.49 2.45
CA GLU B 574 -6.73 28.56 2.25
C GLU B 574 -6.89 27.83 0.93
N ILE B 575 -5.79 27.76 0.17
CA ILE B 575 -5.72 27.02 -1.08
C ILE B 575 -4.42 26.23 -1.08
N THR B 576 -4.49 24.96 -1.48
CA THR B 576 -3.32 24.09 -1.50
C THR B 576 -2.43 24.40 -2.70
N ILE B 577 -1.15 24.02 -2.58
CA ILE B 577 -0.22 24.15 -3.69
C ILE B 577 -0.70 23.34 -4.89
N ASP B 578 -1.21 22.14 -4.65
CA ASP B 578 -1.69 21.28 -5.72
C ASP B 578 -2.79 21.98 -6.53
N GLN B 579 -3.68 22.71 -5.85
CA GLN B 579 -4.75 23.41 -6.57
C GLN B 579 -4.21 24.60 -7.35
N MET B 580 -3.22 25.30 -6.79
CA MET B 580 -2.66 26.47 -7.46
C MET B 580 -2.01 26.08 -8.78
N VAL B 581 -1.16 25.05 -8.77
CA VAL B 581 -0.46 24.71 -10.01
C VAL B 581 -1.44 24.18 -11.05
N ALA B 582 -2.51 23.49 -10.63
CA ALA B 582 -3.50 23.00 -11.58
C ALA B 582 -4.42 24.12 -12.05
N TYR B 583 -4.73 25.08 -11.17
CA TYR B 583 -5.49 26.25 -11.60
C TYR B 583 -4.69 27.10 -12.56
N SER B 584 -3.36 27.10 -12.43
CA SER B 584 -2.45 27.90 -13.25
C SER B 584 -1.82 27.09 -14.38
N SER B 585 -2.36 25.91 -14.68
CA SER B 585 -1.66 24.96 -15.55
C SER B 585 -1.37 25.54 -16.93
N ASP B 586 -2.31 26.30 -17.50
CA ASP B 586 -2.12 26.74 -18.88
C ASP B 586 -1.06 27.82 -19.01
N VAL B 587 -0.71 28.52 -17.93
CA VAL B 587 0.34 29.53 -17.99
C VAL B 587 1.62 29.07 -17.33
N TYR B 588 1.62 27.91 -16.65
CA TYR B 588 2.72 27.54 -15.78
C TYR B 588 3.97 27.18 -16.57
N ASN B 589 5.11 27.70 -16.14
CA ASN B 589 6.40 27.47 -16.78
C ASN B 589 7.49 27.28 -15.73
N GLY B 590 7.12 26.74 -14.57
CA GLY B 590 8.05 26.52 -13.49
C GLY B 590 8.60 25.11 -13.48
N VAL B 591 9.08 24.71 -12.30
CA VAL B 591 9.62 23.37 -12.12
C VAL B 591 8.57 22.49 -11.49
N GLY B 592 8.78 21.17 -11.58
CA GLY B 592 8.03 20.19 -10.84
C GLY B 592 8.80 19.67 -9.64
N TYR B 593 8.36 18.52 -9.14
CA TYR B 593 8.96 17.88 -7.97
C TYR B 593 8.85 16.38 -8.10
N PHE B 594 9.61 15.66 -7.26
CA PHE B 594 9.58 14.20 -7.27
C PHE B 594 9.00 13.58 -6.01
N ALA B 595 9.19 14.20 -4.85
CA ALA B 595 8.65 13.67 -3.61
C ALA B 595 8.03 14.81 -2.78
N ASN B 596 7.02 14.46 -2.00
CA ASN B 596 6.42 15.38 -1.04
C ASN B 596 7.25 15.45 0.25
N SER B 597 7.05 16.52 1.01
CA SER B 597 7.89 16.84 2.17
C SER B 597 7.02 17.10 3.40
N THR B 598 7.35 16.41 4.50
CA THR B 598 6.62 16.63 5.74
C THR B 598 6.76 18.07 6.22
N TYR B 599 7.98 18.62 6.16
CA TYR B 599 8.19 20.00 6.60
C TYR B 599 7.32 20.98 5.82
N ASN B 600 7.31 20.87 4.50
CA ASN B 600 6.51 21.80 3.70
C ASN B 600 5.02 21.61 3.94
N ASP B 601 4.59 20.39 4.26
CA ASP B 601 3.17 20.14 4.52
C ASP B 601 2.68 20.82 5.79
N LEU B 602 3.58 21.21 6.69
CA LEU B 602 3.19 21.96 7.87
C LEU B 602 2.72 23.37 7.55
N PHE B 603 2.90 23.84 6.32
CA PHE B 603 2.58 25.21 5.95
C PHE B 603 1.27 25.27 5.17
N SER B 604 0.59 26.40 5.27
CA SER B 604 -0.62 26.65 4.52
C SER B 604 -0.48 27.97 3.79
N TRP B 605 -1.12 28.06 2.62
CA TRP B 605 -1.09 29.25 1.80
C TRP B 605 -2.51 29.77 1.62
N TYR B 606 -2.64 31.07 1.42
CA TYR B 606 -3.93 31.72 1.49
C TYR B 606 -4.04 32.79 0.42
N ILE B 607 -5.24 32.92 -0.15
CA ILE B 607 -5.52 33.96 -1.14
C ILE B 607 -6.71 34.79 -0.63
N PRO B 608 -6.82 36.03 -1.11
CA PRO B 608 -7.91 36.89 -0.63
C PRO B 608 -9.28 36.39 -1.05
N LYS B 609 -10.25 36.57 -0.15
CA LYS B 609 -11.59 36.05 -0.37
C LYS B 609 -12.27 36.68 -1.58
N TRP B 610 -11.97 37.95 -1.86
CA TRP B 610 -12.63 38.61 -2.98
C TRP B 610 -12.33 37.91 -4.29
N TYR B 611 -11.09 37.42 -4.46
CA TYR B 611 -10.75 36.75 -5.71
C TYR B 611 -11.34 35.34 -5.78
N VAL B 612 -11.42 34.66 -4.65
CA VAL B 612 -12.12 33.37 -4.60
C VAL B 612 -13.54 33.53 -5.12
N HIS B 613 -14.26 34.51 -4.59
CA HIS B 613 -15.64 34.73 -4.99
C HIS B 613 -15.77 35.12 -6.46
N LYS B 614 -14.78 35.80 -7.01
CA LYS B 614 -14.91 36.29 -8.38
C LYS B 614 -14.65 35.18 -9.41
N ARG B 615 -13.68 34.31 -9.15
CA ARG B 615 -13.19 33.38 -10.18
C ARG B 615 -13.18 31.91 -9.79
N MET B 616 -13.40 31.55 -8.53
CA MET B 616 -13.12 30.20 -8.07
C MET B 616 -14.31 29.49 -7.45
N LEU B 617 -15.52 30.05 -7.52
CA LEU B 617 -16.68 29.38 -6.94
C LEU B 617 -17.17 28.22 -7.82
N MET B 618 -16.93 28.28 -9.12
CA MET B 618 -17.23 27.17 -10.03
C MET B 618 -16.07 26.19 -9.98
N GLN B 619 -16.32 25.00 -9.45
CA GLN B 619 -15.26 24.01 -9.24
C GLN B 619 -15.17 23.07 -10.44
N ASP B 620 -14.20 23.31 -11.31
CA ASP B 620 -13.80 22.30 -12.27
C ASP B 620 -12.69 21.46 -11.62
N ILE B 621 -12.11 20.53 -12.38
CA ILE B 621 -11.18 19.58 -11.79
C ILE B 621 -9.92 20.26 -11.25
N ARG B 622 -9.55 21.42 -11.81
CA ARG B 622 -8.34 22.09 -11.34
C ARG B 622 -8.45 22.52 -9.89
N LEU B 623 -9.67 22.78 -9.41
CA LEU B 623 -9.88 23.26 -8.05
C LEU B 623 -10.53 22.21 -7.16
N SER B 624 -10.68 20.99 -7.63
CA SER B 624 -11.40 20.04 -6.81
C SER B 624 -10.49 19.44 -5.74
N PRO B 625 -11.07 18.95 -4.65
CA PRO B 625 -10.28 18.20 -3.68
C PRO B 625 -10.22 16.72 -3.98
N ALA B 626 -10.48 16.33 -5.24
CA ALA B 626 -10.67 14.91 -5.56
C ALA B 626 -9.45 14.08 -5.18
N ALA B 627 -8.26 14.64 -5.31
CA ALA B 627 -7.04 13.92 -4.97
C ALA B 627 -6.77 13.88 -3.47
N LEU B 628 -7.73 14.30 -2.64
CA LEU B 628 -7.60 14.19 -1.19
C LEU B 628 -8.84 13.66 -0.49
N VAL B 629 -10.03 13.72 -1.09
CA VAL B 629 -11.26 13.36 -0.39
C VAL B 629 -11.50 11.86 -0.33
N LYS B 630 -10.62 11.04 -0.91
CA LYS B 630 -10.86 9.60 -0.90
C LYS B 630 -9.65 8.76 -0.54
N CYS B 631 -8.42 9.22 -0.75
CA CYS B 631 -7.26 8.35 -0.53
C CYS B 631 -7.01 8.08 0.95
N PHE B 632 -7.36 9.00 1.84
CA PHE B 632 -7.20 8.71 3.26
C PHE B 632 -8.26 7.74 3.74
N THR B 633 -9.52 7.98 3.36
CA THR B 633 -10.61 7.10 3.76
C THR B 633 -10.35 5.66 3.31
N THR B 634 -9.88 5.49 2.07
CA THR B 634 -9.60 4.15 1.57
C THR B 634 -8.44 3.51 2.34
N LEU B 635 -7.37 4.27 2.58
CA LEU B 635 -6.25 3.75 3.34
C LEU B 635 -6.70 3.29 4.73
N ILE B 636 -7.54 4.08 5.40
CA ILE B 636 -8.03 3.72 6.72
C ILE B 636 -9.01 2.55 6.65
N ARG B 637 -9.87 2.51 5.63
CA ARG B 637 -10.81 1.40 5.50
C ARG B 637 -10.08 0.08 5.32
N ASN B 638 -8.94 0.10 4.62
CA ASN B 638 -8.15 -1.12 4.43
C ASN B 638 -7.43 -1.54 5.71
N ILE B 639 -6.88 -0.56 6.43
CA ILE B 639 -6.19 -0.86 7.69
C ILE B 639 -7.19 -1.41 8.71
N CYS B 640 -8.39 -0.85 8.75
CA CYS B 640 -9.33 -1.08 9.84
C CYS B 640 -10.50 -1.98 9.47
N TYR B 641 -10.43 -2.65 8.31
CA TYR B 641 -11.42 -3.66 7.93
C TYR B 641 -12.83 -3.06 7.87
N VAL B 642 -12.96 -1.93 7.18
CA VAL B 642 -14.24 -1.27 7.05
C VAL B 642 -14.81 -1.55 5.66
N PRO B 643 -15.79 -2.44 5.55
CA PRO B 643 -16.43 -2.66 4.24
C PRO B 643 -17.08 -1.39 3.71
N HIS B 644 -17.23 -1.37 2.38
CA HIS B 644 -17.75 -0.18 1.70
C HIS B 644 -19.12 0.21 2.25
N GLU B 645 -20.06 -0.72 2.28
CA GLU B 645 -21.40 -0.38 2.78
C GLU B 645 -21.37 -0.13 4.29
N THR B 646 -20.54 -0.87 5.02
CA THR B 646 -20.41 -0.64 6.45
C THR B 646 -19.95 0.80 6.74
N TYR B 647 -19.08 1.34 5.90
CA TYR B 647 -18.65 2.73 6.07
C TYR B 647 -19.84 3.68 6.04
N TYR B 648 -20.87 3.37 5.26
CA TYR B 648 -22.04 4.25 5.16
C TYR B 648 -23.04 4.01 6.29
N ARG B 649 -23.15 2.78 6.80
CA ARG B 649 -23.96 2.57 7.99
C ARG B 649 -23.33 3.25 9.20
N PHE B 650 -22.00 3.19 9.31
CA PHE B 650 -21.32 3.92 10.37
C PHE B 650 -21.66 5.41 10.32
N ARG B 651 -21.79 5.96 9.12
CA ARG B 651 -22.14 7.37 8.97
C ARG B 651 -23.52 7.65 9.55
N GLY B 652 -24.51 6.82 9.21
CA GLY B 652 -25.83 6.99 9.79
C GLY B 652 -25.86 6.77 11.28
N ILE B 653 -25.05 5.84 11.79
CA ILE B 653 -25.02 5.60 13.23
C ILE B 653 -24.49 6.82 13.97
N LEU B 654 -23.53 7.53 13.36
CA LEU B 654 -23.00 8.74 13.99
C LEU B 654 -24.05 9.84 14.01
N VAL B 655 -24.89 9.93 12.97
CA VAL B 655 -25.96 10.91 12.98
C VAL B 655 -27.00 10.54 14.04
N ASP B 656 -27.28 9.25 14.17
CA ASP B 656 -28.19 8.78 15.22
C ASP B 656 -27.68 9.21 16.60
N LYS B 657 -26.41 8.95 16.90
CA LYS B 657 -25.87 9.28 18.21
C LYS B 657 -25.85 10.78 18.45
N TYR B 658 -25.68 11.58 17.39
CA TYR B 658 -25.68 13.04 17.52
C TYR B 658 -27.08 13.59 17.69
N LEU B 659 -28.02 13.15 16.84
CA LEU B 659 -29.40 13.63 16.95
C LEU B 659 -29.98 13.30 18.32
N ARG B 660 -29.67 12.13 18.86
CA ARG B 660 -30.14 11.77 20.19
C ARG B 660 -29.41 12.56 21.27
N SER B 661 -28.18 13.01 20.98
CA SER B 661 -27.46 13.83 21.94
C SER B 661 -28.04 15.23 22.01
N LYS B 662 -28.67 15.70 20.94
CA LYS B 662 -29.36 16.97 20.90
C LYS B 662 -30.84 16.84 21.25
N ASN B 663 -31.22 15.71 21.86
CA ASN B 663 -32.58 15.49 22.36
C ASN B 663 -33.62 15.60 21.25
N VAL B 664 -33.26 15.10 20.06
CA VAL B 664 -34.26 14.81 19.04
C VAL B 664 -34.85 13.45 19.36
N ASP B 665 -36.15 13.31 19.16
CA ASP B 665 -36.80 12.05 19.48
C ASP B 665 -36.54 11.03 18.37
N PRO B 666 -35.97 9.87 18.69
CA PRO B 666 -35.62 8.90 17.64
C PRO B 666 -36.79 8.49 16.77
N SER B 667 -38.03 8.69 17.22
CA SER B 667 -39.19 8.31 16.40
C SER B 667 -39.39 9.25 15.23
N GLN B 668 -38.76 10.43 15.24
CA GLN B 668 -38.95 11.41 14.19
C GLN B 668 -38.14 11.13 12.93
N TYR B 669 -37.22 10.16 12.97
CA TYR B 669 -36.37 9.87 11.83
C TYR B 669 -36.08 8.38 11.76
N SER B 670 -35.84 7.88 10.55
CA SER B 670 -35.44 6.50 10.32
C SER B 670 -34.06 6.48 9.70
N ILE B 671 -33.11 5.87 10.41
CA ILE B 671 -31.74 5.79 9.94
C ILE B 671 -31.62 4.72 8.87
N VAL B 672 -31.06 5.09 7.73
CA VAL B 672 -30.84 4.18 6.62
C VAL B 672 -29.37 3.78 6.50
N GLY B 673 -28.49 4.77 6.43
CA GLY B 673 -27.07 4.53 6.47
C GLY B 673 -26.52 3.92 5.20
N SER B 674 -26.90 4.47 4.05
CA SER B 674 -26.38 4.06 2.76
C SER B 674 -25.64 5.23 2.12
N GLY B 675 -25.13 4.98 0.92
CA GLY B 675 -24.48 6.05 0.16
C GLY B 675 -25.43 7.07 -0.41
N SER B 676 -26.70 6.70 -0.63
CA SER B 676 -27.70 7.59 -1.21
C SER B 676 -28.54 8.29 -0.16
N LYS B 677 -28.88 7.61 0.94
CA LYS B 677 -29.69 8.15 2.01
C LYS B 677 -28.96 7.94 3.33
N THR B 678 -28.65 9.03 4.03
CA THR B 678 -28.17 8.89 5.40
C THR B 678 -29.32 8.51 6.33
N PHE B 679 -30.42 9.27 6.28
CA PHE B 679 -31.62 8.93 7.03
C PHE B 679 -32.82 9.60 6.37
N THR B 680 -34.01 9.13 6.74
CA THR B 680 -35.28 9.67 6.26
C THR B 680 -36.01 10.33 7.43
N VAL B 681 -36.66 11.46 7.15
CA VAL B 681 -37.40 12.21 8.16
C VAL B 681 -38.84 11.72 8.20
N LEU B 682 -39.36 11.53 9.41
CA LEU B 682 -40.74 11.11 9.62
C LEU B 682 -41.63 12.23 10.13
N SER B 683 -41.11 13.07 11.04
CA SER B 683 -41.81 14.23 11.55
C SER B 683 -40.89 15.43 11.47
N HIS B 684 -41.49 16.61 11.27
CA HIS B 684 -40.73 17.85 11.23
C HIS B 684 -39.96 18.06 12.54
N PHE B 685 -38.69 18.44 12.43
CA PHE B 685 -37.91 18.74 13.61
C PHE B 685 -36.75 19.66 13.24
N GLU B 686 -36.24 20.35 14.26
CA GLU B 686 -35.14 21.30 14.11
C GLU B 686 -34.03 20.93 15.08
N VAL B 687 -32.80 21.24 14.72
CA VAL B 687 -31.64 21.09 15.60
C VAL B 687 -30.97 22.41 15.71
N PRO B 688 -30.72 22.93 16.93
CA PRO B 688 -30.06 24.23 17.08
C PRO B 688 -28.69 24.25 16.42
N HIS B 689 -28.34 25.41 15.88
CA HIS B 689 -27.03 25.58 15.25
C HIS B 689 -26.65 27.07 15.25
N GLU B 690 -25.34 27.30 15.17
CA GLU B 690 -24.78 28.64 15.22
C GLU B 690 -25.24 29.51 14.05
N CYS B 691 -25.58 28.90 12.92
CA CYS B 691 -25.92 29.64 11.70
C CYS B 691 -27.43 29.75 11.49
N GLY B 692 -28.22 29.48 12.51
CA GLY B 692 -29.65 29.32 12.34
C GLY B 692 -30.01 27.86 12.37
N PRO B 693 -31.21 27.54 12.85
CA PRO B 693 -31.58 26.13 13.03
C PRO B 693 -31.59 25.37 11.71
N LEU B 694 -31.27 24.09 11.79
CA LEU B 694 -31.35 23.19 10.64
C LEU B 694 -32.74 22.58 10.61
N VAL B 695 -33.46 22.79 9.52
CA VAL B 695 -34.88 22.46 9.40
C VAL B 695 -35.01 21.20 8.55
N PHE B 696 -35.49 20.12 9.17
CA PHE B 696 -35.78 18.88 8.45
C PHE B 696 -37.29 18.66 8.44
N GLU B 697 -37.87 18.70 7.25
CA GLU B 697 -39.31 18.48 7.09
C GLU B 697 -39.59 17.00 6.84
N ALA B 698 -40.81 16.57 7.19
CA ALA B 698 -41.16 15.17 7.07
C ALA B 698 -41.22 14.74 5.61
N SER B 699 -41.08 13.43 5.40
CA SER B 699 -41.08 12.84 4.06
C SER B 699 -39.93 13.34 3.19
N THR B 700 -38.79 13.64 3.80
CA THR B 700 -37.60 14.05 3.08
C THR B 700 -36.47 13.06 3.33
N ASP B 701 -35.65 12.83 2.31
CA ASP B 701 -34.43 12.05 2.45
C ASP B 701 -33.26 12.98 2.68
N VAL B 702 -32.43 12.66 3.68
CA VAL B 702 -31.27 13.47 4.01
C VAL B 702 -30.01 12.69 3.67
N ASN B 703 -29.11 13.32 2.92
CA ASN B 703 -27.82 12.73 2.55
C ASN B 703 -26.75 13.76 2.87
N ILE B 704 -26.04 13.57 3.97
CA ILE B 704 -25.07 14.55 4.45
C ILE B 704 -23.84 14.55 3.55
N SER B 705 -23.00 15.57 3.69
CA SER B 705 -21.83 15.75 2.85
C SER B 705 -20.70 14.83 3.30
N GLY B 706 -20.40 13.81 2.50
CA GLY B 706 -19.30 12.94 2.83
C GLY B 706 -17.95 13.60 2.65
N HIS B 707 -17.83 14.52 1.69
CA HIS B 707 -16.55 15.17 1.43
C HIS B 707 -16.05 15.94 2.64
N LEU B 708 -16.95 16.60 3.38
CA LEU B 708 -16.53 17.33 4.56
C LEU B 708 -15.89 16.39 5.58
N LEU B 709 -16.45 15.19 5.75
CA LEU B 709 -15.88 14.25 6.71
C LEU B 709 -14.50 13.80 6.28
N SER B 710 -14.35 13.40 5.02
CA SER B 710 -13.05 12.96 4.52
C SER B 710 -12.02 14.07 4.63
N LEU B 711 -12.41 15.31 4.32
CA LEU B 711 -11.46 16.41 4.32
C LEU B 711 -11.00 16.76 5.72
N ALA B 712 -11.86 16.57 6.72
CA ALA B 712 -11.44 16.79 8.10
C ALA B 712 -10.32 15.82 8.49
N ILE B 713 -10.40 14.58 8.01
CA ILE B 713 -9.30 13.64 8.24
C ILE B 713 -8.04 14.11 7.53
N ALA B 714 -8.16 14.50 6.26
CA ALA B 714 -6.98 14.88 5.49
C ALA B 714 -6.31 16.12 6.06
N ALA B 715 -7.08 16.98 6.71
CA ALA B 715 -6.52 18.20 7.28
C ALA B 715 -5.61 17.92 8.47
N HIS B 716 -5.62 16.70 9.01
CA HIS B 716 -4.70 16.32 10.07
C HIS B 716 -3.28 16.11 9.55
N PHE B 717 -3.12 15.80 8.26
CA PHE B 717 -1.82 15.36 7.74
C PHE B 717 -1.21 16.31 6.73
N VAL B 718 -2.01 16.88 5.82
CA VAL B 718 -1.52 17.81 4.82
C VAL B 718 -2.46 19.01 4.75
N ALA B 719 -2.09 19.99 3.93
CA ALA B 719 -2.92 21.18 3.79
C ALA B 719 -4.29 20.83 3.24
N SER B 720 -5.30 21.63 3.62
CA SER B 720 -6.69 21.29 3.32
C SER B 720 -7.29 22.26 2.32
N PRO B 721 -7.99 21.77 1.29
CA PRO B 721 -8.80 22.66 0.46
C PRO B 721 -10.21 22.81 1.03
N MET B 722 -10.37 22.57 2.33
CA MET B 722 -11.69 22.50 2.96
C MET B 722 -12.44 23.83 2.84
N ILE B 723 -11.76 24.95 3.03
CA ILE B 723 -12.47 26.22 3.07
C ILE B 723 -12.80 26.70 1.67
N LEU B 724 -11.91 26.47 0.71
CA LEU B 724 -12.27 26.67 -0.69
C LEU B 724 -13.42 25.75 -1.09
N TRP B 725 -13.34 24.48 -0.68
CA TRP B 725 -14.43 23.54 -0.95
C TRP B 725 -15.73 24.04 -0.34
N ALA B 726 -15.68 24.58 0.88
CA ALA B 726 -16.90 25.05 1.54
C ALA B 726 -17.52 26.22 0.78
N GLU B 727 -16.70 27.12 0.25
CA GLU B 727 -17.24 28.25 -0.52
C GLU B 727 -17.84 27.77 -1.83
N GLN B 728 -17.22 26.77 -2.47
CA GLN B 728 -17.82 26.18 -3.67
C GLN B 728 -19.07 25.39 -3.32
N MET B 729 -19.11 24.79 -2.14
CA MET B 729 -20.29 24.03 -1.74
C MET B 729 -21.48 24.95 -1.49
N LYS B 730 -21.26 26.06 -0.76
CA LYS B 730 -22.35 27.01 -0.53
C LYS B 730 -22.88 27.58 -1.84
N TYR B 731 -21.99 27.90 -2.78
CA TYR B 731 -22.38 28.37 -4.10
C TYR B 731 -23.16 27.31 -4.87
N MET B 732 -23.06 26.04 -4.47
CA MET B 732 -23.69 24.94 -5.18
C MET B 732 -24.97 24.47 -4.51
N ALA B 733 -25.55 25.28 -3.62
CA ALA B 733 -26.86 24.96 -3.08
C ALA B 733 -27.94 24.89 -4.16
N VAL B 734 -27.73 25.58 -5.28
CA VAL B 734 -28.65 25.55 -6.42
C VAL B 734 -27.87 25.18 -7.67
N ASP B 735 -28.59 24.94 -8.75
CA ASP B 735 -27.95 24.68 -10.04
C ASP B 735 -27.23 25.93 -10.54
N ARG B 736 -26.11 25.72 -11.23
CA ARG B 736 -25.33 26.81 -11.80
C ARG B 736 -25.02 26.49 -13.26
N MET B 737 -25.00 27.52 -14.10
CA MET B 737 -24.81 27.31 -15.52
C MET B 737 -23.33 27.13 -15.82
N LEU B 738 -23.01 26.10 -16.59
CA LEU B 738 -21.64 25.90 -17.06
C LEU B 738 -21.13 27.17 -17.75
N PRO B 739 -19.87 27.57 -17.51
CA PRO B 739 -19.27 28.63 -18.35
C PRO B 739 -19.09 28.13 -19.78
N PRO B 740 -19.61 28.85 -20.78
CA PRO B 740 -19.35 28.46 -22.18
C PRO B 740 -17.91 28.66 -22.62
N ASN B 741 -17.08 29.33 -21.80
CA ASN B 741 -15.68 29.53 -22.15
C ASN B 741 -14.91 28.22 -22.09
N LEU B 742 -14.96 27.54 -20.94
CA LEU B 742 -14.02 26.47 -20.64
C LEU B 742 -14.41 25.15 -21.29
N ASP B 743 -13.40 24.31 -21.51
CA ASP B 743 -13.63 22.96 -22.00
C ASP B 743 -14.47 22.18 -21.00
N LYS B 744 -15.46 21.44 -21.50
CA LYS B 744 -16.41 20.73 -20.64
C LYS B 744 -15.83 19.44 -20.07
N SER B 745 -14.72 18.94 -20.61
CA SER B 745 -14.03 17.82 -19.99
C SER B 745 -13.48 18.19 -18.61
N LEU B 746 -13.13 19.46 -18.40
CA LEU B 746 -12.71 19.92 -17.08
C LEU B 746 -13.76 19.70 -16.01
N PHE B 747 -15.01 19.42 -16.38
CA PHE B 747 -16.08 19.18 -15.43
C PHE B 747 -16.52 17.72 -15.43
N PHE B 748 -15.64 16.81 -15.85
CA PHE B 748 -16.04 15.41 -15.95
C PHE B 748 -16.48 14.84 -14.61
N ASP B 749 -15.97 15.39 -13.50
CA ASP B 749 -16.22 14.86 -12.17
C ASP B 749 -17.47 15.44 -11.52
N ASN B 750 -18.08 16.45 -12.11
CA ASN B 750 -19.30 17.05 -11.62
C ASN B 750 -20.50 16.49 -12.36
N LYS B 751 -21.61 16.31 -11.65
CA LYS B 751 -22.82 15.84 -12.28
C LYS B 751 -23.51 17.00 -13.00
N VAL B 752 -23.83 16.80 -14.28
CA VAL B 752 -24.42 17.83 -15.12
C VAL B 752 -25.89 17.47 -15.33
N THR B 753 -26.77 18.47 -15.21
CA THR B 753 -28.20 18.26 -15.35
C THR B 753 -28.55 17.98 -16.82
N PRO B 754 -29.77 17.50 -17.08
CA PRO B 754 -30.24 17.39 -18.47
C PRO B 754 -30.05 18.65 -19.30
N SER B 755 -30.33 19.82 -18.71
CA SER B 755 -30.26 21.07 -19.44
C SER B 755 -28.86 21.46 -19.89
N GLY B 756 -27.82 20.83 -19.34
CA GLY B 756 -26.44 21.22 -19.61
C GLY B 756 -25.76 22.03 -18.52
N ALA B 757 -26.43 22.26 -17.40
CA ALA B 757 -25.90 22.99 -16.26
C ALA B 757 -25.40 21.99 -15.22
N LEU B 758 -24.69 22.52 -14.22
CA LEU B 758 -24.13 21.69 -13.16
C LEU B 758 -25.11 21.52 -12.00
N GLN B 759 -25.35 20.26 -11.62
CA GLN B 759 -26.35 19.91 -10.63
C GLN B 759 -25.95 20.37 -9.24
N ARG B 760 -26.96 20.79 -8.47
CA ARG B 760 -26.74 21.16 -7.07
C ARG B 760 -26.13 20.00 -6.30
N TRP B 761 -25.31 20.31 -5.31
CA TRP B 761 -24.63 19.27 -4.52
C TRP B 761 -25.41 18.95 -3.25
N HIS B 762 -25.30 19.79 -2.24
CA HIS B 762 -25.96 19.55 -0.97
C HIS B 762 -26.65 20.83 -0.50
N SER B 763 -27.77 20.65 0.18
CA SER B 763 -28.43 21.76 0.85
C SER B 763 -27.58 22.26 2.02
N ARG B 764 -27.98 23.39 2.57
CA ARG B 764 -27.27 23.96 3.72
C ARG B 764 -27.36 23.03 4.93
N GLU B 765 -28.49 22.33 5.09
CA GLU B 765 -28.65 21.43 6.23
C GLU B 765 -27.72 20.23 6.15
N GLU B 766 -27.53 19.68 4.94
CA GLU B 766 -26.71 18.49 4.78
C GLU B 766 -25.23 18.78 4.98
N VAL B 767 -24.80 20.03 4.81
CA VAL B 767 -23.40 20.38 5.07
C VAL B 767 -23.15 20.55 6.56
N LEU B 768 -23.96 21.40 7.21
CA LEU B 768 -23.71 21.72 8.61
C LEU B 768 -24.00 20.55 9.53
N LEU B 769 -24.87 19.63 9.12
CA LEU B 769 -25.05 18.41 9.89
C LEU B 769 -23.78 17.56 9.85
N ALA B 770 -23.17 17.43 8.67
CA ALA B 770 -21.90 16.71 8.58
C ALA B 770 -20.81 17.41 9.39
N ALA B 771 -20.82 18.74 9.44
CA ALA B 771 -19.84 19.44 10.24
C ALA B 771 -20.03 19.23 11.74
N GLU B 772 -21.24 18.86 12.18
CA GLU B 772 -21.49 18.66 13.61
C GLU B 772 -21.15 17.25 14.07
N ILE B 773 -21.35 16.24 13.22
CA ILE B 773 -20.85 14.90 13.51
C ILE B 773 -19.39 14.73 13.10
N CYS B 774 -18.77 15.81 12.63
CA CYS B 774 -17.41 15.75 12.12
C CYS B 774 -16.41 15.33 13.19
N GLU B 775 -16.58 15.84 14.41
CA GLU B 775 -15.67 15.50 15.50
C GLU B 775 -15.75 14.02 15.83
N SER B 776 -16.97 13.49 15.98
CA SER B 776 -17.13 12.09 16.33
C SER B 776 -16.67 11.18 15.20
N TYR B 777 -16.84 11.63 13.95
CA TYR B 777 -16.32 10.87 12.82
C TYR B 777 -14.80 10.75 12.91
N ALA B 778 -14.10 11.86 13.15
CA ALA B 778 -12.65 11.82 13.28
C ALA B 778 -12.23 11.00 14.50
N ALA B 779 -13.00 11.05 15.58
CA ALA B 779 -12.72 10.22 16.74
C ALA B 779 -12.83 8.73 16.39
N MET B 780 -13.81 8.38 15.55
CA MET B 780 -13.98 6.98 15.16
C MET B 780 -12.84 6.53 14.25
N MET B 781 -12.59 7.27 13.17
CA MET B 781 -11.61 6.83 12.19
C MET B 781 -10.19 6.78 12.77
N LEU B 782 -9.86 7.66 13.70
CA LEU B 782 -8.51 7.73 14.25
C LEU B 782 -8.42 7.22 15.69
N ASN B 783 -9.41 6.45 16.13
CA ASN B 783 -9.36 5.79 17.43
C ASN B 783 -9.10 6.79 18.56
N ASN B 784 -9.88 7.86 18.55
CA ASN B 784 -9.79 8.94 19.54
C ASN B 784 -8.42 9.61 19.56
N LYS B 785 -7.59 9.38 18.53
CA LYS B 785 -6.27 10.00 18.44
C LYS B 785 -6.24 11.11 17.41
N HIS B 786 -7.40 11.73 17.17
CA HIS B 786 -7.55 12.86 16.26
C HIS B 786 -7.17 14.16 16.99
N SER B 787 -7.33 15.30 16.31
CA SER B 787 -7.04 16.61 16.90
C SER B 787 -8.31 17.44 17.03
N PRO B 788 -8.88 17.60 18.23
CA PRO B 788 -10.04 18.48 18.38
C PRO B 788 -9.78 19.91 17.94
N ASP B 789 -8.55 20.40 18.06
CA ASP B 789 -8.22 21.74 17.58
C ASP B 789 -8.43 21.86 16.08
N ILE B 790 -7.97 20.87 15.31
CA ILE B 790 -8.10 20.93 13.86
C ILE B 790 -9.57 20.83 13.45
N ILE B 791 -10.32 19.96 14.12
CA ILE B 791 -11.75 19.86 13.82
C ILE B 791 -12.44 21.17 14.15
N GLY B 792 -12.04 21.80 15.26
CA GLY B 792 -12.73 23.01 15.70
C GLY B 792 -12.43 24.22 14.86
N THR B 793 -11.16 24.38 14.45
CA THR B 793 -10.83 25.52 13.60
C THR B 793 -11.48 25.40 12.22
N LEU B 794 -11.69 24.17 11.73
CA LEU B 794 -12.39 24.00 10.46
C LEU B 794 -13.89 24.17 10.64
N LYS B 795 -14.43 23.66 11.75
CA LYS B 795 -15.84 23.86 12.06
C LYS B 795 -16.17 25.35 12.15
N SER B 796 -15.31 26.14 12.81
CA SER B 796 -15.58 27.56 12.93
C SER B 796 -15.39 28.31 11.62
N ALA B 797 -14.58 27.79 10.69
CA ALA B 797 -14.47 28.44 9.39
C ALA B 797 -15.66 28.13 8.51
N ILE B 798 -16.15 26.88 8.54
CA ILE B 798 -17.35 26.55 7.77
C ILE B 798 -18.55 27.33 8.27
N ASN B 799 -18.70 27.43 9.59
CA ASN B 799 -19.78 28.26 10.13
C ASN B 799 -19.70 29.67 9.56
N LEU B 800 -18.49 30.25 9.51
CA LEU B 800 -18.34 31.60 8.94
C LEU B 800 -18.68 31.63 7.46
N VAL B 801 -18.46 30.53 6.74
CA VAL B 801 -18.78 30.50 5.31
C VAL B 801 -20.28 30.49 5.10
N PHE B 802 -21.00 29.74 5.93
CA PHE B 802 -22.46 29.65 5.87
C PHE B 802 -23.15 30.64 6.78
N LYS B 803 -22.61 31.85 6.93
CA LYS B 803 -23.21 32.86 7.80
C LYS B 803 -24.44 33.47 7.17
N ILE B 804 -25.48 33.65 7.99
CA ILE B 804 -26.68 34.37 7.58
C ILE B 804 -27.00 35.43 8.63
P 5GP C . 15.63 -16.28 -10.89
O1P 5GP C . 15.92 -17.03 -9.60
O2P 5GP C . 14.32 -15.52 -10.90
O3P 5GP C . 16.80 -15.49 -11.44
O5' 5GP C . 15.40 -17.52 -11.89
C5' 5GP C . 15.55 -17.39 -13.29
C4' 5GP C . 14.31 -17.83 -14.00
O4' 5GP C . 14.03 -19.22 -13.69
C3' 5GP C . 13.04 -17.09 -13.59
O3' 5GP C . 12.90 -15.83 -14.21
C2' 5GP C . 11.95 -18.10 -13.92
O2' 5GP C . 11.67 -18.08 -15.31
C1' 5GP C . 12.64 -19.42 -13.58
N9 5GP C . 12.34 -19.82 -12.19
C8 5GP C . 13.18 -19.69 -11.16
N7 5GP C . 12.59 -20.15 -10.03
C5 5GP C . 11.36 -20.56 -10.36
C6 5GP C . 10.32 -21.10 -9.63
O6 5GP C . 10.46 -21.29 -8.41
N1 5GP C . 9.16 -21.42 -10.25
C2 5GP C . 9.02 -21.22 -11.57
N2 5GP C . 7.85 -21.54 -12.17
N3 5GP C . 10.02 -20.68 -12.32
C4 5GP C . 11.19 -20.36 -11.73
P 5GP D . -20.58 14.63 -0.76
O1P 5GP D . -20.17 15.95 -0.16
O2P 5GP D . -21.20 13.64 0.21
O3P 5GP D . -19.60 14.01 -1.72
O5' 5GP D . -21.79 14.98 -1.71
C5' 5GP D . -22.08 14.17 -2.83
C4' 5GP D . -22.53 15.01 -4.00
O4' 5GP D . -21.92 16.32 -3.92
C3' 5GP D . -22.19 14.45 -5.37
O3' 5GP D . -23.21 14.84 -6.29
C2' 5GP D . -20.88 15.17 -5.71
O2' 5GP D . -20.62 15.27 -7.09
C1' 5GP D . -21.10 16.54 -5.06
N9 5GP D . -19.87 17.16 -4.57
C8 5GP D . -19.63 17.46 -3.28
N7 5GP D . -18.41 18.05 -3.18
C5 5GP D . -17.90 18.12 -4.42
C6 5GP D . -16.70 18.61 -4.93
O6 5GP D . -15.85 19.11 -4.17
N1 5GP D . -16.47 18.53 -6.24
C2 5GP D . -17.38 17.99 -7.08
N2 5GP D . -17.13 17.91 -8.40
N3 5GP D . -18.55 17.51 -6.61
C4 5GP D . -18.82 17.57 -5.29
#